data_4NBQ
#
_entry.id   4NBQ
#
_cell.length_a   99.710
_cell.length_b   111.358
_cell.length_c   219.062
_cell.angle_alpha   90.00
_cell.angle_beta   90.00
_cell.angle_gamma   90.00
#
_symmetry.space_group_name_H-M   'P 21 21 21'
#
loop_
_entity.id
_entity.type
_entity.pdbx_description
1 polymer 'Polyribonucleotide nucleotidyltransferase'
2 non-polymer 'SULFATE ION'
3 water water
#
_entity_poly.entity_id   1
_entity_poly.type   'polypeptide(L)'
_entity_poly.pdbx_seq_one_letter_code
;(MSE)HHHHHHHHHHENLYFQSA(MSE)NKIRKTFQYGKHEVTFETGE(MSE)ARQATGAVVVR(MSE)GDTVLLVSVVA
KKEAEEGRDFFPLTVNYQEKTYAAGKIPGGYFKREGRPTEKETLTSRLIDRPLRPLFPKGFTNEVQVIATVLSVDSKVPT
DIPAILGASAAIGLSGIPFNGSLGAARVGYRGGEYLLNPSLDELKDSALDLVVAGTRDAVL(MSE)VESEAQELPESV
(MSE)LGAVLHGHQA(MSE)QVAIQAIAEFIQEAGGAKWEWEPPTVNTALEKWVVEKSEAPLKKAYQIQEKTARQAQIQA
IRDQLLADRAAEREGEENAVNEHELAVIFHELERRIVREQILTGQPRIDGRDTKTVRPITVKVGVLPRSHGSALFTRGET
QALVVTTLGTERDAQSIDDLDGDRQEEFIFHYNFPPFCVGEVGF(MSE)SGPKRREIGHGRLAKRAVVPVVPTLDKFPYV
IRVVSEILESNGSSS(MSE)ASVCGSSLAL(MSE)DAGVPTKAPVAGIA(MSE)GLIKENDKYAVLSDILGDEDHLGD
(MSE)DFKVAGTSNGVTALQ(MSE)DIKIEGITKEI(MSE)EQALDQAKEGRLHILSI(MSE)NKVLDKPRSQVSDLAPQ
YVT(MSE)KINPEKIRDVIGKGGVVIREITEATNCAIDISDDGTIKIAAHTTEEGEAAKRRIEELTAEVELGKVYEGTVV
KITDFGAFVQILPNTQGLVHISQIAQERVENVRDYLEEGQVIRVKVIEIDRQGRVRLS(MSE)KQID
;
_entity_poly.pdbx_strand_id   A,B,C
#
loop_
_chem_comp.id
_chem_comp.type
_chem_comp.name
_chem_comp.formula
SO4 non-polymer 'SULFATE ION' 'O4 S -2'
#
# COMPACT_ATOMS: atom_id res chain seq x y z
N ALA A 19 -5.90 26.82 -30.18
CA ALA A 19 -4.84 27.50 -30.92
C ALA A 19 -3.55 27.49 -30.09
N MSE A 20 -2.42 27.24 -30.75
CA MSE A 20 -1.16 27.06 -30.03
C MSE A 20 -0.09 28.09 -30.43
O MSE A 20 0.39 28.10 -31.55
CB MSE A 20 -0.63 25.64 -30.25
CG MSE A 20 -1.41 24.57 -29.48
SE MSE A 20 -0.87 22.74 -29.96
CE MSE A 20 1.03 22.94 -29.66
N ASN A 21 0.26 28.94 -29.47
CA ASN A 21 1.36 29.87 -29.64
C ASN A 21 2.50 29.42 -28.74
N LYS A 22 3.57 28.92 -29.36
CA LYS A 22 4.66 28.29 -28.62
C LYS A 22 5.86 29.20 -28.57
N ILE A 23 6.20 29.65 -27.37
CA ILE A 23 7.34 30.54 -27.20
C ILE A 23 8.50 29.76 -26.62
N ARG A 24 9.70 30.03 -27.14
CA ARG A 24 10.89 29.33 -26.69
C ARG A 24 11.95 30.29 -26.18
N LYS A 25 12.72 29.85 -25.19
CA LYS A 25 13.88 30.60 -24.72
C LYS A 25 15.06 29.66 -24.58
N THR A 26 16.13 29.97 -25.32
CA THR A 26 17.34 29.16 -25.29
C THR A 26 18.49 29.97 -24.69
N PHE A 27 19.24 29.35 -23.79
CA PHE A 27 20.41 30.01 -23.23
C PHE A 27 21.42 29.01 -22.70
N GLN A 28 22.67 29.45 -22.57
CA GLN A 28 23.74 28.59 -22.09
C GLN A 28 23.89 28.70 -20.58
N TYR A 29 23.84 27.56 -19.89
CA TYR A 29 24.09 27.55 -18.46
C TYR A 29 25.29 26.66 -18.26
N GLY A 30 26.41 27.26 -17.88
CA GLY A 30 27.63 26.50 -17.73
C GLY A 30 27.89 25.72 -19.01
N LYS A 31 28.07 24.40 -18.87
CA LYS A 31 28.34 23.52 -19.99
C LYS A 31 27.10 23.18 -20.81
N HIS A 32 25.93 23.52 -20.31
CA HIS A 32 24.72 22.98 -20.91
C HIS A 32 23.74 24.03 -21.43
N GLU A 33 23.17 23.74 -22.59
CA GLU A 33 22.13 24.57 -23.18
C GLU A 33 20.78 24.30 -22.50
N VAL A 34 20.17 25.37 -21.98
CA VAL A 34 18.85 25.27 -21.38
C VAL A 34 17.82 25.95 -22.27
N THR A 35 16.75 25.23 -22.57
CA THR A 35 15.63 25.84 -23.29
C THR A 35 14.35 25.71 -22.49
N PHE A 36 13.64 26.81 -22.32
CA PHE A 36 12.28 26.76 -21.80
C PHE A 36 11.32 26.82 -22.97
N GLU A 37 10.29 25.99 -22.93
CA GLU A 37 9.19 26.08 -23.90
C GLU A 37 7.90 26.29 -23.15
N THR A 38 6.97 27.00 -23.78
CA THR A 38 5.61 27.14 -23.24
C THR A 38 4.62 27.41 -24.37
N GLY A 39 3.35 27.14 -24.11
CA GLY A 39 2.31 27.37 -25.09
C GLY A 39 2.08 26.18 -26.01
N GLU A 40 2.72 25.05 -25.69
CA GLU A 40 2.49 23.82 -26.43
C GLU A 40 1.82 22.77 -25.57
N MSE A 41 2.49 22.31 -24.51
CA MSE A 41 1.88 21.31 -23.65
C MSE A 41 1.19 21.93 -22.43
O MSE A 41 1.33 23.12 -22.17
CB MSE A 41 2.94 20.31 -23.18
CG MSE A 41 3.47 19.42 -24.29
SE MSE A 41 5.21 18.61 -23.88
CE MSE A 41 4.90 18.07 -22.04
N ALA A 42 0.47 21.10 -21.68
CA ALA A 42 -0.14 21.48 -20.40
C ALA A 42 -0.70 22.90 -20.44
N ARG A 43 -1.67 23.16 -21.30
CA ARG A 43 -2.12 24.52 -21.52
C ARG A 43 -3.27 24.94 -20.61
N GLN A 44 -3.86 24.00 -19.89
CA GLN A 44 -4.93 24.33 -18.97
C GLN A 44 -4.42 24.52 -17.55
N ALA A 45 -3.13 24.32 -17.38
CA ALA A 45 -2.47 24.65 -16.13
C ALA A 45 -2.46 26.17 -15.99
N THR A 46 -2.34 26.66 -14.77
CA THR A 46 -2.25 28.10 -14.56
C THR A 46 -0.96 28.60 -15.19
N GLY A 47 0.00 27.69 -15.31
CA GLY A 47 1.16 27.89 -16.16
C GLY A 47 1.90 26.58 -16.28
N ALA A 48 2.64 26.41 -17.38
CA ALA A 48 3.40 25.20 -17.60
C ALA A 48 4.65 25.46 -18.45
N VAL A 49 5.73 24.77 -18.13
CA VAL A 49 6.96 24.93 -18.89
C VAL A 49 7.60 23.58 -19.13
N VAL A 50 8.14 23.39 -20.33
CA VAL A 50 9.04 22.28 -20.56
C VAL A 50 10.45 22.81 -20.44
N VAL A 51 11.17 22.30 -19.45
CA VAL A 51 12.56 22.66 -19.27
C VAL A 51 13.43 21.58 -19.87
N ARG A 52 14.46 22.00 -20.60
CA ARG A 52 15.46 21.07 -21.08
C ARG A 52 16.84 21.61 -20.71
N MSE A 53 17.62 20.75 -20.08
CA MSE A 53 19.01 21.04 -19.80
C MSE A 53 19.78 19.80 -20.21
O MSE A 53 19.51 18.71 -19.71
CB MSE A 53 19.20 21.32 -18.30
CG MSE A 53 20.57 21.85 -17.96
SE MSE A 53 20.56 22.58 -16.17
CE MSE A 53 22.47 22.90 -15.93
N GLY A 54 20.72 19.96 -21.13
CA GLY A 54 21.32 18.80 -21.77
C GLY A 54 20.17 17.99 -22.33
N ASP A 55 20.18 16.68 -22.09
CA ASP A 55 19.06 15.85 -22.50
C ASP A 55 18.04 15.63 -21.38
N THR A 56 18.31 16.17 -20.19
CA THR A 56 17.33 16.10 -19.11
C THR A 56 16.17 17.02 -19.42
N VAL A 57 14.96 16.49 -19.38
CA VAL A 57 13.78 17.30 -19.69
C VAL A 57 12.71 17.16 -18.64
N LEU A 58 12.11 18.28 -18.27
CA LEU A 58 11.00 18.28 -17.33
C LEU A 58 9.81 19.08 -17.85
N LEU A 59 8.62 18.60 -17.51
CA LEU A 59 7.41 19.38 -17.67
C LEU A 59 6.98 19.85 -16.30
N VAL A 60 7.07 21.15 -16.07
CA VAL A 60 6.73 21.72 -14.77
C VAL A 60 5.49 22.60 -14.91
N SER A 61 4.46 22.27 -14.14
CA SER A 61 3.20 22.99 -14.22
C SER A 61 2.76 23.46 -12.84
N VAL A 62 2.04 24.59 -12.81
CA VAL A 62 1.49 25.09 -11.57
C VAL A 62 0.01 25.38 -11.74
N VAL A 63 -0.79 25.02 -10.73
CA VAL A 63 -2.21 25.30 -10.74
C VAL A 63 -2.59 25.91 -9.41
N ALA A 64 -3.26 27.06 -9.46
CA ALA A 64 -3.70 27.73 -8.24
C ALA A 64 -5.20 27.95 -8.25
N LYS A 65 -5.85 27.58 -7.16
CA LYS A 65 -7.26 27.93 -6.98
C LYS A 65 -7.38 29.45 -7.10
N LYS A 66 -8.46 29.92 -7.71
CA LYS A 66 -8.64 31.36 -7.92
C LYS A 66 -9.16 32.10 -6.68
N GLU A 67 -9.65 31.36 -5.69
CA GLU A 67 -10.10 31.95 -4.44
C GLU A 67 -9.64 31.17 -3.21
N ALA A 68 -9.34 31.90 -2.14
CA ALA A 68 -8.97 31.30 -0.86
C ALA A 68 -10.21 30.73 -0.16
N GLU A 69 -10.01 29.83 0.78
CA GLU A 69 -11.11 29.27 1.54
C GLU A 69 -11.66 30.36 2.47
N GLU A 70 -12.70 30.04 3.24
CA GLU A 70 -13.40 31.07 3.99
C GLU A 70 -12.44 31.85 4.86
N GLY A 71 -11.97 31.24 5.95
CA GLY A 71 -10.76 31.71 6.59
C GLY A 71 -9.59 30.95 6.00
N ARG A 72 -8.42 31.58 5.93
CA ARG A 72 -7.19 30.84 5.71
C ARG A 72 -6.04 31.39 6.54
N ASP A 73 -5.47 30.53 7.37
CA ASP A 73 -4.40 30.91 8.28
C ASP A 73 -3.01 30.60 7.74
N PHE A 74 -2.96 29.96 6.57
CA PHE A 74 -1.69 29.51 6.03
C PHE A 74 -1.71 29.38 4.51
N PHE A 75 -0.57 29.00 3.95
CA PHE A 75 -0.42 28.93 2.51
C PHE A 75 -0.26 27.49 2.03
N PRO A 76 -1.30 26.96 1.39
CA PRO A 76 -1.31 25.57 0.90
C PRO A 76 -0.47 25.42 -0.35
N LEU A 77 0.84 25.31 -0.17
CA LEU A 77 1.74 25.01 -1.27
C LEU A 77 2.08 23.53 -1.29
N THR A 78 1.98 22.92 -2.46
CA THR A 78 2.29 21.51 -2.62
C THR A 78 3.13 21.28 -3.87
N VAL A 79 4.33 20.73 -3.69
CA VAL A 79 5.18 20.37 -4.83
C VAL A 79 5.19 18.87 -5.04
N ASN A 80 4.91 18.43 -6.26
CA ASN A 80 5.05 17.04 -6.63
C ASN A 80 6.15 16.87 -7.68
N TYR A 81 7.25 16.26 -7.26
CA TYR A 81 8.32 15.88 -8.18
C TYR A 81 8.29 14.37 -8.36
N GLN A 82 8.19 13.94 -9.60
CA GLN A 82 8.08 12.52 -9.90
C GLN A 82 9.04 12.14 -11.03
N GLU A 83 9.57 10.92 -10.96
CA GLU A 83 10.47 10.44 -11.99
C GLU A 83 9.85 9.30 -12.76
N LYS A 84 9.67 9.49 -14.06
CA LYS A 84 9.21 8.42 -14.93
C LYS A 84 10.42 7.58 -15.30
N THR A 85 10.29 6.26 -15.23
CA THR A 85 11.42 5.41 -15.58
C THR A 85 11.58 5.34 -17.10
N TYR A 86 10.60 5.84 -17.83
CA TYR A 86 10.75 5.90 -19.28
C TYR A 86 11.72 6.99 -19.67
N ALA A 87 11.93 7.94 -18.77
CA ALA A 87 12.92 8.98 -18.96
C ALA A 87 14.30 8.37 -19.11
N ALA A 88 14.53 7.24 -18.44
CA ALA A 88 15.81 6.56 -18.49
C ALA A 88 15.81 5.44 -19.53
N GLY A 89 14.70 5.29 -20.24
CA GLY A 89 14.58 4.22 -21.21
C GLY A 89 14.52 2.87 -20.55
N LYS A 90 13.98 2.85 -19.33
CA LYS A 90 13.82 1.62 -18.58
C LYS A 90 12.34 1.32 -18.34
N ILE A 91 12.03 0.03 -18.20
CA ILE A 91 10.70 -0.40 -17.81
C ILE A 91 10.73 -0.74 -16.32
N PRO A 92 9.82 -0.11 -15.54
CA PRO A 92 9.96 -0.09 -14.08
C PRO A 92 10.12 -1.46 -13.45
N GLY A 93 10.92 -1.54 -12.40
CA GLY A 93 11.23 -2.79 -11.73
C GLY A 93 10.14 -3.30 -10.80
N GLY A 94 9.36 -2.38 -10.24
CA GLY A 94 8.25 -2.75 -9.38
C GLY A 94 7.42 -3.79 -10.10
N TYR A 95 7.11 -4.88 -9.42
CA TYR A 95 6.56 -6.07 -10.07
C TYR A 95 5.13 -5.96 -10.61
N PHE A 96 4.42 -4.90 -10.24
CA PHE A 96 3.15 -4.53 -10.84
C PHE A 96 3.50 -3.48 -11.89
N LYS A 97 4.81 -3.22 -11.99
CA LYS A 97 5.47 -2.43 -13.05
C LYS A 97 4.91 -1.08 -13.29
N ARG A 98 4.77 -0.31 -12.23
CA ARG A 98 4.39 1.07 -12.35
C ARG A 98 5.20 1.88 -11.36
N GLU A 99 5.47 3.13 -11.73
CA GLU A 99 6.18 4.05 -10.86
C GLU A 99 5.30 4.50 -9.70
N ARG A 101 4.70 4.96 -5.57
CA ARG A 101 4.93 5.06 -4.13
C ARG A 101 6.02 6.04 -3.91
N PRO A 102 5.68 7.33 -3.92
CA PRO A 102 6.75 8.29 -4.20
C PRO A 102 7.98 7.97 -3.36
N THR A 103 9.11 7.91 -4.04
CA THR A 103 10.33 7.40 -3.45
C THR A 103 10.95 8.44 -2.54
N GLU A 104 12.05 8.06 -1.89
CA GLU A 104 12.77 9.00 -1.07
C GLU A 104 13.14 10.18 -1.94
N LYS A 105 13.82 9.88 -3.04
CA LYS A 105 14.29 10.93 -3.94
C LYS A 105 13.16 11.82 -4.43
N GLU A 106 12.07 11.20 -4.87
CA GLU A 106 10.93 11.97 -5.37
C GLU A 106 10.39 12.90 -4.28
N THR A 107 10.26 12.35 -3.07
CA THR A 107 9.84 13.14 -1.92
C THR A 107 10.87 14.23 -1.63
N LEU A 108 12.12 13.82 -1.44
CA LEU A 108 13.20 14.74 -1.08
C LEU A 108 13.30 15.90 -2.06
N THR A 109 13.34 15.58 -3.35
CA THR A 109 13.43 16.61 -4.39
C THR A 109 12.18 17.50 -4.39
N SER A 110 11.03 16.91 -4.11
CA SER A 110 9.82 17.71 -3.95
C SER A 110 10.06 18.75 -2.86
N ARG A 111 10.57 18.30 -1.72
CA ARG A 111 10.85 19.18 -0.61
C ARG A 111 11.91 20.22 -0.96
N LEU A 112 12.85 19.85 -1.82
CA LEU A 112 13.90 20.77 -2.23
C LEU A 112 13.31 21.88 -3.10
N ILE A 113 12.38 21.53 -3.97
CA ILE A 113 11.74 22.50 -4.84
C ILE A 113 10.80 23.38 -4.03
N ASP A 114 10.09 22.79 -3.09
CA ASP A 114 9.15 23.53 -2.24
C ASP A 114 9.84 24.68 -1.53
N ARG A 115 10.90 24.38 -0.79
CA ARG A 115 11.48 25.32 0.15
C ARG A 115 11.70 26.75 -0.38
N PRO A 116 12.46 26.92 -1.48
CA PRO A 116 12.72 28.27 -2.01
C PRO A 116 11.50 28.95 -2.60
N LEU A 117 10.45 28.20 -2.92
CA LEU A 117 9.23 28.78 -3.47
C LEU A 117 8.45 29.55 -2.42
N ARG A 118 8.34 28.97 -1.22
CA ARG A 118 7.49 29.54 -0.18
C ARG A 118 7.72 31.03 0.09
N PRO A 119 8.96 31.42 0.40
CA PRO A 119 9.17 32.84 0.76
C PRO A 119 8.80 33.79 -0.37
N LEU A 120 8.79 33.28 -1.60
CA LEU A 120 8.53 34.14 -2.76
C LEU A 120 7.06 34.48 -2.94
N PHE A 121 6.18 33.63 -2.41
CA PHE A 121 4.75 33.93 -2.43
C PHE A 121 4.46 35.04 -1.42
N PRO A 122 3.78 36.10 -1.88
CA PRO A 122 3.54 37.30 -1.08
C PRO A 122 2.86 36.99 0.26
N LYS A 123 3.14 37.83 1.25
CA LYS A 123 2.50 37.68 2.56
C LYS A 123 1.00 37.74 2.41
N GLY A 124 0.32 36.74 2.95
CA GLY A 124 -1.12 36.72 2.94
C GLY A 124 -1.75 36.14 1.71
N PHE A 125 -0.96 35.51 0.84
CA PHE A 125 -1.58 34.87 -0.31
C PHE A 125 -1.86 33.44 0.09
N THR A 126 -3.13 33.15 0.28
CA THR A 126 -3.57 31.87 0.79
C THR A 126 -4.10 30.86 -0.24
N ASN A 127 -4.11 31.25 -1.52
CA ASN A 127 -4.66 30.36 -2.55
C ASN A 127 -3.89 29.05 -2.68
N GLU A 128 -4.61 27.93 -2.66
CA GLU A 128 -4.00 26.63 -2.84
C GLU A 128 -3.22 26.62 -4.15
N VAL A 129 -1.98 26.14 -4.10
CA VAL A 129 -1.13 26.08 -5.27
C VAL A 129 -0.43 24.74 -5.38
N GLN A 130 -0.59 24.08 -6.51
CA GLN A 130 0.10 22.82 -6.72
C GLN A 130 1.12 22.91 -7.83
N VAL A 131 2.36 22.55 -7.52
CA VAL A 131 3.43 22.50 -8.51
C VAL A 131 3.82 21.05 -8.77
N ILE A 132 3.67 20.61 -10.00
CA ILE A 132 4.08 19.26 -10.39
C ILE A 132 5.26 19.32 -11.34
N ALA A 133 6.35 18.66 -10.96
CA ALA A 133 7.51 18.52 -11.83
C ALA A 133 7.69 17.06 -12.21
N THR A 134 7.61 16.78 -13.51
CA THR A 134 7.76 15.42 -13.99
C THR A 134 9.00 15.32 -14.88
N VAL A 135 9.80 14.27 -14.69
CA VAL A 135 11.02 14.10 -15.48
C VAL A 135 10.71 13.24 -16.70
N LEU A 136 10.73 13.86 -17.87
CA LEU A 136 10.40 13.17 -19.11
C LEU A 136 11.55 12.38 -19.73
N SER A 137 12.76 12.95 -19.71
CA SER A 137 13.95 12.22 -20.11
C SER A 137 15.11 12.64 -19.21
N VAL A 138 16.06 11.74 -19.01
CA VAL A 138 17.16 12.02 -18.09
C VAL A 138 18.53 11.83 -18.72
N ASP A 139 19.39 12.83 -18.53
CA ASP A 139 20.75 12.83 -19.03
C ASP A 139 21.69 12.69 -17.82
N SER A 140 22.64 11.77 -17.91
CA SER A 140 23.53 11.50 -16.78
C SER A 140 24.43 12.70 -16.47
N LYS A 141 24.63 13.56 -17.47
CA LYS A 141 25.42 14.77 -17.29
C LYS A 141 24.68 15.83 -16.50
N VAL A 142 23.34 15.75 -16.49
CA VAL A 142 22.52 16.81 -15.92
C VAL A 142 21.50 16.32 -14.90
N PRO A 143 21.88 16.29 -13.62
CA PRO A 143 20.96 15.94 -12.52
C PRO A 143 19.69 16.75 -12.62
N THR A 144 18.55 16.14 -12.29
CA THR A 144 17.24 16.70 -12.56
C THR A 144 16.83 17.89 -11.68
N ASP A 145 17.22 17.88 -10.42
CA ASP A 145 16.71 18.90 -9.50
C ASP A 145 16.94 20.33 -9.97
N ILE A 146 18.13 20.63 -10.48
CA ILE A 146 18.40 22.00 -10.94
C ILE A 146 17.42 22.45 -12.03
N PRO A 147 17.36 21.73 -13.15
CA PRO A 147 16.35 22.15 -14.12
C PRO A 147 14.92 22.16 -13.54
N ALA A 148 14.66 21.30 -12.57
CA ALA A 148 13.34 21.23 -11.93
C ALA A 148 12.99 22.54 -11.22
N ILE A 149 13.96 23.09 -10.49
CA ILE A 149 13.77 24.36 -9.80
C ILE A 149 13.58 25.48 -10.81
N LEU A 150 14.40 25.49 -11.85
CA LEU A 150 14.29 26.51 -12.89
C LEU A 150 12.91 26.45 -13.53
N GLY A 151 12.45 25.24 -13.84
CA GLY A 151 11.14 25.06 -14.43
C GLY A 151 10.03 25.61 -13.56
N ALA A 152 10.10 25.25 -12.28
CA ALA A 152 9.16 25.77 -11.31
C ALA A 152 9.20 27.30 -11.35
N SER A 153 10.40 27.86 -11.39
CA SER A 153 10.54 29.31 -11.48
C SER A 153 9.77 29.87 -12.67
N ALA A 154 9.89 29.18 -13.80
CA ALA A 154 9.31 29.64 -15.05
C ALA A 154 7.79 29.47 -15.10
N ALA A 155 7.31 28.30 -14.68
CA ALA A 155 5.88 28.02 -14.73
C ALA A 155 5.13 29.00 -13.85
N ILE A 156 5.62 29.15 -12.63
CA ILE A 156 5.03 30.09 -11.68
C ILE A 156 5.01 31.52 -12.22
N GLY A 157 6.16 31.97 -12.75
CA GLY A 157 6.23 33.28 -13.39
C GLY A 157 5.21 33.40 -14.50
N LEU A 158 5.19 32.42 -15.39
CA LEU A 158 4.23 32.37 -16.48
C LEU A 158 2.79 32.44 -15.95
N SER A 159 2.53 31.74 -14.86
CA SER A 159 1.17 31.61 -14.35
C SER A 159 0.46 32.96 -14.15
N GLY A 160 1.22 33.97 -13.77
CA GLY A 160 0.62 35.25 -13.40
C GLY A 160 0.24 35.28 -11.94
N ILE A 161 0.33 34.11 -11.29
CA ILE A 161 0.11 33.99 -9.86
C ILE A 161 0.98 34.99 -9.12
N PRO A 162 0.48 35.58 -8.03
CA PRO A 162 1.33 36.56 -7.37
C PRO A 162 2.63 35.92 -6.92
N PHE A 163 3.76 36.52 -7.31
CA PHE A 163 5.06 35.95 -6.99
C PHE A 163 6.10 37.06 -6.89
N ASN A 164 7.03 36.92 -5.95
CA ASN A 164 8.09 37.91 -5.76
C ASN A 164 9.33 37.59 -6.59
N GLY A 165 9.24 36.57 -7.42
CA GLY A 165 10.43 35.93 -7.98
C GLY A 165 11.08 36.80 -9.03
N SER A 166 11.91 36.20 -9.88
CA SER A 166 11.98 34.75 -10.05
C SER A 166 13.32 34.15 -9.61
N LEU A 167 13.32 32.88 -9.25
CA LEU A 167 14.52 32.26 -8.68
C LEU A 167 15.22 31.30 -9.61
N GLY A 168 16.54 31.24 -9.48
CA GLY A 168 17.32 30.22 -10.13
C GLY A 168 17.82 29.23 -9.10
N ALA A 169 18.74 28.37 -9.53
CA ALA A 169 19.41 27.47 -8.62
C ALA A 169 20.71 27.01 -9.27
N ALA A 170 21.64 26.52 -8.46
CA ALA A 170 22.85 25.93 -8.98
C ALA A 170 23.35 24.88 -8.01
N ARG A 171 23.98 23.84 -8.54
CA ARG A 171 24.76 22.94 -7.71
C ARG A 171 26.22 23.35 -7.81
N VAL A 172 26.92 23.32 -6.68
CA VAL A 172 28.32 23.72 -6.65
C VAL A 172 29.14 22.62 -6.00
N GLY A 173 30.19 22.19 -6.72
CA GLY A 173 31.13 21.21 -6.20
C GLY A 173 32.41 21.89 -5.79
N TYR A 174 33.29 21.15 -5.12
CA TYR A 174 34.61 21.65 -4.78
C TYR A 174 35.64 20.57 -5.07
N ARG A 175 36.54 20.85 -6.02
CA ARG A 175 37.64 19.93 -6.33
C ARG A 175 38.89 20.70 -6.72
N GLY A 176 40.04 20.29 -6.19
CA GLY A 176 41.28 20.95 -6.49
C GLY A 176 41.33 22.35 -5.95
N GLY A 177 40.47 22.62 -4.97
CA GLY A 177 40.39 23.95 -4.37
C GLY A 177 39.58 24.95 -5.18
N GLU A 178 38.84 24.46 -6.17
CA GLU A 178 38.06 25.34 -7.04
C GLU A 178 36.63 24.83 -7.17
N TYR A 179 35.70 25.74 -7.48
CA TYR A 179 34.28 25.42 -7.51
C TYR A 179 33.83 24.80 -8.81
N LEU A 180 32.92 23.83 -8.69
CA LEU A 180 32.35 23.15 -9.84
C LEU A 180 30.89 23.57 -10.01
N LEU A 181 30.53 23.97 -11.22
CA LEU A 181 29.14 24.36 -11.50
C LEU A 181 28.31 23.22 -12.08
N ASN A 182 27.16 22.96 -11.46
CA ASN A 182 26.22 21.94 -11.89
C ASN A 182 26.87 20.63 -12.37
N PRO A 183 27.68 20.02 -11.49
CA PRO A 183 28.35 18.76 -11.83
C PRO A 183 27.37 17.61 -11.85
N SER A 184 27.74 16.53 -12.54
CA SER A 184 26.90 15.34 -12.54
C SER A 184 27.29 14.49 -11.35
N LEU A 185 26.61 13.36 -11.17
CA LEU A 185 26.93 12.44 -10.10
C LEU A 185 28.35 11.92 -10.31
N ASP A 186 28.64 11.57 -11.55
CA ASP A 186 29.95 11.07 -11.93
C ASP A 186 31.00 12.04 -11.43
N GLU A 187 30.74 13.34 -11.60
CA GLU A 187 31.70 14.38 -11.27
C GLU A 187 31.76 14.66 -9.76
N LEU A 188 30.65 14.42 -9.07
CA LEU A 188 30.61 14.60 -7.63
C LEU A 188 31.42 13.51 -6.92
N LYS A 189 31.64 12.39 -7.62
CA LYS A 189 32.42 11.30 -7.06
C LYS A 189 33.82 11.80 -6.73
N ASP A 190 34.29 12.79 -7.49
CA ASP A 190 35.56 13.44 -7.19
C ASP A 190 35.41 14.75 -6.41
N SER A 191 34.19 15.11 -6.05
CA SER A 191 33.96 16.37 -5.36
C SER A 191 33.91 16.21 -3.84
N ALA A 192 34.44 17.19 -3.14
CA ALA A 192 34.42 17.21 -1.68
C ALA A 192 33.22 17.98 -1.17
N LEU A 193 32.39 18.43 -2.11
CA LEU A 193 31.22 19.23 -1.79
C LEU A 193 30.06 18.88 -2.71
N ASP A 194 28.86 18.77 -2.15
CA ASP A 194 27.64 18.72 -2.95
C ASP A 194 26.72 19.76 -2.34
N LEU A 195 26.45 20.84 -3.07
CA LEU A 195 25.69 21.94 -2.51
C LEU A 195 24.71 22.51 -3.51
N VAL A 196 23.43 22.54 -3.14
CA VAL A 196 22.43 23.19 -3.97
C VAL A 196 22.02 24.51 -3.33
N VAL A 197 22.04 25.56 -4.14
CA VAL A 197 21.67 26.89 -3.69
C VAL A 197 20.63 27.47 -4.63
N ALA A 198 19.58 28.03 -4.06
CA ALA A 198 18.51 28.65 -4.83
C ALA A 198 18.34 30.08 -4.36
N GLY A 199 18.18 30.98 -5.31
CA GLY A 199 18.04 32.38 -4.95
C GLY A 199 17.34 33.18 -6.01
N THR A 200 16.97 34.40 -5.63
CA THR A 200 16.46 35.37 -6.58
C THR A 200 17.65 36.18 -7.08
N ARG A 201 17.40 37.14 -7.96
CA ARG A 201 18.47 38.02 -8.44
C ARG A 201 19.26 38.58 -7.26
N ASP A 202 18.56 39.13 -6.28
CA ASP A 202 19.20 39.77 -5.13
C ASP A 202 19.43 38.91 -3.89
N ALA A 203 18.87 37.71 -3.83
CA ALA A 203 18.91 37.01 -2.55
C ALA A 203 19.06 35.49 -2.67
N VAL A 204 19.87 34.95 -1.77
CA VAL A 204 19.94 33.52 -1.57
C VAL A 204 18.73 33.12 -0.72
N LEU A 205 17.93 32.20 -1.24
CA LEU A 205 16.74 31.75 -0.53
C LEU A 205 17.00 30.49 0.30
N MSE A 206 17.39 29.39 -0.35
CA MSE A 206 17.74 28.18 0.40
C MSE A 206 19.09 27.55 0.00
O MSE A 206 19.52 27.64 -1.15
CB MSE A 206 16.61 27.14 0.31
CG MSE A 206 16.59 26.34 -0.98
SE MSE A 206 17.77 24.79 -0.95
CE MSE A 206 17.33 24.06 -2.71
N VAL A 207 19.74 26.91 0.98
CA VAL A 207 20.95 26.10 0.75
C VAL A 207 20.78 24.67 1.29
N GLU A 208 21.23 23.69 0.53
CA GLU A 208 21.24 22.30 1.01
C GLU A 208 22.56 21.66 0.61
N SER A 209 23.32 21.17 1.57
CA SER A 209 24.64 20.64 1.23
C SER A 209 25.26 19.57 2.14
N GLU A 210 26.16 18.80 1.54
CA GLU A 210 27.01 17.85 2.24
C GLU A 210 28.42 18.19 1.80
N ALA A 211 29.40 17.94 2.66
CA ALA A 211 30.79 18.25 2.32
C ALA A 211 31.73 17.40 3.16
N GLN A 212 32.98 17.25 2.72
CA GLN A 212 33.89 16.49 3.55
C GLN A 212 34.73 17.51 4.29
N GLU A 213 34.38 17.69 5.56
CA GLU A 213 35.15 18.51 6.49
C GLU A 213 35.69 19.81 5.90
N LEU A 214 34.88 20.48 5.08
CA LEU A 214 35.28 21.74 4.48
C LEU A 214 35.05 22.91 5.43
N PRO A 215 35.95 23.91 5.42
CA PRO A 215 35.85 25.08 6.30
C PRO A 215 34.73 26.03 5.88
N GLU A 216 34.22 26.80 6.84
CA GLU A 216 33.03 27.63 6.60
C GLU A 216 33.17 28.57 5.39
N SER A 217 34.35 29.12 5.19
CA SER A 217 34.55 30.06 4.09
C SER A 217 34.40 29.38 2.74
N VAL A 218 34.81 28.12 2.63
CA VAL A 218 34.63 27.37 1.39
C VAL A 218 33.15 27.04 1.18
N MSE A 219 32.45 26.76 2.27
CA MSE A 219 31.00 26.57 2.21
C MSE A 219 30.32 27.86 1.75
O MSE A 219 29.53 27.86 0.80
CB MSE A 219 30.43 26.17 3.57
CG MSE A 219 31.03 24.90 4.16
SE MSE A 219 30.79 23.35 3.00
CE MSE A 219 28.85 23.45 2.78
N LEU A 220 30.63 28.95 2.43
CA LEU A 220 30.06 30.24 2.11
C LEU A 220 30.46 30.66 0.69
N GLY A 221 31.71 30.38 0.34
CA GLY A 221 32.19 30.69 -0.99
C GLY A 221 31.37 30.00 -2.05
N ALA A 222 31.01 28.75 -1.78
CA ALA A 222 30.20 27.97 -2.71
C ALA A 222 28.80 28.56 -2.89
N VAL A 223 28.15 28.92 -1.78
CA VAL A 223 26.83 29.54 -1.84
C VAL A 223 26.88 30.77 -2.74
N LEU A 224 27.88 31.61 -2.53
CA LEU A 224 28.05 32.81 -3.33
C LEU A 224 28.44 32.50 -4.76
N HIS A 225 29.25 31.46 -4.96
CA HIS A 225 29.62 31.07 -6.33
C HIS A 225 28.39 30.62 -7.11
N GLY A 226 27.55 29.82 -6.46
CA GLY A 226 26.30 29.40 -7.07
C GLY A 226 25.39 30.58 -7.31
N HIS A 227 25.29 31.46 -6.32
CA HIS A 227 24.38 32.59 -6.42
C HIS A 227 24.75 33.52 -7.56
N GLN A 228 26.05 33.73 -7.76
CA GLN A 228 26.53 34.55 -8.87
C GLN A 228 26.36 33.81 -10.18
N ALA A 229 26.59 32.50 -10.14
CA ALA A 229 26.55 31.68 -11.35
C ALA A 229 25.16 31.50 -11.91
N MSE A 230 24.14 31.58 -11.06
CA MSE A 230 22.77 31.30 -11.47
C MSE A 230 22.11 32.49 -12.16
O MSE A 230 21.07 32.33 -12.81
CB MSE A 230 21.94 30.85 -10.28
CG MSE A 230 21.53 32.01 -9.37
SE MSE A 230 20.40 31.43 -7.89
CE MSE A 230 21.63 30.15 -7.08
N GLN A 231 22.68 33.67 -12.00
CA GLN A 231 22.06 34.89 -12.50
C GLN A 231 21.61 34.75 -13.95
N VAL A 232 22.45 34.10 -14.75
CA VAL A 232 22.18 33.95 -16.17
C VAL A 232 20.86 33.22 -16.41
N ALA A 233 20.59 32.24 -15.57
CA ALA A 233 19.34 31.48 -15.64
C ALA A 233 18.14 32.31 -15.17
N ILE A 234 18.33 33.05 -14.09
CA ILE A 234 17.30 33.96 -13.60
C ILE A 234 16.94 35.00 -14.66
N GLN A 235 17.94 35.53 -15.34
CA GLN A 235 17.72 36.53 -16.36
C GLN A 235 16.96 35.92 -17.52
N ALA A 236 17.37 34.71 -17.89
CA ALA A 236 16.74 33.98 -18.99
C ALA A 236 15.27 33.79 -18.70
N ILE A 237 14.98 33.31 -17.48
CA ILE A 237 13.60 33.12 -17.05
C ILE A 237 12.82 34.43 -17.02
N ALA A 238 13.42 35.45 -16.45
CA ALA A 238 12.77 36.75 -16.30
C ALA A 238 12.30 37.32 -17.64
N GLU A 239 13.12 37.22 -18.67
CA GLU A 239 12.72 37.73 -19.98
C GLU A 239 11.78 36.77 -20.71
N PHE A 240 11.96 35.48 -20.46
CA PHE A 240 11.05 34.46 -20.95
C PHE A 240 9.64 34.81 -20.46
N ILE A 241 9.52 34.99 -19.17
CA ILE A 241 8.26 35.40 -18.54
C ILE A 241 7.71 36.68 -19.16
N GLN A 242 8.59 37.66 -19.34
CA GLN A 242 8.20 38.93 -19.92
C GLN A 242 7.49 38.68 -21.24
N GLU A 243 8.16 37.94 -22.12
CA GLU A 243 7.59 37.55 -23.41
C GLU A 243 6.32 36.72 -23.31
N ALA A 244 6.46 35.49 -22.82
CA ALA A 244 5.42 34.48 -22.97
C ALA A 244 4.41 34.40 -21.82
N GLY A 245 4.63 35.20 -20.79
CA GLY A 245 3.79 35.13 -19.60
C GLY A 245 2.33 35.41 -19.90
N GLY A 246 1.46 35.04 -18.97
CA GLY A 246 0.05 35.36 -19.07
C GLY A 246 -0.26 36.55 -18.18
N ALA A 247 -1.46 37.11 -18.31
CA ALA A 247 -1.81 38.29 -17.53
C ALA A 247 -1.53 38.01 -16.06
N LYS A 248 -0.81 38.91 -15.40
CA LYS A 248 -0.51 38.75 -13.99
C LYS A 248 -1.80 38.89 -13.19
N TRP A 249 -1.95 38.04 -12.17
CA TRP A 249 -3.15 38.10 -11.33
C TRP A 249 -3.29 39.45 -10.67
N GLU A 250 -4.53 39.91 -10.56
CA GLU A 250 -4.79 41.16 -9.87
C GLU A 250 -5.10 40.77 -8.45
N TRP A 251 -4.19 41.11 -7.55
CA TRP A 251 -4.29 40.65 -6.17
C TRP A 251 -3.71 41.68 -5.23
N GLU A 252 -4.32 41.80 -4.05
CA GLU A 252 -3.83 42.72 -3.04
C GLU A 252 -3.84 42.11 -1.65
N PRO A 253 -2.82 42.43 -0.84
CA PRO A 253 -2.80 41.98 0.55
C PRO A 253 -3.86 42.74 1.33
N PRO A 254 -4.46 42.11 2.34
CA PRO A 254 -5.59 42.71 3.07
C PRO A 254 -5.25 44.12 3.54
N THR A 255 -6.25 44.98 3.53
CA THR A 255 -6.06 46.36 3.98
C THR A 255 -5.79 46.40 5.50
N VAL A 256 -5.20 47.51 5.93
CA VAL A 256 -4.55 47.66 7.24
C VAL A 256 -5.43 48.21 8.38
N ASN A 257 -5.97 49.41 8.21
CA ASN A 257 -6.39 50.29 9.31
C ASN A 257 -5.22 50.75 10.18
N THR A 258 -4.39 51.61 9.59
CA THR A 258 -3.24 52.24 10.22
C THR A 258 -3.61 52.80 11.57
N ALA A 259 -4.74 53.48 11.63
CA ALA A 259 -5.21 54.11 12.86
C ALA A 259 -5.39 53.05 13.95
N LEU A 260 -6.05 51.95 13.60
CA LEU A 260 -6.30 50.89 14.56
C LEU A 260 -4.98 50.30 15.05
N GLU A 261 -4.05 50.09 14.11
CA GLU A 261 -2.78 49.47 14.42
C GLU A 261 -1.97 50.36 15.36
N LYS A 262 -1.91 51.64 15.06
CA LYS A 262 -1.20 52.57 15.92
C LYS A 262 -1.81 52.53 17.31
N TRP A 263 -3.12 52.30 17.37
CA TRP A 263 -3.84 52.28 18.64
C TRP A 263 -3.59 51.01 19.44
N VAL A 264 -3.64 49.85 18.78
CA VAL A 264 -3.31 48.61 19.45
C VAL A 264 -1.89 48.67 19.99
N VAL A 265 -0.99 49.26 19.22
CA VAL A 265 0.39 49.40 19.65
C VAL A 265 0.52 50.25 20.91
N GLU A 266 -0.04 51.45 20.87
CA GLU A 266 -0.02 52.32 22.04
C GLU A 266 -0.63 51.63 23.26
N LYS A 267 -1.70 50.88 23.04
CA LYS A 267 -2.39 50.18 24.11
C LYS A 267 -1.66 48.97 24.69
N SER A 268 -1.28 48.03 23.83
CA SER A 268 -0.80 46.72 24.29
C SER A 268 0.71 46.57 24.47
N GLU A 269 1.49 47.54 24.02
CA GLU A 269 2.93 47.33 23.88
C GLU A 269 3.68 47.23 25.21
N ALA A 270 3.45 48.18 26.11
CA ALA A 270 4.13 48.17 27.39
C ALA A 270 3.79 46.92 28.20
N PRO A 271 2.48 46.62 28.36
CA PRO A 271 2.11 45.38 29.03
C PRO A 271 2.69 44.13 28.37
N LEU A 272 2.64 44.05 27.04
CA LEU A 272 3.16 42.89 26.33
C LEU A 272 4.65 42.68 26.60
N LYS A 273 5.41 43.78 26.65
CA LYS A 273 6.83 43.70 26.95
C LYS A 273 7.06 43.08 28.32
N LYS A 274 6.15 43.35 29.24
CA LYS A 274 6.26 42.80 30.59
C LYS A 274 5.85 41.32 30.64
N ALA A 275 4.84 40.97 29.84
CA ALA A 275 4.41 39.58 29.76
C ALA A 275 5.55 38.68 29.29
N TYR A 276 6.24 39.10 28.25
CA TYR A 276 7.30 38.29 27.65
C TYR A 276 8.52 38.21 28.56
N GLN A 277 8.44 38.92 29.69
CA GLN A 277 9.42 38.78 30.75
C GLN A 277 9.09 37.61 31.68
N ILE A 278 8.03 36.88 31.37
CA ILE A 278 7.68 35.68 32.13
C ILE A 278 8.11 34.41 31.39
N GLN A 279 9.06 33.68 31.97
CA GLN A 279 9.63 32.49 31.32
C GLN A 279 8.74 31.26 31.43
N GLU A 280 7.75 31.33 32.33
CA GLU A 280 6.90 30.18 32.60
C GLU A 280 5.66 30.24 31.71
N LYS A 281 5.57 29.32 30.75
CA LYS A 281 4.61 29.43 29.66
C LYS A 281 3.16 29.66 30.08
N THR A 282 2.57 28.66 30.73
CA THR A 282 1.18 28.74 31.13
C THR A 282 0.92 30.06 31.83
N ALA A 283 1.86 30.47 32.68
CA ALA A 283 1.74 31.72 33.42
C ALA A 283 1.79 32.90 32.47
N ARG A 284 2.62 32.80 31.43
CA ARG A 284 2.81 33.88 30.48
C ARG A 284 1.64 33.98 29.52
N GLN A 285 1.24 32.86 28.96
CA GLN A 285 0.14 32.86 28.00
C GLN A 285 -1.13 33.38 28.66
N ALA A 286 -1.19 33.24 29.98
CA ALA A 286 -2.28 33.79 30.76
C ALA A 286 -2.35 35.31 30.58
N GLN A 287 -1.24 35.97 30.89
CA GLN A 287 -1.14 37.41 30.79
C GLN A 287 -1.49 37.92 29.40
N ILE A 288 -0.84 37.39 28.37
CA ILE A 288 -1.14 37.79 27.01
C ILE A 288 -2.65 37.72 26.73
N GLN A 289 -3.29 36.67 27.23
CA GLN A 289 -4.72 36.57 27.08
C GLN A 289 -5.41 37.73 27.81
N ALA A 290 -4.92 38.05 29.01
CA ALA A 290 -5.46 39.19 29.75
C ALA A 290 -5.31 40.48 28.94
N ILE A 291 -4.08 40.76 28.52
CA ILE A 291 -3.79 41.93 27.71
C ILE A 291 -4.70 41.98 26.47
N ARG A 292 -4.87 40.83 25.83
N ARG A 292 -4.88 40.82 25.85
CA ARG A 292 -5.78 40.75 24.68
CA ARG A 292 -5.74 40.66 24.70
C ARG A 292 -7.20 41.09 25.09
C ARG A 292 -7.20 40.99 25.04
N ASP A 293 -7.69 40.41 26.14
CA ASP A 293 -9.05 40.64 26.58
C ASP A 293 -9.27 42.09 27.00
N GLN A 294 -8.25 42.72 27.55
CA GLN A 294 -8.34 44.12 27.95
C GLN A 294 -8.40 45.00 26.72
N LEU A 295 -7.46 44.74 25.80
CA LEU A 295 -7.45 45.41 24.51
C LEU A 295 -8.83 45.30 23.88
N LEU A 296 -9.40 44.10 23.97
CA LEU A 296 -10.71 43.85 23.36
C LEU A 296 -11.80 44.67 24.03
N ALA A 297 -11.66 44.90 25.33
CA ALA A 297 -12.62 45.71 26.05
C ALA A 297 -12.47 47.16 25.63
N ASP A 298 -11.23 47.66 25.69
CA ASP A 298 -10.94 49.06 25.39
C ASP A 298 -11.47 49.51 24.04
N ARG A 299 -11.22 48.71 23.00
CA ARG A 299 -11.76 48.98 21.68
C ARG A 299 -13.28 49.05 21.75
N ALA A 300 -13.86 48.05 22.40
CA ALA A 300 -15.32 47.92 22.50
C ALA A 300 -16.00 49.15 23.06
N ALA A 301 -15.35 49.80 24.01
CA ALA A 301 -15.87 51.02 24.62
C ALA A 301 -15.67 52.22 23.70
N GLU A 302 -14.56 52.20 22.96
CA GLU A 302 -14.22 53.28 22.05
C GLU A 302 -15.33 53.39 21.00
N ARG A 303 -16.18 52.37 20.95
CA ARG A 303 -17.30 52.33 20.03
C ARG A 303 -18.65 52.20 20.75
N GLU A 304 -18.87 51.13 21.49
CA GLU A 304 -20.13 50.99 22.21
C GLU A 304 -21.31 51.07 21.25
N GLY A 305 -22.10 52.13 21.36
CA GLY A 305 -23.35 52.22 20.62
C GLY A 305 -23.26 51.95 19.12
N GLU A 306 -22.07 52.09 18.54
CA GLU A 306 -21.87 51.63 17.16
C GLU A 306 -22.07 50.12 17.13
N GLU A 307 -22.42 49.55 15.99
CA GLU A 307 -22.86 48.15 16.00
C GLU A 307 -21.75 47.13 15.73
N ASN A 308 -21.41 46.39 16.78
CA ASN A 308 -20.47 45.27 16.71
C ASN A 308 -19.22 45.66 15.93
N ALA A 309 -18.84 46.92 16.04
CA ALA A 309 -17.70 47.47 15.32
C ALA A 309 -16.39 46.84 15.81
N VAL A 310 -16.51 46.05 16.86
CA VAL A 310 -15.39 45.28 17.37
C VAL A 310 -15.46 43.90 16.73
N ASN A 311 -14.51 43.62 15.84
CA ASN A 311 -14.44 42.34 15.14
C ASN A 311 -13.77 41.24 15.96
N GLU A 312 -12.73 41.62 16.69
CA GLU A 312 -11.95 40.68 17.51
C GLU A 312 -10.99 39.85 16.67
N HIS A 313 -11.17 39.86 15.35
CA HIS A 313 -10.26 39.14 14.45
C HIS A 313 -9.13 40.05 13.98
N GLU A 314 -9.48 41.10 13.25
CA GLU A 314 -8.50 42.06 12.78
C GLU A 314 -7.66 42.52 13.96
N LEU A 315 -8.27 42.52 15.14
CA LEU A 315 -7.57 42.85 16.37
C LEU A 315 -6.56 41.76 16.66
N ALA A 316 -7.00 40.51 16.53
CA ALA A 316 -6.13 39.37 16.79
C ALA A 316 -4.88 39.43 15.91
N VAL A 317 -5.10 39.56 14.61
CA VAL A 317 -4.01 39.71 13.65
C VAL A 317 -3.03 40.80 14.07
N ILE A 318 -3.51 42.04 14.13
CA ILE A 318 -2.69 43.15 14.59
C ILE A 318 -1.97 42.79 15.89
N PHE A 319 -2.69 42.11 16.78
CA PHE A 319 -2.14 41.76 18.08
C PHE A 319 -1.05 40.71 17.95
N HIS A 320 -1.29 39.68 17.16
CA HIS A 320 -0.31 38.63 16.92
C HIS A 320 0.97 39.23 16.37
N GLU A 321 0.82 40.10 15.38
CA GLU A 321 1.97 40.68 14.71
C GLU A 321 2.76 41.63 15.63
N LEU A 322 2.07 42.24 16.58
CA LEU A 322 2.72 43.14 17.54
C LEU A 322 3.61 42.35 18.49
N GLU A 323 3.14 41.20 18.95
CA GLU A 323 3.96 40.40 19.85
C GLU A 323 5.18 39.77 19.18
N ARG A 324 5.11 39.56 17.86
CA ARG A 324 6.29 39.11 17.14
C ARG A 324 7.27 40.28 17.04
N ARG A 325 6.76 41.46 16.73
CA ARG A 325 7.62 42.63 16.72
C ARG A 325 8.30 42.76 18.08
N ILE A 326 7.50 42.83 19.13
CA ILE A 326 8.02 43.05 20.47
C ILE A 326 9.08 42.03 20.88
N VAL A 327 8.77 40.74 20.74
CA VAL A 327 9.74 39.69 21.07
C VAL A 327 11.02 39.88 20.25
N ARG A 328 10.86 40.09 18.95
CA ARG A 328 11.99 40.35 18.07
C ARG A 328 12.82 41.52 18.59
N GLU A 329 12.14 42.59 18.99
CA GLU A 329 12.79 43.80 19.48
C GLU A 329 13.59 43.54 20.74
N GLN A 330 13.01 42.76 21.65
CA GLN A 330 13.66 42.50 22.92
C GLN A 330 14.99 41.79 22.74
N ILE A 331 14.97 40.70 21.97
CA ILE A 331 16.19 39.97 21.66
C ILE A 331 17.21 40.88 20.97
N LEU A 332 16.76 41.61 19.96
CA LEU A 332 17.61 42.56 19.26
C LEU A 332 18.23 43.62 20.18
N THR A 333 17.54 43.95 21.26
CA THR A 333 18.07 44.93 22.23
C THR A 333 18.79 44.29 23.42
N GLY A 334 18.95 42.97 23.38
CA GLY A 334 19.75 42.29 24.38
C GLY A 334 18.98 41.48 25.40
N GLN A 335 17.66 41.62 25.38
CA GLN A 335 16.81 40.89 26.32
C GLN A 335 17.02 39.40 26.16
N PRO A 336 16.80 38.63 27.23
CA PRO A 336 16.96 37.19 27.07
C PRO A 336 15.82 36.57 26.27
N ARG A 337 16.11 35.42 25.66
CA ARG A 337 15.15 34.66 24.90
C ARG A 337 14.08 34.09 25.81
N ILE A 338 12.96 33.67 25.23
CA ILE A 338 11.78 33.28 25.99
C ILE A 338 12.10 32.33 27.15
N ASP A 339 13.10 31.47 26.97
CA ASP A 339 13.50 30.55 28.04
C ASP A 339 14.65 31.07 28.89
N GLY A 340 15.12 32.28 28.60
CA GLY A 340 16.10 32.94 29.43
C GLY A 340 17.54 32.88 28.91
N ARG A 341 17.78 32.04 27.92
CA ARG A 341 19.10 31.96 27.32
C ARG A 341 19.36 33.25 26.56
N ASP A 342 20.62 33.64 26.46
CA ASP A 342 20.97 34.71 25.55
C ASP A 342 21.16 34.08 24.19
N THR A 343 21.55 34.87 23.20
CA THR A 343 21.61 34.41 21.82
C THR A 343 22.64 33.30 21.60
N LYS A 344 23.78 33.37 22.28
CA LYS A 344 24.88 32.45 22.01
C LYS A 344 24.89 31.12 22.78
N THR A 345 24.05 30.99 23.81
CA THR A 345 24.17 29.79 24.66
C THR A 345 23.38 28.60 24.14
N VAL A 346 24.00 27.42 24.23
CA VAL A 346 23.36 26.17 23.85
C VAL A 346 22.72 25.53 25.07
N ARG A 347 21.57 24.89 24.87
CA ARG A 347 20.85 24.23 25.96
C ARG A 347 21.64 23.07 26.56
N PRO A 348 21.28 22.67 27.78
CA PRO A 348 21.94 21.56 28.48
C PRO A 348 21.99 20.32 27.61
N ILE A 349 23.13 19.64 27.60
CA ILE A 349 23.29 18.41 26.84
C ILE A 349 23.62 17.25 27.78
N THR A 350 23.01 16.09 27.52
CA THR A 350 23.40 14.87 28.22
C THR A 350 23.54 13.73 27.21
N VAL A 351 24.69 13.07 27.24
CA VAL A 351 25.01 12.00 26.31
C VAL A 351 25.08 10.66 27.05
N LYS A 352 24.59 9.61 26.42
CA LYS A 352 24.72 8.25 26.95
C LYS A 352 24.93 7.25 25.82
N VAL A 353 25.77 6.24 26.06
CA VAL A 353 25.99 5.19 25.07
C VAL A 353 25.68 3.81 25.64
N GLY A 354 25.51 2.84 24.76
CA GLY A 354 25.20 1.48 25.17
C GLY A 354 23.96 1.41 26.04
N VAL A 355 22.91 2.06 25.59
CA VAL A 355 21.66 2.12 26.35
C VAL A 355 20.81 0.85 26.22
N LEU A 356 20.91 0.18 25.08
CA LEU A 356 20.14 -1.04 24.79
C LEU A 356 20.98 -2.32 24.78
N PRO A 357 20.57 -3.33 25.56
CA PRO A 357 21.37 -4.55 25.70
C PRO A 357 21.66 -5.23 24.36
N ARG A 358 20.65 -5.38 23.51
CA ARG A 358 20.80 -6.20 22.31
C ARG A 358 21.14 -5.43 21.03
N SER A 359 21.32 -4.11 21.13
CA SER A 359 21.74 -3.31 20.00
C SER A 359 23.25 -3.47 19.75
N HIS A 360 23.71 -3.22 18.52
CA HIS A 360 25.13 -3.29 18.20
C HIS A 360 25.86 -2.03 18.63
N GLY A 361 25.11 -0.96 18.78
CA GLY A 361 25.59 0.27 19.38
C GLY A 361 24.38 1.15 19.59
N SER A 362 24.46 2.05 20.56
CA SER A 362 23.32 2.92 20.83
C SER A 362 23.76 4.17 21.56
N ALA A 363 22.93 5.21 21.45
CA ALA A 363 23.15 6.44 22.17
C ALA A 363 21.84 7.14 22.44
N LEU A 364 21.78 7.83 23.57
CA LEU A 364 20.67 8.72 23.86
C LEU A 364 21.25 10.11 23.94
N PHE A 365 20.87 10.96 22.99
CA PHE A 365 21.35 12.34 22.96
C PHE A 365 20.24 13.32 23.30
N THR A 366 20.46 14.11 24.34
CA THR A 366 19.44 15.05 24.79
C THR A 366 20.02 16.43 24.89
N ARG A 367 19.40 17.38 24.19
CA ARG A 367 19.79 18.77 24.25
C ARG A 367 18.54 19.56 24.58
N GLY A 368 18.50 20.14 25.78
CA GLY A 368 17.26 20.74 26.24
C GLY A 368 16.15 19.73 26.17
N GLU A 369 15.09 20.08 25.45
CA GLU A 369 13.96 19.18 25.21
C GLU A 369 13.99 18.42 23.88
N THR A 370 15.06 18.58 23.10
CA THR A 370 15.25 17.72 21.94
C THR A 370 16.03 16.48 22.35
N GLN A 371 15.52 15.30 22.00
CA GLN A 371 16.12 14.05 22.44
C GLN A 371 16.11 12.99 21.35
N ALA A 372 17.23 12.30 21.20
CA ALA A 372 17.36 11.27 20.17
C ALA A 372 17.92 9.96 20.72
N LEU A 373 17.16 8.89 20.56
CA LEU A 373 17.66 7.55 20.79
C LEU A 373 18.14 7.01 19.45
N VAL A 374 19.45 6.85 19.31
CA VAL A 374 20.02 6.41 18.06
C VAL A 374 20.58 5.02 18.22
N VAL A 375 20.25 4.12 17.30
CA VAL A 375 20.72 2.74 17.38
C VAL A 375 21.45 2.33 16.10
N THR A 376 22.55 1.60 16.28
CA THR A 376 23.34 1.13 15.15
C THR A 376 23.21 -0.37 14.95
N THR A 377 23.03 -0.80 13.70
CA THR A 377 23.00 -2.21 13.39
C THR A 377 24.06 -2.53 12.36
N LEU A 378 24.97 -3.44 12.72
CA LEU A 378 25.96 -3.95 11.80
C LEU A 378 25.40 -5.13 11.04
N GLY A 379 25.79 -5.24 9.78
CA GLY A 379 25.21 -6.23 8.90
C GLY A 379 26.20 -6.67 7.85
N THR A 380 25.72 -7.51 6.95
CA THR A 380 26.55 -8.23 6.01
C THR A 380 26.15 -7.81 4.60
N GLU A 381 27.00 -8.06 3.62
CA GLU A 381 26.73 -7.62 2.25
C GLU A 381 25.30 -7.99 1.86
N ARG A 382 24.81 -9.11 2.39
CA ARG A 382 23.43 -9.53 2.18
C ARG A 382 22.43 -8.45 2.57
N ASP A 383 22.83 -7.57 3.48
CA ASP A 383 21.92 -6.57 4.04
C ASP A 383 21.88 -5.23 3.28
N ALA A 384 22.76 -5.07 2.30
CA ALA A 384 22.78 -3.84 1.51
C ALA A 384 21.39 -3.60 0.91
N GLN A 385 20.95 -2.34 0.93
CA GLN A 385 19.65 -1.98 0.36
C GLN A 385 19.81 -1.48 -1.06
N SER A 386 19.30 -2.25 -2.02
CA SER A 386 19.42 -1.91 -3.43
C SER A 386 18.56 -0.71 -3.78
N ILE A 387 18.97 0.03 -4.81
CA ILE A 387 18.21 1.17 -5.30
C ILE A 387 18.20 1.19 -6.82
N ASP A 388 17.02 1.34 -7.40
CA ASP A 388 16.90 1.42 -8.86
C ASP A 388 16.12 2.68 -9.24
N ASP A 389 16.80 3.60 -9.91
CA ASP A 389 16.19 4.84 -10.35
C ASP A 389 17.05 5.47 -11.44
N LEU A 390 16.72 6.70 -11.84
CA LEU A 390 17.58 7.43 -12.77
C LEU A 390 18.95 7.49 -12.12
N ASP A 391 19.97 7.05 -12.85
CA ASP A 391 21.28 6.70 -12.29
C ASP A 391 21.21 5.50 -11.31
N GLY A 392 20.48 4.46 -11.70
CA GLY A 392 20.19 3.34 -10.82
C GLY A 392 21.18 2.19 -10.80
N ASP A 393 20.66 1.01 -10.45
CA ASP A 393 21.46 -0.20 -10.15
C ASP A 393 22.48 0.02 -9.04
N ARG A 394 22.09 0.81 -8.05
CA ARG A 394 22.97 1.18 -6.95
C ARG A 394 22.71 0.36 -5.70
N GLN A 395 23.77 0.08 -4.95
CA GLN A 395 23.66 -0.54 -3.63
C GLN A 395 24.10 0.47 -2.57
N GLU A 396 23.41 0.48 -1.43
CA GLU A 396 23.79 1.36 -0.32
C GLU A 396 24.24 0.51 0.86
N GLU A 397 25.49 0.68 1.28
CA GLU A 397 25.98 -0.04 2.46
C GLU A 397 25.77 0.75 3.74
N PHE A 398 25.40 2.02 3.58
CA PHE A 398 25.09 2.88 4.72
C PHE A 398 23.61 3.27 4.70
N ILE A 399 22.86 2.73 5.65
CA ILE A 399 21.41 2.95 5.69
C ILE A 399 21.06 3.81 6.90
N PHE A 400 20.53 5.00 6.64
CA PHE A 400 20.25 5.94 7.73
C PHE A 400 18.77 6.26 7.78
N HIS A 401 18.06 5.78 8.79
CA HIS A 401 16.64 6.09 8.89
C HIS A 401 16.36 7.10 9.99
N TYR A 402 15.12 7.55 10.06
CA TYR A 402 14.74 8.63 10.97
C TYR A 402 13.25 8.48 11.34
N ASN A 403 12.90 8.77 12.58
CA ASN A 403 11.52 8.60 13.05
C ASN A 403 11.08 9.72 13.97
N PHE A 404 9.89 10.25 13.70
CA PHE A 404 9.39 11.41 14.41
C PHE A 404 7.98 11.14 14.90
N PRO A 405 7.85 10.35 15.97
CA PRO A 405 6.56 9.90 16.53
C PRO A 405 5.80 11.03 17.23
N PRO A 406 4.46 10.97 17.17
CA PRO A 406 3.61 12.04 17.70
C PRO A 406 4.00 12.42 19.13
N PHE A 407 4.37 11.43 19.93
CA PHE A 407 4.64 11.66 21.34
C PHE A 407 5.83 12.58 21.60
N CYS A 408 6.76 12.64 20.66
CA CYS A 408 7.93 13.49 20.81
C CYS A 408 7.55 14.96 20.96
N VAL A 409 6.51 15.36 20.23
CA VAL A 409 5.98 16.72 20.34
C VAL A 409 4.79 16.75 21.31
N GLY A 410 4.49 15.61 21.93
CA GLY A 410 3.49 15.55 22.97
C GLY A 410 2.06 15.54 22.47
N GLU A 411 1.85 15.00 21.28
CA GLU A 411 0.51 14.90 20.72
C GLU A 411 0.20 13.50 20.21
N VAL A 412 -1.02 13.32 19.71
CA VAL A 412 -1.47 12.05 19.18
C VAL A 412 -1.50 12.12 17.66
N GLY A 413 -0.87 11.14 17.02
CA GLY A 413 -0.85 11.11 15.57
C GLY A 413 -0.73 9.70 15.04
N PHE A 414 -1.12 9.51 13.78
CA PHE A 414 -1.07 8.19 13.15
C PHE A 414 0.35 7.74 12.89
N MSE A 415 0.53 6.42 12.82
CA MSE A 415 1.77 5.84 12.35
C MSE A 415 1.48 5.12 11.04
O MSE A 415 0.81 4.08 11.04
CB MSE A 415 2.31 4.86 13.41
CG MSE A 415 2.11 5.33 14.84
SE MSE A 415 3.64 6.25 15.64
CE MSE A 415 4.01 7.54 14.22
N SER A 416 1.98 5.65 9.94
CA SER A 416 1.66 5.10 8.63
C SER A 416 2.91 4.72 7.85
N GLY A 417 3.70 5.71 7.51
CA GLY A 417 4.95 5.50 6.80
C GLY A 417 5.86 6.69 7.05
N PRO A 418 7.04 6.70 6.39
CA PRO A 418 7.92 7.86 6.57
C PRO A 418 7.23 9.13 6.07
N LYS A 419 7.23 10.17 6.90
CA LYS A 419 6.59 11.43 6.53
C LYS A 419 7.57 12.25 5.70
N ARG A 420 7.12 13.42 5.23
CA ARG A 420 8.00 14.33 4.51
C ARG A 420 9.20 14.68 5.40
N ARG A 421 8.92 15.32 6.52
CA ARG A 421 9.95 15.75 7.47
C ARG A 421 10.92 14.63 7.77
N GLU A 422 10.39 13.45 8.07
CA GLU A 422 11.22 12.31 8.41
C GLU A 422 12.24 11.99 7.31
N ILE A 423 11.82 12.13 6.06
CA ILE A 423 12.74 11.99 4.94
C ILE A 423 13.70 13.18 4.90
N GLY A 424 13.14 14.39 4.89
CA GLY A 424 13.95 15.60 4.81
C GLY A 424 14.96 15.71 5.93
N HIS A 425 14.48 15.67 7.17
CA HIS A 425 15.35 15.74 8.34
C HIS A 425 16.30 14.55 8.34
N GLY A 426 15.75 13.35 8.19
CA GLY A 426 16.56 12.16 8.16
C GLY A 426 17.70 12.31 7.16
N ARG A 427 17.39 12.79 5.97
CA ARG A 427 18.38 12.93 4.91
C ARG A 427 19.46 13.94 5.27
N LEU A 428 19.05 15.08 5.83
CA LEU A 428 20.02 16.09 6.27
C LEU A 428 21.01 15.49 7.25
N ALA A 429 20.50 14.76 8.22
CA ALA A 429 21.33 14.11 9.21
C ALA A 429 22.28 13.13 8.55
N LYS A 430 21.78 12.38 7.58
CA LYS A 430 22.60 11.39 6.90
C LYS A 430 23.79 12.03 6.20
N ARG A 431 23.56 13.16 5.53
CA ARG A 431 24.65 13.81 4.80
C ARG A 431 25.60 14.53 5.75
N ALA A 432 25.14 14.75 6.97
CA ALA A 432 26.02 15.29 8.01
C ALA A 432 26.99 14.20 8.47
N VAL A 433 26.49 12.99 8.64
CA VAL A 433 27.27 11.85 9.13
C VAL A 433 28.14 11.16 8.07
N VAL A 434 27.63 11.04 6.84
CA VAL A 434 28.28 10.24 5.82
C VAL A 434 29.76 10.52 5.59
N PRO A 435 30.18 11.79 5.65
CA PRO A 435 31.59 12.09 5.43
C PRO A 435 32.56 11.41 6.43
N VAL A 436 32.09 11.11 7.64
CA VAL A 436 32.95 10.44 8.62
C VAL A 436 32.83 8.92 8.61
N VAL A 437 31.87 8.39 7.85
CA VAL A 437 31.63 6.95 7.82
C VAL A 437 32.68 6.19 7.01
N PRO A 438 33.27 5.15 7.62
CA PRO A 438 34.39 4.39 7.05
C PRO A 438 34.08 3.83 5.66
N THR A 439 35.08 3.82 4.79
CA THR A 439 34.92 3.19 3.48
C THR A 439 34.71 1.70 3.66
N LEU A 440 34.08 1.06 2.69
CA LEU A 440 33.72 -0.35 2.83
C LEU A 440 34.94 -1.27 2.82
N ASP A 441 36.01 -0.84 2.18
CA ASP A 441 37.26 -1.58 2.16
C ASP A 441 37.85 -1.64 3.57
N LYS A 442 37.71 -0.54 4.31
CA LYS A 442 38.26 -0.42 5.65
C LYS A 442 37.41 -1.13 6.72
N PHE A 443 36.10 -1.18 6.50
CA PHE A 443 35.17 -1.70 7.50
C PHE A 443 34.09 -2.53 6.82
N PRO A 444 34.39 -3.81 6.53
CA PRO A 444 33.52 -4.65 5.70
C PRO A 444 32.19 -4.97 6.38
N TYR A 445 31.40 -3.95 6.64
CA TYR A 445 30.06 -4.13 7.21
C TYR A 445 29.08 -3.20 6.54
N VAL A 446 27.85 -3.67 6.37
CA VAL A 446 26.74 -2.77 6.05
C VAL A 446 26.25 -2.19 7.36
N ILE A 447 25.98 -0.88 7.37
CA ILE A 447 25.53 -0.21 8.58
C ILE A 447 24.11 0.33 8.42
N ARG A 448 23.29 0.13 9.44
CA ARG A 448 22.01 0.81 9.51
C ARG A 448 21.89 1.56 10.83
N VAL A 449 21.80 2.88 10.73
CA VAL A 449 21.52 3.70 11.88
C VAL A 449 20.05 4.12 11.85
N VAL A 450 19.31 3.81 12.90
CA VAL A 450 17.96 4.30 13.03
C VAL A 450 17.88 5.35 14.12
N SER A 451 17.31 6.50 13.80
CA SER A 451 17.20 7.61 14.74
C SER A 451 15.77 7.72 15.22
N GLU A 452 15.57 7.59 16.53
CA GLU A 452 14.24 7.71 17.12
C GLU A 452 14.18 9.04 17.86
N ILE A 453 13.30 9.93 17.45
CA ILE A 453 13.20 11.22 18.13
C ILE A 453 12.13 11.03 19.19
N LEU A 454 12.57 10.98 20.44
CA LEU A 454 11.69 10.78 21.59
C LEU A 454 11.06 12.07 22.07
N GLU A 455 11.87 13.12 22.06
CA GLU A 455 11.42 14.45 22.45
C GLU A 455 11.91 15.43 21.41
N SER A 456 11.00 16.19 20.80
CA SER A 456 11.45 17.28 19.98
C SER A 456 10.79 18.61 20.32
N ASN A 457 11.56 19.52 20.92
CA ASN A 457 11.40 20.95 20.74
C ASN A 457 12.80 21.52 20.60
N GLY A 458 13.17 21.98 19.42
CA GLY A 458 14.59 22.15 19.15
C GLY A 458 14.83 21.87 17.69
N SER A 459 16.06 21.49 17.35
CA SER A 459 16.26 20.76 16.11
C SER A 459 16.64 19.31 16.39
N SER A 460 15.70 18.40 16.10
CA SER A 460 15.91 16.99 16.32
C SER A 460 16.92 16.42 15.33
N SER A 461 16.87 16.89 14.09
CA SER A 461 17.75 16.36 13.04
C SER A 461 19.21 16.49 13.43
N MSE A 462 19.58 17.62 14.03
CA MSE A 462 20.94 17.77 14.52
C MSE A 462 21.22 16.85 15.72
O MSE A 462 22.36 16.38 15.90
CB MSE A 462 21.25 19.23 14.88
CG MSE A 462 21.25 20.19 13.69
SE MSE A 462 22.43 19.71 12.20
CE MSE A 462 21.14 18.81 11.06
N ALA A 463 20.21 16.58 16.53
CA ALA A 463 20.33 15.61 17.60
C ALA A 463 20.57 14.25 16.98
N SER A 464 19.89 13.99 15.88
CA SER A 464 20.09 12.75 15.13
C SER A 464 21.56 12.63 14.75
N VAL A 465 22.17 13.75 14.37
CA VAL A 465 23.57 13.74 13.98
C VAL A 465 24.47 13.36 15.17
N CYS A 466 24.33 14.10 16.26
CA CYS A 466 25.15 13.87 17.44
C CYS A 466 25.00 12.45 17.96
N GLY A 467 23.76 12.00 18.10
CA GLY A 467 23.51 10.63 18.53
C GLY A 467 24.07 9.59 17.58
N SER A 468 24.00 9.87 16.28
CA SER A 468 24.53 8.96 15.27
C SER A 468 26.04 8.81 15.42
N SER A 469 26.73 9.92 15.65
CA SER A 469 28.17 9.88 15.80
C SER A 469 28.55 9.02 16.99
N LEU A 470 27.75 9.13 18.05
CA LEU A 470 27.97 8.34 19.25
C LEU A 470 27.60 6.87 19.02
N ALA A 471 26.42 6.65 18.47
CA ALA A 471 25.96 5.28 18.20
C ALA A 471 26.98 4.48 17.38
N LEU A 472 27.49 5.08 16.30
CA LEU A 472 28.44 4.39 15.43
C LEU A 472 29.72 4.00 16.16
N MSE A 473 30.29 4.93 16.90
CA MSE A 473 31.50 4.64 17.65
C MSE A 473 31.23 3.58 18.73
O MSE A 473 32.01 2.64 18.89
CB MSE A 473 32.06 5.90 18.30
CG MSE A 473 32.70 6.85 17.32
SE MSE A 473 33.46 8.41 18.20
CE MSE A 473 34.25 9.24 16.63
N ASP A 474 30.14 3.75 19.44
CA ASP A 474 29.74 2.79 20.47
C ASP A 474 29.71 1.39 19.88
N ALA A 475 29.33 1.30 18.61
CA ALA A 475 29.22 0.02 17.93
C ALA A 475 30.56 -0.44 17.36
N GLY A 476 31.58 0.39 17.52
CA GLY A 476 32.90 0.05 17.03
C GLY A 476 33.11 0.34 15.56
N VAL A 477 32.26 1.19 14.98
CA VAL A 477 32.47 1.67 13.63
C VAL A 477 33.60 2.69 13.65
N PRO A 478 34.65 2.47 12.85
CA PRO A 478 35.82 3.35 12.91
C PRO A 478 35.58 4.65 12.15
N THR A 479 34.67 5.47 12.65
CA THR A 479 34.38 6.77 12.07
C THR A 479 35.64 7.61 12.06
N LYS A 480 35.78 8.44 11.02
CA LYS A 480 36.94 9.30 10.85
C LYS A 480 37.11 10.27 12.02
N ALA A 481 36.00 10.65 12.62
CA ALA A 481 36.00 11.59 13.73
C ALA A 481 34.58 11.81 14.21
N PRO A 482 34.41 12.19 15.48
CA PRO A 482 33.07 12.50 15.94
C PRO A 482 32.51 13.71 15.22
N VAL A 483 31.24 13.66 14.87
CA VAL A 483 30.60 14.77 14.19
C VAL A 483 29.43 15.27 15.04
N ALA A 484 29.23 16.58 15.04
CA ALA A 484 28.12 17.20 15.75
C ALA A 484 27.40 18.15 14.82
N GLY A 485 26.22 18.58 15.22
CA GLY A 485 25.49 19.56 14.43
C GLY A 485 24.64 20.43 15.33
N ILE A 486 24.23 21.57 14.79
CA ILE A 486 23.45 22.52 15.55
C ILE A 486 22.53 23.33 14.66
N ALA A 487 21.36 23.68 15.18
CA ALA A 487 20.41 24.45 14.41
C ALA A 487 20.33 25.88 14.91
N MSE A 488 20.21 26.82 13.98
CA MSE A 488 20.36 28.22 14.28
C MSE A 488 19.15 28.98 13.80
O MSE A 488 18.36 28.47 13.01
CB MSE A 488 21.60 28.77 13.59
CG MSE A 488 22.85 27.94 13.77
SE MSE A 488 23.47 27.88 15.62
CE MSE A 488 24.27 29.67 15.73
N GLY A 489 19.01 30.22 14.24
CA GLY A 489 18.04 31.12 13.66
C GLY A 489 18.59 32.52 13.70
N LEU A 490 18.03 33.39 12.89
CA LEU A 490 18.51 34.75 12.77
C LEU A 490 17.34 35.70 12.69
N ILE A 491 17.34 36.69 13.58
CA ILE A 491 16.34 37.74 13.55
C ILE A 491 16.96 38.97 12.88
N LYS A 492 16.27 39.55 11.92
CA LYS A 492 16.75 40.77 11.29
C LYS A 492 15.66 41.82 11.14
N GLU A 493 15.87 42.98 11.76
CA GLU A 493 14.95 44.09 11.64
C GLU A 493 15.74 45.29 11.15
N ASN A 494 15.43 45.74 9.94
CA ASN A 494 16.20 46.78 9.27
C ASN A 494 17.69 46.42 9.20
N ASP A 495 18.55 47.31 9.69
CA ASP A 495 19.99 47.09 9.62
C ASP A 495 20.51 46.24 10.78
N LYS A 496 19.70 46.07 11.81
CA LYS A 496 20.09 45.29 12.98
C LYS A 496 19.75 43.83 12.80
N TYR A 497 20.62 42.96 13.28
CA TYR A 497 20.32 41.53 13.32
C TYR A 497 20.90 40.82 14.54
N ALA A 498 20.31 39.68 14.87
CA ALA A 498 20.80 38.85 15.96
C ALA A 498 20.89 37.42 15.47
N VAL A 499 21.89 36.68 15.94
CA VAL A 499 22.05 35.29 15.57
C VAL A 499 21.73 34.40 16.76
N LEU A 500 20.73 33.54 16.61
CA LEU A 500 20.30 32.67 17.71
C LEU A 500 20.89 31.27 17.62
N SER A 501 21.57 30.85 18.67
CA SER A 501 22.13 29.51 18.75
C SER A 501 21.14 28.51 19.33
N ASP A 502 21.10 27.31 18.73
CA ASP A 502 20.23 26.24 19.20
C ASP A 502 18.83 26.74 19.51
N ILE A 503 18.10 27.14 18.48
CA ILE A 503 16.77 27.72 18.68
C ILE A 503 15.74 26.68 19.08
N LEU A 504 14.72 27.11 19.80
CA LEU A 504 13.60 26.27 20.17
C LEU A 504 12.69 26.13 18.95
N GLY A 505 11.58 25.42 19.11
CA GLY A 505 10.62 25.25 18.04
C GLY A 505 9.87 26.53 17.75
N ASP A 506 9.36 27.17 18.79
CA ASP A 506 8.59 28.38 18.63
C ASP A 506 9.45 29.55 18.14
N GLU A 507 10.76 29.36 18.20
CA GLU A 507 11.70 30.43 17.86
C GLU A 507 11.97 30.59 16.37
N ASP A 508 11.65 29.56 15.58
CA ASP A 508 11.98 29.62 14.15
C ASP A 508 11.02 30.53 13.38
N HIS A 509 9.80 30.69 13.89
CA HIS A 509 8.85 31.63 13.31
C HIS A 509 9.21 33.05 13.75
N LEU A 510 10.00 33.11 14.82
CA LEU A 510 10.46 34.39 15.35
C LEU A 510 11.45 35.04 14.40
N GLY A 511 12.28 34.22 13.76
CA GLY A 511 13.36 34.68 12.92
C GLY A 511 13.07 34.76 11.43
N ASP A 512 13.92 35.49 10.71
CA ASP A 512 13.78 35.64 9.27
C ASP A 512 14.59 34.63 8.44
N MSE A 513 15.48 33.90 9.09
CA MSE A 513 16.19 32.80 8.43
C MSE A 513 16.58 31.74 9.46
O MSE A 513 16.89 32.06 10.60
CB MSE A 513 17.44 33.29 7.70
CG MSE A 513 18.76 33.02 8.44
SE MSE A 513 20.31 32.85 7.25
CE MSE A 513 21.74 33.10 8.55
N ASP A 514 16.57 30.48 9.05
CA ASP A 514 17.07 29.44 9.93
C ASP A 514 18.07 28.58 9.18
N PHE A 515 19.16 28.22 9.85
CA PHE A 515 20.13 27.34 9.23
C PHE A 515 20.58 26.26 10.20
N LYS A 516 21.12 25.19 9.63
CA LYS A 516 21.61 24.08 10.42
C LYS A 516 23.00 23.76 9.91
N VAL A 517 23.94 23.60 10.83
CA VAL A 517 25.32 23.34 10.47
C VAL A 517 25.85 22.16 11.27
N ALA A 518 26.36 21.16 10.55
CA ALA A 518 26.93 19.98 11.18
C ALA A 518 28.36 19.80 10.70
N GLY A 519 29.19 19.20 11.53
CA GLY A 519 30.56 18.91 11.14
C GLY A 519 31.42 18.39 12.26
N THR A 520 32.68 18.17 11.95
CA THR A 520 33.66 17.69 12.91
C THR A 520 34.42 18.87 13.50
N SER A 521 35.44 18.57 14.28
CA SER A 521 36.28 19.62 14.85
C SER A 521 37.01 20.39 13.75
N ASN A 522 37.31 19.71 12.64
CA ASN A 522 38.07 20.32 11.55
C ASN A 522 37.28 20.87 10.35
N GLY A 523 35.96 20.68 10.33
CA GLY A 523 35.20 21.13 9.17
C GLY A 523 33.71 20.87 9.13
N VAL A 524 33.03 21.56 8.22
CA VAL A 524 31.60 21.42 8.02
C VAL A 524 31.27 20.20 7.18
N THR A 525 30.54 19.24 7.73
CA THR A 525 30.02 18.14 6.90
C THR A 525 28.66 18.39 6.24
N ALA A 526 27.88 19.32 6.77
CA ALA A 526 26.62 19.71 6.14
C ALA A 526 26.22 21.13 6.52
N LEU A 527 25.58 21.81 5.59
CA LEU A 527 25.04 23.15 5.85
C LEU A 527 23.69 23.25 5.16
N GLN A 528 22.68 23.66 5.92
CA GLN A 528 21.35 23.85 5.38
C GLN A 528 20.84 25.23 5.74
N MSE A 529 20.28 25.93 4.75
CA MSE A 529 19.78 27.29 4.97
C MSE A 529 18.39 27.48 4.37
O MSE A 529 18.15 27.12 3.24
CB MSE A 529 20.73 28.30 4.34
CG MSE A 529 22.09 28.36 4.95
SE MSE A 529 23.13 29.75 4.07
CE MSE A 529 24.67 29.74 5.26
N ASP A 530 17.50 28.07 5.16
CA ASP A 530 16.23 28.56 4.65
C ASP A 530 16.07 30.01 5.07
N ILE A 531 15.98 30.89 4.08
CA ILE A 531 15.92 32.33 4.32
C ILE A 531 14.55 32.89 3.88
N LYS A 532 13.88 33.59 4.79
CA LYS A 532 12.58 34.19 4.49
C LYS A 532 12.62 35.64 3.98
N ILE A 533 13.79 36.27 4.07
CA ILE A 533 13.86 37.69 3.74
C ILE A 533 14.98 38.04 2.77
N GLU A 534 15.10 39.33 2.50
CA GLU A 534 16.11 39.82 1.56
C GLU A 534 17.11 40.67 2.32
N GLY A 535 18.31 40.77 1.77
CA GLY A 535 19.35 41.54 2.42
C GLY A 535 20.05 40.78 3.52
N ILE A 536 20.12 39.46 3.38
CA ILE A 536 21.01 38.72 4.26
C ILE A 536 22.34 38.59 3.51
N THR A 537 23.31 39.36 4.01
CA THR A 537 24.59 39.55 3.35
C THR A 537 25.62 38.45 3.62
N LYS A 538 26.59 38.34 2.71
CA LYS A 538 27.74 37.47 2.94
C LYS A 538 28.30 37.73 4.34
N GLU A 539 28.38 38.99 4.73
CA GLU A 539 28.85 39.35 6.06
C GLU A 539 28.01 38.70 7.17
N ILE A 540 26.69 38.90 7.13
CA ILE A 540 25.81 38.31 8.13
C ILE A 540 26.00 36.80 8.15
N MSE A 541 26.02 36.18 6.98
CA MSE A 541 26.23 34.75 6.88
C MSE A 541 27.55 34.34 7.51
O MSE A 541 27.59 33.43 8.33
CB MSE A 541 26.18 34.29 5.42
CG MSE A 541 24.78 34.01 4.92
SE MSE A 541 24.74 33.53 3.03
CE MSE A 541 25.11 35.29 2.27
N GLU A 542 28.61 35.03 7.14
CA GLU A 542 29.95 34.77 7.69
C GLU A 542 29.89 34.73 9.22
N GLN A 543 29.27 35.74 9.82
CA GLN A 543 29.16 35.83 11.27
C GLN A 543 28.22 34.78 11.84
N ALA A 544 27.12 34.53 11.16
CA ALA A 544 26.18 33.51 11.59
C ALA A 544 26.86 32.14 11.62
N LEU A 545 27.65 31.84 10.58
CA LEU A 545 28.37 30.57 10.52
C LEU A 545 29.42 30.43 11.62
N ASP A 546 30.04 31.54 12.00
CA ASP A 546 31.02 31.51 13.07
C ASP A 546 30.36 31.13 14.40
N GLN A 547 29.27 31.80 14.75
CA GLN A 547 28.59 31.50 16.00
C GLN A 547 28.12 30.04 16.02
N ALA A 548 27.76 29.53 14.85
CA ALA A 548 27.32 28.14 14.74
C ALA A 548 28.49 27.19 14.95
N LYS A 549 29.68 27.63 14.55
CA LYS A 549 30.88 26.83 14.72
C LYS A 549 31.24 26.73 16.20
N GLU A 550 31.27 27.88 16.86
CA GLU A 550 31.50 27.94 18.30
C GLU A 550 30.50 27.05 19.03
N GLY A 551 29.29 26.96 18.49
CA GLY A 551 28.27 26.08 19.03
C GLY A 551 28.58 24.60 18.86
N ARG A 552 28.86 24.18 17.64
CA ARG A 552 29.07 22.76 17.35
C ARG A 552 30.32 22.20 18.02
N LEU A 553 31.25 23.08 18.37
CA LEU A 553 32.42 22.67 19.13
C LEU A 553 32.04 22.47 20.59
N HIS A 554 31.18 23.35 21.10
CA HIS A 554 30.71 23.23 22.48
C HIS A 554 30.10 21.85 22.67
N ILE A 555 29.25 21.47 21.73
CA ILE A 555 28.54 20.20 21.77
C ILE A 555 29.50 19.02 21.62
N LEU A 556 30.37 19.09 20.62
CA LEU A 556 31.41 18.07 20.42
C LEU A 556 32.19 17.81 21.71
N SER A 557 32.66 18.87 22.34
CA SER A 557 33.40 18.74 23.59
C SER A 557 32.63 17.94 24.62
N ILE A 558 31.34 18.24 24.76
CA ILE A 558 30.51 17.54 25.73
C ILE A 558 30.38 16.06 25.41
N MSE A 559 29.93 15.74 24.19
CA MSE A 559 29.77 14.34 23.82
C MSE A 559 31.09 13.56 23.93
O MSE A 559 31.10 12.39 24.34
CB MSE A 559 29.11 14.17 22.46
CG MSE A 559 29.48 15.20 21.40
SE MSE A 559 28.27 15.09 19.86
CE MSE A 559 28.76 13.32 19.20
N ASN A 560 32.19 14.21 23.59
CA ASN A 560 33.50 13.57 23.67
C ASN A 560 33.84 13.05 25.05
N LYS A 561 33.27 13.67 26.09
CA LYS A 561 33.52 13.22 27.46
C LYS A 561 32.97 11.81 27.73
N VAL A 562 31.86 11.48 27.08
CA VAL A 562 31.31 10.13 27.18
C VAL A 562 32.07 9.18 26.27
N LEU A 563 31.92 9.34 24.95
CA LEU A 563 32.72 8.56 24.01
C LEU A 563 33.35 9.48 22.97
N ASP A 564 34.68 9.63 23.03
CA ASP A 564 35.38 10.46 22.04
C ASP A 564 36.00 9.75 20.82
N LYS A 565 36.06 8.43 20.85
CA LYS A 565 36.66 7.69 19.73
C LYS A 565 36.01 6.31 19.54
N PRO A 566 36.04 5.78 18.30
CA PRO A 566 35.34 4.52 18.06
C PRO A 566 35.84 3.40 18.97
N ARG A 567 35.01 2.39 19.18
CA ARG A 567 35.39 1.30 20.08
C ARG A 567 36.37 0.34 19.41
N SER A 568 37.30 -0.17 20.21
CA SER A 568 38.40 -0.99 19.73
C SER A 568 37.88 -2.16 18.91
N GLN A 569 36.64 -2.55 19.15
CA GLN A 569 36.06 -3.64 18.37
C GLN A 569 34.55 -3.59 18.24
N VAL A 570 34.05 -4.54 17.46
CA VAL A 570 32.65 -4.71 17.13
C VAL A 570 31.91 -5.47 18.23
N SER A 571 30.63 -5.18 18.42
CA SER A 571 29.83 -5.90 19.40
C SER A 571 29.83 -7.39 19.12
N ASP A 572 29.97 -8.19 20.18
CA ASP A 572 29.95 -9.64 20.10
C ASP A 572 28.66 -10.10 19.42
N LEU A 573 27.66 -9.22 19.41
CA LEU A 573 26.37 -9.53 18.81
C LEU A 573 26.34 -9.28 17.31
N ALA A 574 27.40 -8.68 16.79
CA ALA A 574 27.47 -8.33 15.36
C ALA A 574 27.98 -9.48 14.49
N PRO A 575 27.72 -9.40 13.18
CA PRO A 575 28.23 -10.38 12.21
C PRO A 575 29.73 -10.60 12.33
N GLN A 576 30.18 -11.84 12.12
CA GLN A 576 31.60 -12.16 12.16
C GLN A 576 32.04 -12.86 10.88
N TYR A 577 33.34 -12.83 10.63
CA TYR A 577 33.91 -13.59 9.53
C TYR A 577 34.31 -14.99 10.01
N VAL A 578 33.96 -15.99 9.23
CA VAL A 578 34.42 -17.35 9.48
C VAL A 578 35.43 -17.70 8.39
N THR A 579 36.56 -18.27 8.79
CA THR A 579 37.67 -18.50 7.87
C THR A 579 38.04 -19.98 7.76
N MSE A 580 38.10 -20.47 6.52
CA MSE A 580 38.52 -21.84 6.27
C MSE A 580 39.55 -21.89 5.15
O MSE A 580 39.64 -20.95 4.35
CB MSE A 580 37.33 -22.73 5.91
CG MSE A 580 36.57 -22.29 4.67
SE MSE A 580 34.97 -23.36 4.36
CE MSE A 580 35.81 -25.10 4.08
N LYS A 581 40.33 -22.96 5.12
CA LYS A 581 41.33 -23.18 4.07
C LYS A 581 40.89 -24.33 3.16
N ILE A 582 41.08 -24.16 1.86
CA ILE A 582 40.57 -25.12 0.89
C ILE A 582 41.66 -25.61 -0.07
N ASN A 583 41.28 -26.55 -0.94
CA ASN A 583 42.17 -26.99 -2.01
C ASN A 583 41.93 -26.15 -3.24
N PRO A 584 42.92 -25.32 -3.62
CA PRO A 584 42.81 -24.45 -4.80
C PRO A 584 42.36 -25.21 -6.04
N GLU A 585 42.81 -26.46 -6.19
CA GLU A 585 42.39 -27.28 -7.31
C GLU A 585 40.88 -27.54 -7.25
N LYS A 586 40.33 -27.44 -6.04
CA LYS A 586 38.90 -27.70 -5.82
C LYS A 586 38.05 -26.42 -5.88
N ILE A 587 38.66 -25.29 -6.17
CA ILE A 587 37.91 -24.03 -6.24
C ILE A 587 36.88 -24.04 -7.38
N ARG A 588 37.25 -24.59 -8.53
CA ARG A 588 36.29 -24.75 -9.60
C ARG A 588 35.07 -25.54 -9.13
N ASP A 589 35.30 -26.52 -8.25
CA ASP A 589 34.22 -27.33 -7.68
C ASP A 589 33.26 -26.50 -6.84
N VAL A 590 33.79 -25.63 -5.99
CA VAL A 590 32.98 -24.86 -5.06
C VAL A 590 32.26 -23.70 -5.72
N ILE A 591 32.97 -22.93 -6.54
CA ILE A 591 32.34 -21.88 -7.31
C ILE A 591 31.32 -22.50 -8.25
N GLY A 592 31.70 -23.61 -8.85
CA GLY A 592 30.83 -24.36 -9.74
C GLY A 592 30.97 -23.96 -11.18
N LYS A 593 30.30 -24.68 -12.07
CA LYS A 593 30.34 -24.36 -13.48
C LYS A 593 29.38 -23.19 -13.72
N GLY A 594 29.92 -22.08 -14.21
CA GLY A 594 29.14 -20.88 -14.39
C GLY A 594 29.05 -20.04 -13.13
N GLY A 595 29.40 -20.62 -11.99
CA GLY A 595 29.30 -19.93 -10.72
C GLY A 595 27.94 -20.16 -10.08
N VAL A 596 27.26 -21.21 -10.52
CA VAL A 596 25.94 -21.53 -10.01
C VAL A 596 26.01 -22.16 -8.62
N VAL A 597 27.11 -22.85 -8.35
CA VAL A 597 27.25 -23.57 -7.09
C VAL A 597 27.39 -22.63 -5.89
N ILE A 598 28.32 -21.69 -5.98
CA ILE A 598 28.56 -20.76 -4.88
C ILE A 598 27.34 -19.87 -4.62
N ARG A 599 26.70 -19.42 -5.70
CA ARG A 599 25.46 -18.68 -5.61
C ARG A 599 24.51 -19.41 -4.67
N GLU A 600 24.14 -20.63 -5.06
CA GLU A 600 23.23 -21.46 -4.28
C GLU A 600 23.60 -21.49 -2.80
N ILE A 601 24.89 -21.66 -2.51
CA ILE A 601 25.36 -21.75 -1.14
C ILE A 601 25.00 -20.51 -0.32
N THR A 602 25.19 -19.34 -0.91
CA THR A 602 24.88 -18.09 -0.23
C THR A 602 23.39 -17.96 0.01
N GLU A 603 22.59 -18.08 -1.05
CA GLU A 603 21.14 -17.97 -0.94
C GLU A 603 20.60 -19.04 0.00
N ALA A 604 21.39 -20.08 0.22
CA ALA A 604 21.03 -21.16 1.12
C ALA A 604 21.26 -20.76 2.58
N THR A 605 22.53 -20.52 2.91
CA THR A 605 22.94 -20.23 4.28
C THR A 605 22.81 -18.75 4.63
N ASN A 606 22.50 -17.93 3.64
CA ASN A 606 22.50 -16.48 3.79
C ASN A 606 23.84 -15.95 4.30
N CYS A 607 24.91 -16.33 3.61
CA CYS A 607 26.25 -15.87 3.96
C CYS A 607 26.96 -15.35 2.73
N ALA A 608 27.61 -14.20 2.86
CA ALA A 608 28.49 -13.75 1.80
C ALA A 608 29.70 -14.67 1.82
N ILE A 609 29.98 -15.32 0.70
CA ILE A 609 31.11 -16.22 0.60
C ILE A 609 32.11 -15.63 -0.38
N ASP A 610 33.24 -15.17 0.14
CA ASP A 610 34.26 -14.60 -0.73
C ASP A 610 35.51 -15.45 -0.76
N ILE A 611 35.74 -16.09 -1.91
CA ILE A 611 36.83 -17.01 -2.08
C ILE A 611 38.03 -16.33 -2.73
N SER A 612 39.11 -16.22 -1.96
CA SER A 612 40.37 -15.68 -2.45
C SER A 612 40.92 -16.66 -3.48
N ASP A 613 41.85 -16.20 -4.30
CA ASP A 613 42.44 -17.07 -5.31
C ASP A 613 42.79 -18.41 -4.67
N ASP A 614 43.78 -18.42 -3.79
CA ASP A 614 44.22 -19.66 -3.14
C ASP A 614 44.62 -19.45 -1.69
N GLY A 615 44.19 -20.35 -0.79
CA GLY A 615 43.08 -21.25 -1.05
C GLY A 615 41.90 -20.86 -0.16
N THR A 616 41.98 -19.67 0.42
CA THR A 616 41.10 -19.27 1.51
C THR A 616 39.63 -19.07 1.14
N ILE A 617 38.77 -19.15 2.15
CA ILE A 617 37.38 -18.75 2.03
C ILE A 617 36.99 -17.90 3.23
N LYS A 618 36.51 -16.70 2.97
CA LYS A 618 36.01 -15.83 4.01
C LYS A 618 34.49 -15.85 3.95
N ILE A 619 33.85 -16.21 5.06
CA ILE A 619 32.40 -16.34 5.11
C ILE A 619 31.79 -15.33 6.07
N ALA A 620 30.94 -14.46 5.54
CA ALA A 620 30.27 -13.46 6.36
C ALA A 620 29.04 -14.07 7.01
N ALA A 621 28.99 -14.04 8.34
CA ALA A 621 27.93 -14.73 9.07
C ALA A 621 27.29 -13.86 10.15
N HIS A 622 25.96 -13.79 10.12
CA HIS A 622 25.21 -13.07 11.15
C HIS A 622 25.36 -13.77 12.49
N THR A 623 25.01 -15.05 12.52
CA THR A 623 25.24 -15.90 13.67
C THR A 623 26.40 -16.85 13.37
N THR A 624 26.74 -17.70 14.34
CA THR A 624 27.74 -18.74 14.10
C THR A 624 27.07 -19.88 13.34
N GLU A 625 25.85 -20.19 13.73
CA GLU A 625 25.09 -21.28 13.13
C GLU A 625 25.01 -21.11 11.61
N GLU A 626 24.75 -19.88 11.17
CA GLU A 626 24.74 -19.59 9.74
C GLU A 626 26.13 -19.79 9.15
N GLY A 627 27.15 -19.38 9.90
CA GLY A 627 28.53 -19.50 9.47
C GLY A 627 28.99 -20.94 9.34
N GLU A 628 28.85 -21.71 10.41
CA GLU A 628 29.29 -23.10 10.43
C GLU A 628 28.47 -23.95 9.47
N ALA A 629 27.36 -23.40 9.00
CA ALA A 629 26.56 -24.05 7.97
C ALA A 629 27.20 -23.86 6.61
N ALA A 630 27.69 -22.65 6.37
CA ALA A 630 28.42 -22.35 5.14
C ALA A 630 29.65 -23.24 5.08
N LYS A 631 30.31 -23.40 6.22
CA LYS A 631 31.45 -24.29 6.35
C LYS A 631 31.14 -25.64 5.72
N ARG A 632 30.16 -26.35 6.27
CA ARG A 632 29.78 -27.66 5.77
C ARG A 632 29.57 -27.73 4.26
N ARG A 633 28.58 -26.99 3.77
CA ARG A 633 28.21 -27.08 2.37
C ARG A 633 29.45 -26.96 1.52
N ILE A 634 30.36 -26.08 1.93
CA ILE A 634 31.70 -26.05 1.37
C ILE A 634 32.43 -27.38 1.57
N GLU A 635 32.76 -27.70 2.83
CA GLU A 635 33.59 -28.86 3.14
C GLU A 635 33.11 -30.15 2.48
N GLU A 636 31.84 -30.50 2.70
CA GLU A 636 31.27 -31.71 2.12
C GLU A 636 31.49 -31.74 0.62
N LEU A 637 31.37 -30.58 -0.02
CA LEU A 637 31.52 -30.47 -1.47
C LEU A 637 32.98 -30.64 -1.88
N THR A 638 33.87 -30.68 -0.89
CA THR A 638 35.29 -30.82 -1.16
C THR A 638 35.88 -32.08 -0.51
N ALA A 639 36.00 -32.06 0.82
CA ALA A 639 36.56 -33.18 1.56
C ALA A 639 35.61 -34.38 1.55
N GLU A 648 29.73 -42.82 8.73
CA GLU A 648 28.51 -43.57 8.48
C GLU A 648 28.00 -43.35 7.05
N GLY A 649 26.84 -43.94 6.75
CA GLY A 649 26.05 -43.50 5.62
C GLY A 649 25.22 -44.55 4.91
N THR A 650 24.56 -44.11 3.84
CA THR A 650 23.87 -45.00 2.92
C THR A 650 24.28 -44.66 1.48
N VAL A 652 25.06 -49.78 -2.58
CA VAL A 652 23.77 -49.53 -3.19
C VAL A 652 23.89 -49.39 -4.69
N LYS A 653 23.72 -50.49 -5.42
CA LYS A 653 23.74 -50.44 -6.89
C LYS A 653 25.16 -50.49 -7.44
N PHE A 657 26.03 -57.94 -5.32
CA PHE A 657 26.72 -58.11 -4.04
C PHE A 657 28.11 -57.47 -4.02
N GLY A 658 28.52 -57.01 -2.84
CA GLY A 658 29.52 -55.96 -2.70
C GLY A 658 28.67 -54.78 -2.27
N ALA A 659 29.24 -53.80 -1.60
CA ALA A 659 28.41 -52.81 -0.92
C ALA A 659 28.07 -51.54 -1.69
N PHE A 660 29.07 -50.69 -1.90
CA PHE A 660 28.93 -49.41 -2.62
C PHE A 660 27.71 -48.53 -2.25
N VAL A 661 27.70 -48.08 -1.00
CA VAL A 661 26.60 -47.25 -0.46
C VAL A 661 26.71 -45.76 -0.89
N GLN A 662 27.95 -45.28 -0.93
CA GLN A 662 28.38 -43.99 -1.49
C GLN A 662 28.12 -42.73 -0.66
N ILE A 663 27.19 -42.79 0.28
CA ILE A 663 27.16 -41.81 1.37
C ILE A 663 27.27 -40.35 0.84
N LEU A 664 28.36 -39.68 1.22
CA LEU A 664 28.72 -38.35 0.72
C LEU A 664 28.61 -38.36 -0.78
N PRO A 665 27.99 -37.28 -1.32
CA PRO A 665 27.51 -37.16 -2.72
C PRO A 665 28.53 -37.67 -3.72
N LEU A 670 32.11 -48.78 -0.93
CA LEU A 670 31.98 -50.23 -1.16
C LEU A 670 32.88 -51.12 -0.31
N VAL A 671 32.38 -51.56 0.84
CA VAL A 671 33.05 -52.64 1.56
C VAL A 671 33.05 -53.85 0.65
N ILE A 673 31.95 -61.11 -0.30
CA ILE A 673 32.74 -60.26 0.56
C ILE A 673 32.66 -60.71 2.02
N SER A 674 33.76 -60.51 2.71
CA SER A 674 33.92 -60.86 4.12
C SER A 674 33.13 -59.89 4.99
N GLN A 675 33.47 -58.63 4.92
CA GLN A 675 33.04 -57.69 5.95
C GLN A 675 31.61 -57.13 5.80
N ILE A 676 30.84 -57.54 4.79
CA ILE A 676 29.39 -57.36 4.96
C ILE A 676 28.97 -58.30 6.06
N ALA A 677 29.24 -59.58 5.84
CA ALA A 677 29.12 -60.58 6.87
C ALA A 677 30.21 -61.64 6.71
N GLN A 678 30.91 -61.95 7.79
CA GLN A 678 31.88 -63.03 7.78
C GLN A 678 31.10 -64.33 7.82
N GLU A 679 29.79 -64.19 8.01
CA GLU A 679 28.87 -65.30 8.16
C GLU A 679 28.52 -65.80 6.75
N ARG A 680 29.16 -65.15 5.78
CA ARG A 680 28.90 -65.35 4.34
C ARG A 680 27.47 -65.02 3.95
N VAL A 681 26.87 -65.92 3.16
CA VAL A 681 25.63 -65.67 2.46
C VAL A 681 25.35 -66.86 1.54
N ASP A 686 20.37 -60.76 2.39
CA ASP A 686 19.47 -59.75 2.95
C ASP A 686 20.22 -58.48 3.28
N TYR A 687 19.98 -57.99 4.50
CA TYR A 687 20.66 -56.81 5.05
C TYR A 687 20.29 -55.52 4.31
N VAL A 696 30.93 -44.17 6.96
CA VAL A 696 32.06 -44.23 6.06
C VAL A 696 33.42 -44.25 6.78
N LYS A 697 34.00 -45.42 6.67
CA LYS A 697 35.22 -45.84 7.35
C LYS A 697 36.46 -45.50 6.55
N VAL A 698 36.28 -44.69 5.50
CA VAL A 698 37.11 -44.75 4.28
C VAL A 698 38.59 -44.85 4.50
N ILE A 699 39.18 -45.66 3.64
CA ILE A 699 40.61 -45.56 3.39
C ILE A 699 40.80 -44.68 2.16
N GLN A 704 40.39 -46.90 -12.83
CA GLN A 704 39.98 -45.72 -12.07
C GLN A 704 39.90 -46.02 -10.57
N GLY A 705 39.82 -47.30 -10.22
CA GLY A 705 39.86 -47.72 -8.82
C GLY A 705 38.70 -47.30 -7.94
N ARG A 706 39.04 -46.63 -6.84
CA ARG A 706 38.07 -46.10 -5.86
C ARG A 706 37.15 -47.13 -5.18
N VAL A 707 37.78 -47.99 -4.39
CA VAL A 707 37.17 -49.21 -3.86
C VAL A 707 36.61 -49.31 -2.41
N ARG A 708 36.73 -48.28 -1.56
CA ARG A 708 36.46 -48.53 -0.12
C ARG A 708 36.15 -47.36 0.86
N LEU A 709 35.88 -47.70 2.13
CA LEU A 709 35.11 -48.90 2.46
C LEU A 709 33.63 -48.78 2.91
N SER A 710 33.08 -47.58 3.14
CA SER A 710 31.77 -47.40 3.79
C SER A 710 31.50 -48.20 5.11
N MSE A 711 30.33 -48.84 5.17
CA MSE A 711 29.80 -49.51 6.38
C MSE A 711 30.26 -48.93 7.72
O MSE A 711 29.43 -48.60 8.59
CB MSE A 711 30.04 -51.03 6.33
CG MSE A 711 28.74 -51.86 6.17
SE MSE A 711 29.00 -53.73 5.61
CE MSE A 711 27.15 -54.20 5.21
N ALA B 19 15.14 19.86 32.71
CA ALA B 19 15.04 19.36 34.08
C ALA B 19 14.85 17.84 34.09
N MSE B 20 15.94 17.11 34.32
CA MSE B 20 15.89 15.65 34.26
C MSE B 20 15.93 15.00 35.64
O MSE B 20 16.95 15.04 36.33
CB MSE B 20 17.01 15.10 33.36
CG MSE B 20 16.70 13.73 32.77
SE MSE B 20 17.33 13.52 30.92
CE MSE B 20 19.25 13.55 31.25
N ASN B 21 14.80 14.44 36.05
CA ASN B 21 14.70 13.69 37.30
C ASN B 21 14.24 12.27 37.00
N LYS B 22 15.13 11.31 37.19
CA LYS B 22 14.86 9.93 36.77
C LYS B 22 14.51 8.97 37.90
N ILE B 23 13.25 8.53 37.90
CA ILE B 23 12.80 7.56 38.89
C ILE B 23 12.83 6.15 38.30
N ARG B 24 13.26 5.19 39.10
CA ARG B 24 13.32 3.80 38.67
C ARG B 24 12.83 2.85 39.74
N LYS B 25 11.82 2.04 39.43
CA LYS B 25 11.42 0.95 40.32
C LYS B 25 11.84 -0.38 39.73
N THR B 26 12.32 -1.26 40.61
CA THR B 26 12.75 -2.60 40.23
C THR B 26 12.08 -3.65 41.12
N PHE B 27 11.61 -4.72 40.51
CA PHE B 27 11.11 -5.85 41.29
C PHE B 27 11.43 -7.17 40.59
N GLN B 28 11.06 -8.27 41.24
CA GLN B 28 11.40 -9.59 40.72
C GLN B 28 10.12 -10.36 40.38
N TYR B 29 9.89 -10.57 39.09
CA TYR B 29 8.73 -11.31 38.61
C TYR B 29 9.21 -12.69 38.24
N GLY B 30 8.93 -13.67 39.09
CA GLY B 30 9.40 -15.01 38.84
C GLY B 30 10.88 -15.03 38.48
N LYS B 31 11.17 -15.71 37.38
CA LYS B 31 12.53 -15.97 36.93
C LYS B 31 13.30 -14.72 36.48
N HIS B 32 12.60 -13.62 36.26
CA HIS B 32 13.23 -12.43 35.66
C HIS B 32 13.12 -11.19 36.51
N GLU B 33 14.12 -10.31 36.39
CA GLU B 33 14.06 -9.01 37.04
C GLU B 33 13.42 -7.99 36.10
N VAL B 34 12.39 -7.32 36.59
CA VAL B 34 11.69 -6.30 35.82
C VAL B 34 12.06 -4.90 36.32
N THR B 35 12.11 -3.94 35.40
CA THR B 35 12.44 -2.57 35.77
C THR B 35 11.60 -1.54 35.03
N PHE B 36 11.08 -0.57 35.78
CA PHE B 36 10.42 0.59 35.19
C PHE B 36 11.28 1.82 35.43
N GLU B 37 11.60 2.54 34.36
CA GLU B 37 12.26 3.82 34.50
C GLU B 37 11.39 4.90 33.89
N THR B 38 11.48 6.11 34.43
CA THR B 38 10.74 7.25 33.91
C THR B 38 11.53 8.52 34.19
N GLY B 39 11.20 9.59 33.47
CA GLY B 39 11.82 10.88 33.71
C GLY B 39 13.09 11.11 32.91
N GLU B 40 13.53 10.10 32.17
CA GLU B 40 14.69 10.24 31.30
C GLU B 40 14.25 10.43 29.85
N MSE B 41 13.56 9.43 29.32
CA MSE B 41 13.15 9.41 27.92
C MSE B 41 11.70 9.80 27.69
O MSE B 41 10.83 9.52 28.52
CB MSE B 41 13.42 8.03 27.32
CG MSE B 41 14.90 7.69 27.21
SE MSE B 41 15.25 5.80 26.98
CE MSE B 41 14.21 5.48 25.38
N ALA B 42 11.43 10.46 26.56
CA ALA B 42 10.07 10.79 26.16
C ALA B 42 9.34 11.64 27.19
N ARG B 43 9.96 12.74 27.58
CA ARG B 43 9.43 13.57 28.66
C ARG B 43 8.21 14.40 28.28
N GLN B 44 7.95 14.52 26.98
CA GLN B 44 6.81 15.31 26.51
C GLN B 44 5.53 14.49 26.33
N ALA B 45 5.63 13.18 26.51
CA ALA B 45 4.44 12.35 26.52
C ALA B 45 3.64 12.61 27.79
N THR B 46 2.35 12.30 27.79
CA THR B 46 1.55 12.51 28.99
C THR B 46 2.09 11.57 30.06
N GLY B 47 2.55 10.41 29.62
CA GLY B 47 3.35 9.54 30.45
C GLY B 47 4.21 8.65 29.58
N ALA B 48 5.36 8.24 30.11
CA ALA B 48 6.25 7.35 29.41
C ALA B 48 7.08 6.54 30.38
N VAL B 49 7.38 5.31 30.01
CA VAL B 49 8.13 4.40 30.86
C VAL B 49 9.06 3.57 30.00
N VAL B 50 10.26 3.32 30.49
CA VAL B 50 11.08 2.26 29.90
C VAL B 50 10.87 1.01 30.73
N VAL B 51 10.35 -0.04 30.10
CA VAL B 51 10.27 -1.33 30.78
C VAL B 51 11.40 -2.22 30.30
N ARG B 52 12.13 -2.77 31.24
CA ARG B 52 13.09 -3.81 30.93
C ARG B 52 12.78 -5.06 31.73
N MSE B 53 12.66 -6.18 31.02
CA MSE B 53 12.50 -7.48 31.65
C MSE B 53 13.48 -8.40 30.98
O MSE B 53 13.43 -8.61 29.77
CB MSE B 53 11.07 -7.96 31.46
CG MSE B 53 10.79 -9.29 32.13
SE MSE B 53 8.87 -9.58 32.31
CE MSE B 53 8.89 -11.42 32.94
N GLY B 54 14.42 -8.94 31.76
CA GLY B 54 15.54 -9.63 31.17
C GLY B 54 16.25 -8.66 30.25
N ASP B 55 16.53 -9.08 29.03
CA ASP B 55 17.10 -8.18 28.02
C ASP B 55 16.05 -7.59 27.09
N THR B 56 14.78 -7.88 27.36
CA THR B 56 13.66 -7.34 26.59
C THR B 56 13.27 -5.93 27.06
N VAL B 57 13.32 -4.95 26.16
CA VAL B 57 13.04 -3.57 26.53
C VAL B 57 12.02 -2.87 25.64
N LEU B 58 11.03 -2.27 26.27
CA LEU B 58 10.09 -1.43 25.54
C LEU B 58 10.11 -0.02 26.09
N LEU B 59 9.95 0.96 25.21
CA LEU B 59 9.60 2.30 25.62
C LEU B 59 8.10 2.42 25.42
N VAL B 60 7.35 2.59 26.50
CA VAL B 60 5.91 2.74 26.40
C VAL B 60 5.47 4.14 26.82
N SER B 61 4.97 4.89 25.86
CA SER B 61 4.48 6.22 26.14
C SER B 61 2.99 6.32 25.85
N VAL B 62 2.30 7.08 26.67
CA VAL B 62 0.91 7.41 26.41
C VAL B 62 0.83 8.89 26.15
N VAL B 63 0.00 9.29 25.19
CA VAL B 63 -0.32 10.68 25.00
C VAL B 63 -1.84 10.81 24.98
N ALA B 64 -2.35 11.83 25.66
CA ALA B 64 -3.79 12.04 25.72
C ALA B 64 -4.16 13.49 25.51
N LYS B 65 -5.09 13.74 24.61
CA LYS B 65 -5.62 15.09 24.38
C LYS B 65 -6.45 15.54 25.58
N LYS B 66 -6.22 16.77 26.03
CA LYS B 66 -6.96 17.33 27.16
C LYS B 66 -8.43 17.52 26.81
N GLU B 67 -8.69 17.72 25.52
CA GLU B 67 -10.02 18.04 25.01
C GLU B 67 -10.66 16.83 24.35
N ALA B 68 -11.99 16.74 24.42
CA ALA B 68 -12.73 15.75 23.64
C ALA B 68 -13.75 16.43 22.73
N GLU B 69 -14.00 15.85 21.56
CA GLU B 69 -15.03 16.34 20.66
C GLU B 69 -16.37 16.28 21.38
N GLU B 70 -17.10 17.38 21.36
CA GLU B 70 -18.41 17.43 22.02
C GLU B 70 -19.25 16.26 21.54
N GLY B 71 -19.89 15.57 22.49
CA GLY B 71 -20.81 14.50 22.15
C GLY B 71 -20.20 13.38 21.33
N ARG B 72 -19.13 12.77 21.84
CA ARG B 72 -18.46 11.67 21.16
C ARG B 72 -19.04 10.31 21.57
N ASP B 73 -19.29 9.46 20.59
CA ASP B 73 -19.99 8.19 20.80
C ASP B 73 -19.07 7.03 21.22
N PHE B 74 -17.76 7.22 21.07
CA PHE B 74 -16.81 6.13 21.26
C PHE B 74 -15.54 6.64 21.91
N PHE B 75 -14.75 5.73 22.45
CA PHE B 75 -13.50 6.10 23.11
C PHE B 75 -12.31 5.81 22.20
N PRO B 76 -11.72 6.87 21.64
CA PRO B 76 -10.64 6.77 20.64
C PRO B 76 -9.30 6.40 21.28
N LEU B 77 -9.24 5.21 21.87
CA LEU B 77 -7.98 4.68 22.36
C LEU B 77 -7.27 3.98 21.22
N THR B 78 -6.06 4.41 20.93
CA THR B 78 -5.23 3.69 19.95
C THR B 78 -3.92 3.22 20.58
N VAL B 79 -3.70 1.91 20.53
CA VAL B 79 -2.45 1.33 21.01
C VAL B 79 -1.60 0.92 19.81
N ASN B 80 -0.39 1.47 19.72
CA ASN B 80 0.52 1.03 18.66
C ASN B 80 1.75 0.32 19.23
N TYR B 81 1.78 -0.99 19.07
CA TYR B 81 2.91 -1.80 19.47
C TYR B 81 3.75 -2.06 18.23
N GLN B 82 5.01 -1.66 18.29
CA GLN B 82 5.90 -1.81 17.14
C GLN B 82 7.23 -2.44 17.51
N GLU B 83 7.69 -3.36 16.68
CA GLU B 83 8.93 -4.08 16.93
C GLU B 83 10.04 -3.60 16.01
N LYS B 84 11.16 -3.19 16.60
CA LYS B 84 12.29 -2.68 15.83
C LYS B 84 13.31 -3.79 15.59
N THR B 85 13.63 -4.04 14.34
CA THR B 85 14.53 -5.12 14.00
C THR B 85 15.91 -4.91 14.62
N TYR B 86 16.19 -3.69 15.06
CA TYR B 86 17.44 -3.43 15.78
C TYR B 86 17.33 -3.91 17.22
N ALA B 87 16.13 -4.32 17.61
CA ALA B 87 15.94 -4.94 18.91
C ALA B 87 16.66 -6.28 18.94
N ALA B 88 16.62 -7.00 17.82
CA ALA B 88 17.25 -8.32 17.72
C ALA B 88 18.63 -8.27 17.08
N GLY B 89 19.08 -7.08 16.69
CA GLY B 89 20.39 -6.92 16.08
C GLY B 89 20.37 -7.14 14.57
N LYS B 90 19.20 -7.02 13.98
CA LYS B 90 19.04 -7.33 12.56
C LYS B 90 18.57 -6.16 11.69
N ILE B 91 19.18 -6.04 10.52
CA ILE B 91 18.74 -5.10 9.50
C ILE B 91 17.48 -5.64 8.80
N PRO B 92 16.47 -4.78 8.64
CA PRO B 92 15.18 -5.23 8.07
C PRO B 92 15.33 -5.83 6.67
N GLY B 93 14.57 -6.89 6.39
CA GLY B 93 14.80 -7.71 5.21
C GLY B 93 14.39 -7.20 3.85
N GLY B 94 13.20 -6.63 3.72
CA GLY B 94 12.55 -6.50 2.44
C GLY B 94 13.15 -5.63 1.33
N TYR B 95 13.31 -4.34 1.59
CA TYR B 95 13.54 -3.40 0.50
C TYR B 95 14.95 -2.79 0.50
N ARG B 98 13.78 -0.64 5.67
CA ARG B 98 13.15 -0.21 6.91
C ARG B 98 11.96 -1.09 7.29
N GLU B 99 11.48 -0.92 8.52
CA GLU B 99 10.29 -1.61 8.99
C GLU B 99 9.05 -1.17 8.19
N GLY B 100 8.32 -2.14 7.65
CA GLY B 100 7.20 -1.87 6.77
C GLY B 100 5.88 -1.66 7.47
N ARG B 101 4.78 -2.05 6.82
CA ARG B 101 3.46 -1.91 7.43
C ARG B 101 3.47 -2.81 8.66
N PRO B 102 2.41 -2.76 9.47
CA PRO B 102 2.50 -3.55 10.70
C PRO B 102 2.48 -5.03 10.40
N THR B 103 3.37 -5.78 11.05
CA THR B 103 3.37 -7.23 10.95
C THR B 103 2.14 -7.75 11.66
N GLU B 104 1.69 -8.93 11.26
CA GLU B 104 0.53 -9.56 11.89
C GLU B 104 0.71 -9.63 13.40
N LYS B 105 1.95 -9.84 13.84
CA LYS B 105 2.22 -9.93 15.27
C LYS B 105 2.03 -8.59 15.94
N GLU B 106 2.53 -7.54 15.29
CA GLU B 106 2.40 -6.19 15.82
C GLU B 106 0.93 -5.80 15.98
N THR B 107 0.15 -6.07 14.93
CA THR B 107 -1.29 -5.84 14.98
C THR B 107 -1.89 -6.56 16.18
N LEU B 108 -1.51 -7.82 16.37
CA LEU B 108 -2.07 -8.65 17.44
C LEU B 108 -1.72 -8.16 18.84
N THR B 109 -0.47 -7.77 19.05
CA THR B 109 -0.03 -7.32 20.37
C THR B 109 -0.65 -5.98 20.72
N SER B 110 -0.79 -5.12 19.72
CA SER B 110 -1.52 -3.87 19.88
C SER B 110 -2.93 -4.20 20.39
N ARG B 111 -3.51 -5.24 19.82
CA ARG B 111 -4.84 -5.69 20.20
C ARG B 111 -4.84 -6.38 21.56
N LEU B 112 -3.80 -7.17 21.82
CA LEU B 112 -3.68 -7.84 23.10
C LEU B 112 -3.58 -6.81 24.21
N ILE B 113 -2.89 -5.70 23.91
CA ILE B 113 -2.68 -4.64 24.89
C ILE B 113 -3.93 -3.77 25.09
N ASP B 114 -4.57 -3.42 23.98
CA ASP B 114 -5.77 -2.59 24.02
C ASP B 114 -6.83 -3.19 24.94
N ARG B 115 -7.14 -4.46 24.72
CA ARG B 115 -8.29 -5.08 25.37
C ARG B 115 -8.38 -4.82 26.88
N PRO B 116 -7.33 -5.19 27.64
CA PRO B 116 -7.39 -5.00 29.10
C PRO B 116 -7.38 -3.54 29.56
N LEU B 117 -6.84 -2.63 28.75
CA LEU B 117 -6.88 -1.21 29.09
C LEU B 117 -8.30 -0.66 29.02
N ARG B 118 -8.96 -0.93 27.89
CA ARG B 118 -10.24 -0.32 27.54
C ARG B 118 -11.23 -0.26 28.71
N PRO B 119 -11.50 -1.39 29.36
CA PRO B 119 -12.48 -1.36 30.46
C PRO B 119 -12.02 -0.56 31.68
N LEU B 120 -10.73 -0.29 31.79
CA LEU B 120 -10.21 0.46 32.93
C LEU B 120 -10.33 1.97 32.75
N PHE B 121 -10.52 2.41 31.52
CA PHE B 121 -10.79 3.83 31.27
C PHE B 121 -12.24 4.08 31.63
N PRO B 122 -12.49 5.11 32.46
CA PRO B 122 -13.81 5.37 33.01
C PRO B 122 -14.90 5.46 31.94
N LYS B 123 -16.07 4.95 32.28
CA LYS B 123 -17.23 5.03 31.42
C LYS B 123 -17.42 6.48 31.05
N GLY B 124 -17.55 6.75 29.76
CA GLY B 124 -17.81 8.09 29.28
C GLY B 124 -16.59 8.95 29.05
N PHE B 125 -15.39 8.40 29.18
CA PHE B 125 -14.20 9.21 28.96
C PHE B 125 -13.83 9.06 27.49
N THR B 126 -14.12 10.11 26.73
CA THR B 126 -14.01 10.08 25.28
C THR B 126 -12.77 10.77 24.69
N ASN B 127 -11.92 11.32 25.54
CA ASN B 127 -10.69 11.94 25.04
C ASN B 127 -9.89 10.90 24.28
N GLU B 128 -9.32 11.27 23.15
CA GLU B 128 -8.52 10.30 22.41
C GLU B 128 -7.15 10.13 23.04
N VAL B 129 -6.77 8.89 23.29
CA VAL B 129 -5.51 8.55 23.90
C VAL B 129 -4.77 7.63 22.96
N GLN B 130 -3.46 7.76 22.90
CA GLN B 130 -2.66 6.88 22.09
C GLN B 130 -1.53 6.26 22.90
N VAL B 131 -1.51 4.93 22.93
CA VAL B 131 -0.41 4.20 23.55
C VAL B 131 0.54 3.68 22.47
N ILE B 132 1.81 4.04 22.56
CA ILE B 132 2.80 3.49 21.67
C ILE B 132 3.80 2.66 22.45
N ALA B 133 3.85 1.36 22.15
CA ALA B 133 4.79 0.46 22.79
C ALA B 133 5.83 -0.05 21.78
N THR B 134 7.06 0.42 21.94
CA THR B 134 8.13 0.15 20.98
C THR B 134 9.19 -0.76 21.60
N VAL B 135 9.44 -1.91 20.96
CA VAL B 135 10.45 -2.85 21.47
C VAL B 135 11.86 -2.40 21.07
N LEU B 136 12.65 -2.03 22.07
CA LEU B 136 14.03 -1.60 21.85
C LEU B 136 15.05 -2.73 21.84
N SER B 137 14.85 -3.71 22.71
CA SER B 137 15.69 -4.89 22.76
C SER B 137 14.83 -6.10 23.05
N VAL B 138 15.08 -7.20 22.35
CA VAL B 138 14.29 -8.42 22.56
C VAL B 138 15.14 -9.58 23.05
N ASP B 139 14.79 -10.09 24.23
CA ASP B 139 15.42 -11.26 24.79
C ASP B 139 14.55 -12.48 24.47
N SER B 140 15.18 -13.56 24.02
CA SER B 140 14.44 -14.75 23.65
C SER B 140 13.81 -15.40 24.88
N LYS B 141 14.43 -15.22 26.04
CA LYS B 141 13.90 -15.79 27.28
C LYS B 141 12.66 -15.05 27.74
N VAL B 142 12.44 -13.84 27.22
CA VAL B 142 11.34 -12.99 27.67
C VAL B 142 10.46 -12.45 26.55
N PRO B 143 9.36 -13.15 26.24
CA PRO B 143 8.45 -12.67 25.19
C PRO B 143 8.01 -11.26 25.52
N THR B 144 7.75 -10.45 24.49
CA THR B 144 7.54 -9.01 24.67
C THR B 144 6.18 -8.58 25.18
N ASP B 145 5.12 -9.29 24.79
CA ASP B 145 3.75 -8.88 25.11
C ASP B 145 3.53 -8.63 26.61
N ILE B 146 4.14 -9.44 27.46
CA ILE B 146 3.96 -9.28 28.90
C ILE B 146 4.51 -7.97 29.46
N PRO B 147 5.81 -7.69 29.25
CA PRO B 147 6.32 -6.41 29.75
C PRO B 147 5.69 -5.22 29.01
N ALA B 148 5.12 -5.46 27.85
CA ALA B 148 4.43 -4.41 27.10
C ALA B 148 3.23 -3.91 27.89
N ILE B 149 2.42 -4.86 28.35
CA ILE B 149 1.25 -4.54 29.16
C ILE B 149 1.67 -3.89 30.49
N LEU B 150 2.65 -4.48 31.16
CA LEU B 150 3.20 -3.90 32.37
C LEU B 150 3.56 -2.44 32.14
N GLY B 151 4.20 -2.17 31.00
CA GLY B 151 4.58 -0.82 30.64
C GLY B 151 3.38 0.09 30.42
N ALA B 152 2.41 -0.38 29.65
CA ALA B 152 1.21 0.39 29.36
C ALA B 152 0.48 0.76 30.65
N SER B 153 0.41 -0.19 31.57
CA SER B 153 -0.19 0.05 32.88
C SER B 153 0.56 1.16 33.59
N ALA B 154 1.88 1.07 33.57
CA ALA B 154 2.73 2.00 34.29
C ALA B 154 2.71 3.40 33.66
N ALA B 155 2.69 3.44 32.34
CA ALA B 155 2.68 4.70 31.61
C ALA B 155 1.38 5.46 31.81
N ILE B 156 0.26 4.77 31.64
CA ILE B 156 -1.06 5.37 31.84
C ILE B 156 -1.22 5.77 33.31
N GLY B 157 -0.61 4.99 34.19
CA GLY B 157 -0.61 5.29 35.61
C GLY B 157 0.17 6.55 35.96
N LEU B 158 1.31 6.74 35.31
CA LEU B 158 2.10 7.95 35.51
C LEU B 158 1.36 9.16 34.96
N SER B 159 0.75 8.97 33.79
CA SER B 159 0.19 10.09 33.04
C SER B 159 -0.77 10.95 33.87
N GLY B 160 -1.57 10.30 34.71
CA GLY B 160 -2.55 11.03 35.49
C GLY B 160 -3.89 10.97 34.79
N ILE B 161 -3.88 10.46 33.57
CA ILE B 161 -5.10 10.20 32.81
C ILE B 161 -6.07 9.40 33.66
N PRO B 162 -7.38 9.68 33.53
CA PRO B 162 -8.33 8.91 34.34
C PRO B 162 -8.18 7.43 34.04
N PHE B 163 -7.95 6.63 35.07
CA PHE B 163 -7.79 5.19 34.89
C PHE B 163 -8.15 4.53 36.21
N ASN B 164 -8.76 3.35 36.13
CA ASN B 164 -9.14 2.61 37.33
C ASN B 164 -8.09 1.59 37.75
N GLY B 165 -6.94 1.61 37.08
CA GLY B 165 -5.96 0.56 37.19
C GLY B 165 -5.27 0.60 38.55
N SER B 166 -4.11 -0.03 38.67
CA SER B 166 -3.31 -0.48 37.53
C SER B 166 -3.49 -1.97 37.23
N LEU B 167 -3.39 -2.33 35.96
CA LEU B 167 -3.45 -3.75 35.58
C LEU B 167 -2.06 -4.37 35.40
N GLY B 168 -1.94 -5.62 35.83
CA GLY B 168 -0.78 -6.40 35.49
C GLY B 168 -1.19 -7.43 34.46
N ALA B 169 -0.27 -8.30 34.10
CA ALA B 169 -0.59 -9.43 33.24
C ALA B 169 0.45 -10.52 33.42
N ALA B 170 0.09 -11.74 33.04
CA ALA B 170 1.01 -12.86 33.15
C ALA B 170 0.71 -13.84 32.03
N ARG B 171 1.73 -14.58 31.61
CA ARG B 171 1.51 -15.73 30.75
C ARG B 171 1.68 -16.98 31.58
N VAL B 172 0.86 -17.98 31.30
CA VAL B 172 0.92 -19.24 32.03
C VAL B 172 1.04 -20.41 31.08
N GLY B 173 2.06 -21.25 31.30
CA GLY B 173 2.18 -22.49 30.58
C GLY B 173 1.78 -23.63 31.49
N TYR B 174 1.57 -24.81 30.92
CA TYR B 174 1.23 -26.00 31.70
C TYR B 174 2.06 -27.18 31.22
N ARG B 175 2.96 -27.65 32.07
CA ARG B 175 3.77 -28.83 31.74
C ARG B 175 4.06 -29.69 32.96
N GLY B 176 3.84 -31.00 32.82
CA GLY B 176 4.07 -31.94 33.90
C GLY B 176 3.08 -31.73 35.03
N GLY B 177 1.92 -31.17 34.70
CA GLY B 177 0.88 -30.96 35.69
C GLY B 177 1.11 -29.73 36.56
N GLU B 178 2.21 -29.04 36.31
CA GLU B 178 2.51 -27.80 37.03
C GLU B 178 2.12 -26.60 36.18
N TYR B 179 2.29 -25.40 36.74
CA TYR B 179 2.08 -24.18 35.98
C TYR B 179 3.40 -23.46 35.78
N LEU B 180 3.62 -22.95 34.57
CA LEU B 180 4.83 -22.21 34.26
C LEU B 180 4.50 -20.73 34.16
N LEU B 181 5.25 -19.90 34.89
CA LEU B 181 5.03 -18.46 34.86
C LEU B 181 5.87 -17.82 33.76
N ASN B 182 5.23 -16.99 32.95
CA ASN B 182 5.92 -16.25 31.88
C ASN B 182 6.90 -17.13 31.10
N PRO B 183 6.40 -18.22 30.50
CA PRO B 183 7.29 -19.12 29.76
C PRO B 183 7.93 -18.43 28.56
N SER B 184 9.14 -18.86 28.20
CA SER B 184 9.80 -18.38 26.99
C SER B 184 9.12 -19.00 25.78
N LEU B 185 9.64 -18.74 24.59
CA LEU B 185 9.05 -19.32 23.39
C LEU B 185 9.39 -20.79 23.26
N ASP B 186 10.65 -21.14 23.55
CA ASP B 186 11.10 -22.53 23.54
C ASP B 186 10.37 -23.31 24.62
N GLU B 187 10.34 -22.75 25.83
CA GLU B 187 9.70 -23.40 26.95
C GLU B 187 8.27 -23.81 26.61
N LEU B 188 7.59 -22.98 25.82
CA LEU B 188 6.23 -23.26 25.39
C LEU B 188 6.16 -24.46 24.43
N LYS B 189 7.26 -24.75 23.75
CA LYS B 189 7.33 -25.94 22.92
C LYS B 189 7.02 -27.19 23.76
N ASP B 190 7.29 -27.09 25.06
CA ASP B 190 7.01 -28.18 25.99
C ASP B 190 5.69 -28.03 26.76
N SER B 191 4.94 -26.98 26.47
CA SER B 191 3.71 -26.71 27.21
C SER B 191 2.44 -27.06 26.42
N ALA B 192 1.45 -27.60 27.13
CA ALA B 192 0.16 -27.91 26.54
C ALA B 192 -0.80 -26.73 26.69
N LEU B 193 -0.34 -25.69 27.36
CA LEU B 193 -1.15 -24.49 27.58
C LEU B 193 -0.36 -23.21 27.33
N ASP B 194 -0.83 -22.41 26.38
CA ASP B 194 -0.28 -21.07 26.19
C ASP B 194 -1.37 -20.04 26.49
N LEU B 195 -1.24 -19.37 27.64
CA LEU B 195 -2.32 -18.52 28.15
C LEU B 195 -1.82 -17.20 28.73
N VAL B 196 -2.36 -16.10 28.23
CA VAL B 196 -2.06 -14.79 28.78
C VAL B 196 -3.29 -14.26 29.53
N VAL B 197 -3.11 -13.92 30.80
CA VAL B 197 -4.15 -13.28 31.58
C VAL B 197 -3.72 -11.87 31.96
N ALA B 198 -4.68 -10.96 31.97
CA ALA B 198 -4.41 -9.60 32.44
C ALA B 198 -5.54 -9.15 33.36
N GLY B 199 -5.18 -8.52 34.46
CA GLY B 199 -6.18 -8.07 35.42
C GLY B 199 -5.72 -6.97 36.35
N THR B 200 -6.63 -6.55 37.21
CA THR B 200 -6.34 -5.58 38.26
C THR B 200 -6.03 -6.38 39.52
N ARG B 201 -5.80 -5.70 40.64
CA ARG B 201 -5.53 -6.41 41.87
C ARG B 201 -6.75 -7.27 42.23
N ASP B 202 -7.93 -6.70 42.06
CA ASP B 202 -9.17 -7.37 42.45
C ASP B 202 -9.84 -8.28 41.42
N ALA B 203 -9.49 -8.17 40.15
CA ALA B 203 -10.27 -8.86 39.11
C ALA B 203 -9.50 -9.25 37.86
N VAL B 204 -9.92 -10.36 37.25
CA VAL B 204 -9.42 -10.76 35.95
C VAL B 204 -10.16 -9.98 34.88
N LEU B 205 -9.39 -9.33 34.00
CA LEU B 205 -9.97 -8.48 32.96
C LEU B 205 -10.09 -9.21 31.61
N MSE B 206 -8.96 -9.64 31.05
CA MSE B 206 -8.99 -10.40 29.80
C MSE B 206 -8.13 -11.66 29.84
O MSE B 206 -7.20 -11.77 30.64
CB MSE B 206 -8.62 -9.52 28.61
CG MSE B 206 -7.12 -9.28 28.45
SE MSE B 206 -6.24 -10.65 27.38
CE MSE B 206 -4.40 -10.09 27.68
N VAL B 207 -8.47 -12.62 28.98
CA VAL B 207 -7.68 -13.83 28.82
C VAL B 207 -7.56 -14.24 27.34
N GLU B 208 -6.36 -14.59 26.92
CA GLU B 208 -6.14 -15.14 25.58
C GLU B 208 -5.33 -16.42 25.74
N SER B 209 -5.84 -17.53 25.21
CA SER B 209 -5.12 -18.80 25.33
C SER B 209 -5.38 -19.84 24.24
N GLU B 210 -4.35 -20.61 23.93
CA GLU B 210 -4.53 -21.83 23.16
C GLU B 210 -4.03 -22.98 24.03
N ALA B 211 -4.60 -24.15 23.84
CA ALA B 211 -4.24 -25.31 24.65
C ALA B 211 -4.58 -26.58 23.89
N GLN B 212 -4.00 -27.71 24.30
CA GLN B 212 -4.40 -28.94 23.65
C GLN B 212 -5.36 -29.68 24.57
N GLU B 213 -6.65 -29.54 24.23
CA GLU B 213 -7.72 -30.29 24.85
C GLU B 213 -7.61 -30.45 26.38
N LEU B 214 -7.13 -29.43 27.07
CA LEU B 214 -7.05 -29.49 28.53
C LEU B 214 -8.43 -29.29 29.13
N PRO B 215 -8.67 -29.85 30.32
CA PRO B 215 -9.98 -29.74 30.95
C PRO B 215 -10.23 -28.36 31.57
N GLU B 216 -11.50 -28.00 31.69
CA GLU B 216 -11.89 -26.72 32.25
C GLU B 216 -11.19 -26.46 33.60
N SER B 217 -11.08 -27.51 34.41
CA SER B 217 -10.46 -27.40 35.72
C SER B 217 -9.02 -26.90 35.60
N VAL B 218 -8.36 -27.25 34.50
CA VAL B 218 -6.99 -26.82 34.27
C VAL B 218 -6.93 -25.38 33.75
N MSE B 219 -7.83 -25.06 32.82
CA MSE B 219 -7.88 -23.73 32.24
C MSE B 219 -8.12 -22.67 33.31
O MSE B 219 -7.41 -21.67 33.39
CB MSE B 219 -8.99 -23.64 31.18
CG MSE B 219 -8.80 -24.61 30.04
SE MSE B 219 -7.11 -24.35 29.14
CE MSE B 219 -7.45 -22.61 28.32
N LEU B 220 -9.13 -22.91 34.14
CA LEU B 220 -9.49 -21.99 35.21
C LEU B 220 -8.34 -21.81 36.19
N GLY B 221 -7.85 -22.92 36.71
CA GLY B 221 -6.73 -22.91 37.64
C GLY B 221 -5.54 -22.15 37.07
N ALA B 222 -5.43 -22.15 35.75
CA ALA B 222 -4.35 -21.45 35.07
C ALA B 222 -4.60 -19.94 35.05
N VAL B 223 -5.86 -19.55 34.85
CA VAL B 223 -6.23 -18.15 34.91
C VAL B 223 -5.99 -17.61 36.31
N LEU B 224 -6.42 -18.38 37.31
CA LEU B 224 -6.22 -18.01 38.69
C LEU B 224 -4.74 -17.94 39.06
N HIS B 225 -3.95 -18.91 38.57
CA HIS B 225 -2.54 -18.96 38.88
C HIS B 225 -1.84 -17.68 38.47
N GLY B 226 -2.10 -17.25 37.24
CA GLY B 226 -1.52 -16.03 36.73
C GLY B 226 -2.06 -14.79 37.43
N HIS B 227 -3.35 -14.80 37.75
CA HIS B 227 -3.95 -13.67 38.43
C HIS B 227 -3.35 -13.47 39.82
N GLN B 228 -2.89 -14.55 40.43
CA GLN B 228 -2.17 -14.46 41.69
C GLN B 228 -0.73 -14.00 41.43
N ALA B 229 -0.10 -14.63 40.46
CA ALA B 229 1.30 -14.37 40.13
C ALA B 229 1.56 -12.90 39.83
N MSE B 230 0.65 -12.27 39.10
CA MSE B 230 0.85 -10.92 38.61
C MSE B 230 0.71 -9.85 39.69
O MSE B 230 1.12 -8.70 39.49
CB MSE B 230 -0.16 -10.61 37.50
CG MSE B 230 -1.53 -10.26 38.04
SE MSE B 230 -2.82 -9.94 36.64
CE MSE B 230 -2.74 -11.68 35.77
N GLN B 231 0.13 -10.23 40.82
CA GLN B 231 -0.12 -9.28 41.91
C GLN B 231 1.15 -8.53 42.32
N VAL B 232 2.27 -9.25 42.36
CA VAL B 232 3.56 -8.64 42.67
C VAL B 232 3.87 -7.47 41.74
N ALA B 233 3.53 -7.62 40.47
CA ALA B 233 3.77 -6.57 39.48
C ALA B 233 2.77 -5.42 39.63
N ILE B 234 1.51 -5.75 39.87
CA ILE B 234 0.50 -4.74 40.08
C ILE B 234 0.83 -3.90 41.31
N GLN B 235 1.44 -4.52 42.32
CA GLN B 235 1.90 -3.78 43.48
C GLN B 235 3.04 -2.85 43.08
N ALA B 236 4.01 -3.39 42.36
CA ALA B 236 5.17 -2.63 41.95
C ALA B 236 4.78 -1.43 41.09
N ILE B 237 4.03 -1.69 40.03
CA ILE B 237 3.52 -0.64 39.18
C ILE B 237 2.77 0.39 40.01
N ALA B 238 1.99 -0.08 40.98
CA ALA B 238 1.19 0.80 41.82
C ALA B 238 2.05 1.76 42.63
N GLU B 239 3.14 1.25 43.21
CA GLU B 239 4.03 2.08 44.01
C GLU B 239 4.94 2.93 43.13
N PHE B 240 5.31 2.40 41.97
CA PHE B 240 6.05 3.18 40.99
C PHE B 240 5.25 4.45 40.72
N ILE B 241 3.95 4.28 40.55
CA ILE B 241 3.05 5.39 40.28
C ILE B 241 2.98 6.35 41.47
N GLN B 242 3.12 5.81 42.68
CA GLN B 242 3.17 6.65 43.86
C GLN B 242 4.38 7.58 43.82
N GLU B 243 5.57 7.02 43.64
CA GLU B 243 6.81 7.81 43.66
C GLU B 243 6.81 8.84 42.54
N ALA B 244 6.74 8.35 41.31
CA ALA B 244 6.96 9.17 40.13
C ALA B 244 5.69 9.70 39.47
N GLY B 245 4.54 9.29 39.98
CA GLY B 245 3.29 9.63 39.35
C GLY B 245 3.02 11.12 39.27
N GLY B 246 2.44 11.55 38.16
CA GLY B 246 2.06 12.95 37.99
C GLY B 246 0.82 13.25 38.78
N ALA B 247 0.15 14.35 38.44
CA ALA B 247 -1.08 14.72 39.12
C ALA B 247 -2.28 14.12 38.39
N LYS B 248 -3.24 13.61 39.14
CA LYS B 248 -4.44 13.03 38.55
C LYS B 248 -5.24 14.09 37.84
N TRP B 249 -5.58 13.83 36.59
CA TRP B 249 -6.43 14.73 35.83
C TRP B 249 -7.72 14.96 36.58
N GLU B 250 -8.13 16.22 36.70
CA GLU B 250 -9.48 16.48 37.17
C GLU B 250 -10.38 16.26 35.98
N TRP B 251 -11.27 15.28 36.08
CA TRP B 251 -12.15 14.96 34.96
C TRP B 251 -13.46 14.35 35.41
N GLU B 252 -14.53 14.67 34.71
CA GLU B 252 -15.83 14.06 35.01
C GLU B 252 -16.61 13.73 33.74
N PRO B 253 -17.43 12.66 33.79
CA PRO B 253 -18.23 12.19 32.66
C PRO B 253 -19.21 13.27 32.24
N PRO B 254 -19.73 13.18 31.02
CA PRO B 254 -20.79 14.10 30.61
C PRO B 254 -21.97 13.95 31.56
N THR B 255 -22.60 15.06 31.91
CA THR B 255 -23.71 15.03 32.86
C THR B 255 -25.05 14.78 32.18
N VAL B 256 -25.90 14.01 32.86
CA VAL B 256 -27.27 13.81 32.41
C VAL B 256 -28.26 14.57 33.31
N ASN B 257 -29.17 15.32 32.69
CA ASN B 257 -30.21 16.01 33.44
C ASN B 257 -31.42 15.11 33.58
N THR B 258 -31.71 14.72 34.82
CA THR B 258 -32.75 13.70 35.07
C THR B 258 -34.13 14.13 34.61
N ALA B 259 -34.34 15.43 34.42
CA ALA B 259 -35.59 15.91 33.88
C ALA B 259 -35.78 15.30 32.50
N LEU B 260 -34.73 15.39 31.69
CA LEU B 260 -34.73 14.83 30.34
C LEU B 260 -34.81 13.30 30.38
N GLU B 261 -34.13 12.71 31.35
CA GLU B 261 -34.12 11.26 31.50
C GLU B 261 -35.53 10.73 31.70
N LYS B 262 -36.22 11.28 32.70
CA LYS B 262 -37.60 10.92 32.96
C LYS B 262 -38.39 11.02 31.66
N TRP B 263 -38.21 12.15 30.98
CA TRP B 263 -38.90 12.42 29.74
C TRP B 263 -38.64 11.30 28.73
N VAL B 264 -37.39 10.94 28.54
CA VAL B 264 -37.02 9.91 27.58
C VAL B 264 -37.56 8.54 27.99
N VAL B 265 -37.55 8.26 29.28
CA VAL B 265 -38.05 6.98 29.77
C VAL B 265 -39.55 6.83 29.56
N GLU B 266 -40.32 7.84 29.95
CA GLU B 266 -41.76 7.81 29.78
C GLU B 266 -42.13 7.62 28.31
N LYS B 267 -41.37 8.25 27.42
CA LYS B 267 -41.66 8.18 26.00
C LYS B 267 -41.20 6.86 25.34
N SER B 268 -39.97 6.44 25.61
CA SER B 268 -39.40 5.27 24.95
C SER B 268 -39.39 3.91 25.67
N GLU B 269 -39.77 3.87 26.95
CA GLU B 269 -39.58 2.62 27.70
C GLU B 269 -40.45 1.48 27.21
N ALA B 270 -41.76 1.72 27.18
CA ALA B 270 -42.69 0.72 26.69
C ALA B 270 -42.31 0.22 25.29
N PRO B 271 -42.07 1.15 24.36
CA PRO B 271 -41.61 0.77 23.01
C PRO B 271 -40.32 -0.05 23.01
N LEU B 272 -39.33 0.34 23.80
CA LEU B 272 -38.09 -0.42 23.87
C LEU B 272 -38.32 -1.81 24.42
N LYS B 273 -39.16 -1.91 25.45
CA LYS B 273 -39.49 -3.19 26.06
C LYS B 273 -39.93 -4.23 25.02
N LYS B 274 -40.85 -3.85 24.13
CA LYS B 274 -41.29 -4.72 23.05
C LYS B 274 -40.24 -4.78 21.96
N ALA B 275 -39.73 -3.61 21.59
CA ALA B 275 -38.75 -3.53 20.53
C ALA B 275 -37.68 -4.57 20.81
N TYR B 276 -37.41 -4.79 22.08
CA TYR B 276 -36.45 -5.81 22.48
C TYR B 276 -37.07 -7.20 22.59
N GLN B 277 -38.36 -7.30 22.30
CA GLN B 277 -39.01 -8.61 22.21
C GLN B 277 -39.10 -9.11 20.77
N ILE B 278 -38.54 -8.35 19.84
CA ILE B 278 -38.51 -8.76 18.45
C ILE B 278 -37.38 -9.75 18.24
N GLN B 279 -37.73 -10.96 17.80
CA GLN B 279 -36.77 -12.05 17.68
C GLN B 279 -35.75 -11.78 16.59
N GLU B 280 -36.25 -11.48 15.39
CA GLU B 280 -35.40 -11.25 14.21
C GLU B 280 -34.57 -9.98 14.40
N LYS B 281 -33.26 -10.09 14.23
CA LYS B 281 -32.37 -8.97 14.51
C LYS B 281 -32.67 -7.68 13.74
N THR B 282 -32.68 -7.75 12.41
CA THR B 282 -32.84 -6.56 11.59
C THR B 282 -34.18 -5.88 11.85
N ALA B 283 -35.22 -6.67 12.06
CA ALA B 283 -36.52 -6.13 12.40
C ALA B 283 -36.45 -5.39 13.73
N ARG B 284 -35.71 -5.96 14.68
CA ARG B 284 -35.51 -5.33 15.97
C ARG B 284 -34.77 -3.99 15.84
N GLN B 285 -33.61 -4.04 15.19
CA GLN B 285 -32.77 -2.84 15.06
C GLN B 285 -33.50 -1.70 14.35
N ALA B 286 -34.28 -2.05 13.33
CA ALA B 286 -35.05 -1.05 12.59
C ALA B 286 -36.03 -0.35 13.51
N GLN B 287 -36.75 -1.14 14.30
CA GLN B 287 -37.75 -0.61 15.23
C GLN B 287 -37.11 0.24 16.32
N ILE B 288 -35.99 -0.24 16.85
CA ILE B 288 -35.24 0.53 17.83
C ILE B 288 -34.89 1.90 17.25
N GLN B 289 -34.28 1.90 16.06
CA GLN B 289 -33.89 3.13 15.40
C GLN B 289 -35.07 4.09 15.24
N ALA B 290 -36.22 3.54 14.82
CA ALA B 290 -37.43 4.34 14.65
C ALA B 290 -37.82 5.03 15.97
N ILE B 291 -37.69 4.30 17.07
CA ILE B 291 -37.93 4.86 18.39
C ILE B 291 -36.92 5.96 18.66
N ARG B 292 -35.68 5.71 18.26
CA ARG B 292 -34.59 6.66 18.48
C ARG B 292 -34.77 7.90 17.63
N ASP B 293 -35.31 7.73 16.43
CA ASP B 293 -35.52 8.85 15.53
C ASP B 293 -36.73 9.69 15.97
N GLN B 294 -37.79 9.02 16.40
CA GLN B 294 -38.96 9.73 16.92
C GLN B 294 -38.55 10.63 18.07
N LEU B 295 -37.68 10.09 18.93
CA LEU B 295 -37.15 10.80 20.09
C LEU B 295 -36.47 12.10 19.69
N LEU B 296 -35.39 11.97 18.93
CA LEU B 296 -34.64 13.13 18.46
C LEU B 296 -35.59 14.14 17.83
N ALA B 297 -36.52 13.66 17.01
CA ALA B 297 -37.51 14.51 16.36
C ALA B 297 -38.47 15.13 17.38
N ASP B 298 -38.89 14.34 18.36
CA ASP B 298 -39.77 14.84 19.41
C ASP B 298 -39.10 15.92 20.24
N ARG B 299 -37.78 15.83 20.37
CA ARG B 299 -37.00 16.80 21.12
C ARG B 299 -36.88 18.10 20.32
N ALA B 300 -36.29 17.98 19.14
CA ALA B 300 -36.15 19.12 18.23
C ALA B 300 -37.47 19.88 18.11
N ALA B 301 -38.59 19.16 18.10
CA ALA B 301 -39.90 19.77 18.05
C ALA B 301 -40.02 20.84 19.13
N GLU B 302 -39.27 20.67 20.23
CA GLU B 302 -39.14 21.69 21.25
C GLU B 302 -37.76 22.34 21.17
N ALA B 309 -25.43 19.91 20.20
CA ALA B 309 -24.52 18.82 19.84
C ALA B 309 -24.19 17.95 21.04
N VAL B 310 -24.22 18.54 22.23
CA VAL B 310 -24.07 17.79 23.47
C VAL B 310 -25.36 17.04 23.79
N ASN B 311 -26.47 17.77 23.74
CA ASN B 311 -27.77 17.20 24.03
C ASN B 311 -27.97 15.86 23.34
N GLU B 312 -27.91 15.89 22.00
CA GLU B 312 -28.08 14.66 21.23
C GLU B 312 -27.21 13.55 21.78
N HIS B 313 -26.03 13.90 22.29
CA HIS B 313 -25.19 12.93 22.98
C HIS B 313 -25.81 12.56 24.33
N GLU B 314 -26.10 13.58 25.13
CA GLU B 314 -26.76 13.38 26.42
C GLU B 314 -28.03 12.59 26.21
N LEU B 315 -28.67 12.81 25.06
CA LEU B 315 -29.90 12.13 24.72
C LEU B 315 -29.63 10.67 24.40
N ALA B 316 -28.57 10.42 23.66
CA ALA B 316 -28.18 9.06 23.28
C ALA B 316 -27.71 8.27 24.49
N VAL B 317 -26.99 8.93 25.39
CA VAL B 317 -26.55 8.30 26.61
C VAL B 317 -27.73 7.75 27.39
N ILE B 318 -28.71 8.61 27.66
CA ILE B 318 -29.92 8.22 28.37
C ILE B 318 -30.63 7.07 27.67
N PHE B 319 -30.73 7.16 26.36
CA PHE B 319 -31.37 6.11 25.57
C PHE B 319 -30.65 4.78 25.72
N HIS B 320 -29.33 4.79 25.59
CA HIS B 320 -28.57 3.55 25.73
C HIS B 320 -28.66 2.95 27.12
N GLU B 321 -28.64 3.80 28.14
CA GLU B 321 -28.80 3.32 29.51
C GLU B 321 -30.11 2.55 29.62
N LEU B 322 -31.16 3.12 29.05
CA LEU B 322 -32.49 2.52 29.05
C LEU B 322 -32.45 1.13 28.41
N GLU B 323 -31.84 1.04 27.22
CA GLU B 323 -31.71 -0.24 26.52
C GLU B 323 -31.13 -1.26 27.48
N ARG B 324 -30.01 -0.87 28.09
CA ARG B 324 -29.27 -1.75 28.98
C ARG B 324 -30.14 -2.30 30.09
N ARG B 325 -30.76 -1.40 30.84
CA ARG B 325 -31.63 -1.78 31.95
C ARG B 325 -32.73 -2.74 31.48
N ILE B 326 -33.39 -2.41 30.37
CA ILE B 326 -34.44 -3.25 29.80
C ILE B 326 -33.96 -4.68 29.49
N VAL B 327 -32.88 -4.77 28.73
CA VAL B 327 -32.30 -6.05 28.38
C VAL B 327 -31.87 -6.80 29.63
N ARG B 328 -31.15 -6.12 30.50
CA ARG B 328 -30.57 -6.75 31.70
C ARG B 328 -31.61 -7.22 32.71
N GLU B 329 -32.61 -6.38 32.96
CA GLU B 329 -33.61 -6.70 33.99
C GLU B 329 -34.52 -7.84 33.56
N GLN B 330 -34.64 -8.04 32.25
CA GLN B 330 -35.38 -9.20 31.74
C GLN B 330 -34.74 -10.49 32.22
N ILE B 331 -33.46 -10.65 31.90
CA ILE B 331 -32.71 -11.85 32.25
C ILE B 331 -32.56 -12.04 33.76
N LEU B 332 -32.23 -10.96 34.47
CA LEU B 332 -32.08 -11.01 35.92
C LEU B 332 -33.36 -11.43 36.65
N THR B 333 -34.52 -11.23 36.02
CA THR B 333 -35.79 -11.58 36.65
C THR B 333 -36.34 -12.94 36.20
N GLY B 334 -35.63 -13.63 35.32
CA GLY B 334 -36.05 -14.95 34.87
C GLY B 334 -36.80 -14.94 33.56
N GLN B 335 -37.17 -13.73 33.10
CA GLN B 335 -37.88 -13.57 31.84
C GLN B 335 -37.05 -14.08 30.66
N PRO B 336 -37.71 -14.42 29.54
CA PRO B 336 -37.01 -15.06 28.42
C PRO B 336 -36.14 -14.05 27.70
N ARG B 337 -35.11 -14.52 27.01
CA ARG B 337 -34.15 -13.63 26.37
C ARG B 337 -34.73 -12.98 25.13
N ILE B 338 -33.95 -12.09 24.51
CA ILE B 338 -34.44 -11.26 23.41
C ILE B 338 -35.02 -12.10 22.28
N ASP B 339 -34.33 -13.18 21.91
CA ASP B 339 -34.85 -14.10 20.92
C ASP B 339 -35.62 -15.24 21.58
N GLY B 340 -35.81 -15.14 22.89
CA GLY B 340 -36.73 -16.02 23.59
C GLY B 340 -36.13 -17.21 24.31
N ARG B 341 -34.83 -17.42 24.13
CA ARG B 341 -34.17 -18.57 24.74
C ARG B 341 -34.06 -18.40 26.25
N ASP B 342 -33.96 -19.53 26.95
CA ASP B 342 -33.56 -19.51 28.35
C ASP B 342 -32.06 -19.29 28.34
N THR B 343 -31.45 -19.18 29.51
CA THR B 343 -30.03 -18.85 29.57
C THR B 343 -29.15 -19.97 29.05
N LYS B 344 -29.67 -21.19 29.04
CA LYS B 344 -28.85 -22.36 28.70
C LYS B 344 -28.96 -22.90 27.27
N THR B 345 -29.81 -22.32 26.43
CA THR B 345 -30.01 -22.91 25.11
C THR B 345 -29.27 -22.24 23.96
N VAL B 346 -28.55 -23.05 23.19
CA VAL B 346 -27.87 -22.61 21.98
C VAL B 346 -28.91 -22.39 20.88
N ARG B 347 -28.67 -21.40 20.02
CA ARG B 347 -29.53 -21.14 18.88
C ARG B 347 -29.49 -22.30 17.89
N PRO B 348 -30.52 -22.40 17.03
CA PRO B 348 -30.59 -23.43 15.98
C PRO B 348 -29.37 -23.40 15.04
N ILE B 349 -28.93 -24.57 14.62
CA ILE B 349 -27.73 -24.68 13.78
C ILE B 349 -28.03 -25.50 12.52
N THR B 350 -27.62 -24.96 11.38
CA THR B 350 -27.69 -25.71 10.12
C THR B 350 -26.28 -25.82 9.55
N VAL B 351 -25.89 -27.05 9.24
CA VAL B 351 -24.51 -27.32 8.83
C VAL B 351 -24.43 -28.02 7.47
N LYS B 352 -23.63 -27.47 6.57
CA LYS B 352 -23.44 -28.07 5.25
C LYS B 352 -21.96 -28.12 4.88
N VAL B 353 -21.62 -29.01 3.96
CA VAL B 353 -20.27 -29.10 3.44
C VAL B 353 -20.32 -29.35 1.93
N GLY B 354 -19.14 -29.38 1.30
CA GLY B 354 -19.08 -29.44 -0.14
C GLY B 354 -19.93 -28.33 -0.72
N VAL B 355 -19.70 -27.12 -0.22
CA VAL B 355 -20.51 -25.95 -0.57
C VAL B 355 -20.13 -25.32 -1.90
N LEU B 356 -18.85 -25.38 -2.25
CA LEU B 356 -18.37 -24.76 -3.48
C LEU B 356 -17.73 -25.82 -4.36
N PRO B 357 -17.97 -25.72 -5.68
CA PRO B 357 -17.54 -26.73 -6.66
C PRO B 357 -16.03 -26.81 -6.83
N ARG B 358 -15.37 -25.67 -6.90
CA ARG B 358 -13.94 -25.65 -7.19
C ARG B 358 -13.02 -25.62 -5.96
N SER B 359 -13.60 -25.44 -4.78
CA SER B 359 -12.81 -25.44 -3.55
C SER B 359 -12.23 -26.83 -3.27
N HIS B 360 -11.15 -26.86 -2.47
CA HIS B 360 -10.61 -28.12 -1.99
C HIS B 360 -11.54 -28.62 -0.88
N GLY B 361 -11.96 -27.68 -0.04
CA GLY B 361 -12.91 -27.97 1.01
C GLY B 361 -13.68 -26.74 1.42
N SER B 362 -14.87 -26.96 1.96
CA SER B 362 -15.75 -25.85 2.32
C SER B 362 -16.73 -26.29 3.39
N ALA B 363 -17.58 -25.36 3.81
CA ALA B 363 -18.66 -25.65 4.73
C ALA B 363 -19.42 -24.36 4.97
N LEU B 364 -20.66 -24.49 5.41
CA LEU B 364 -21.44 -23.34 5.79
C LEU B 364 -22.04 -23.59 7.16
N PHE B 365 -21.56 -22.86 8.16
CA PHE B 365 -22.01 -23.07 9.53
C PHE B 365 -22.91 -21.93 9.96
N THR B 366 -24.20 -22.23 10.10
CA THR B 366 -25.16 -21.22 10.52
C THR B 366 -25.71 -21.55 11.90
N ARG B 367 -25.32 -20.75 12.88
CA ARG B 367 -25.86 -20.86 14.22
C ARG B 367 -26.64 -19.59 14.52
N GLY B 368 -27.96 -19.72 14.56
CA GLY B 368 -28.82 -18.55 14.67
C GLY B 368 -28.61 -17.60 13.51
N GLU B 369 -28.32 -16.35 13.82
CA GLU B 369 -28.13 -15.32 12.81
C GLU B 369 -26.66 -15.16 12.43
N THR B 370 -25.80 -16.00 12.99
CA THR B 370 -24.37 -15.97 12.70
C THR B 370 -24.00 -17.05 11.70
N GLN B 371 -23.33 -16.65 10.62
CA GLN B 371 -23.03 -17.57 9.52
C GLN B 371 -21.59 -17.41 9.03
N ALA B 372 -20.88 -18.54 8.94
CA ALA B 372 -19.52 -18.55 8.43
C ALA B 372 -19.40 -19.50 7.25
N LEU B 373 -18.94 -19.00 6.12
CA LEU B 373 -18.63 -19.87 5.00
C LEU B 373 -17.13 -20.08 5.03
N VAL B 374 -16.72 -21.28 5.42
CA VAL B 374 -15.31 -21.57 5.59
C VAL B 374 -14.79 -22.38 4.41
N VAL B 375 -13.82 -21.81 3.71
CA VAL B 375 -13.23 -22.48 2.56
C VAL B 375 -11.81 -22.93 2.87
N THR B 376 -11.51 -24.18 2.51
CA THR B 376 -10.17 -24.71 2.70
C THR B 376 -9.45 -24.89 1.37
N THR B 377 -8.18 -24.46 1.34
CA THR B 377 -7.36 -24.61 0.15
C THR B 377 -6.04 -25.27 0.53
N LEU B 378 -5.51 -26.10 -0.37
CA LEU B 378 -4.27 -26.81 -0.10
C LEU B 378 -3.17 -26.42 -1.08
N GLY B 379 -1.93 -26.50 -0.63
CA GLY B 379 -0.80 -26.15 -1.47
C GLY B 379 0.47 -26.88 -1.06
N THR B 380 1.48 -26.81 -1.92
CA THR B 380 2.78 -27.38 -1.63
C THR B 380 3.56 -26.41 -0.76
N GLU B 381 4.85 -26.67 -0.56
CA GLU B 381 5.69 -25.77 0.22
C GLU B 381 5.76 -24.39 -0.42
N ARG B 382 5.65 -24.35 -1.75
CA ARG B 382 5.69 -23.08 -2.47
C ARG B 382 4.64 -22.12 -1.94
N ASP B 383 3.51 -22.68 -1.51
CA ASP B 383 2.40 -21.89 -1.00
C ASP B 383 2.52 -21.61 0.49
N ALA B 384 3.57 -22.14 1.11
CA ALA B 384 3.79 -21.94 2.54
C ALA B 384 4.18 -20.49 2.80
N GLN B 385 4.01 -20.01 4.03
CA GLN B 385 4.22 -18.59 4.32
C GLN B 385 5.40 -18.29 5.24
N SER B 386 6.34 -17.51 4.73
CA SER B 386 7.45 -17.01 5.53
C SER B 386 7.01 -15.80 6.33
N ILE B 387 7.29 -15.81 7.62
CA ILE B 387 7.05 -14.65 8.47
C ILE B 387 8.40 -14.08 8.92
N ASP B 388 8.47 -12.77 9.05
CA ASP B 388 9.65 -12.15 9.63
C ASP B 388 9.24 -11.39 10.87
N ASP B 389 10.02 -11.54 11.93
CA ASP B 389 9.85 -10.75 13.15
C ASP B 389 10.80 -11.22 14.24
N LEU B 390 10.77 -10.53 15.37
CA LEU B 390 11.40 -11.04 16.57
C LEU B 390 10.77 -12.42 16.74
N ASP B 391 11.51 -13.36 17.30
CA ASP B 391 11.26 -14.80 17.12
C ASP B 391 12.03 -15.36 15.92
N GLY B 392 12.71 -14.47 15.19
CA GLY B 392 13.49 -14.90 14.04
C GLY B 392 12.60 -15.26 12.87
N ASP B 393 13.20 -15.63 11.74
CA ASP B 393 12.38 -15.94 10.57
C ASP B 393 11.94 -17.40 10.56
N ARG B 394 10.64 -17.59 10.69
CA ARG B 394 10.05 -18.92 10.72
C ARG B 394 9.14 -19.09 9.52
N GLN B 395 8.45 -20.22 9.46
CA GLN B 395 7.55 -20.50 8.35
C GLN B 395 6.30 -21.20 8.85
N GLU B 396 5.14 -20.75 8.38
CA GLU B 396 3.88 -21.38 8.74
C GLU B 396 3.33 -22.19 7.57
N GLU B 397 3.02 -23.45 7.81
CA GLU B 397 2.34 -24.28 6.81
C GLU B 397 0.84 -24.31 7.07
N PHE B 398 0.42 -23.71 8.18
CA PHE B 398 -1.00 -23.55 8.44
C PHE B 398 -1.31 -22.07 8.62
N ILE B 399 -2.00 -21.48 7.65
CA ILE B 399 -2.37 -20.08 7.71
C ILE B 399 -3.88 -19.99 7.83
N PHE B 400 -4.35 -19.13 8.72
CA PHE B 400 -5.78 -19.04 8.97
C PHE B 400 -6.24 -17.60 8.82
N HIS B 401 -7.10 -17.36 7.83
CA HIS B 401 -7.65 -16.03 7.63
C HIS B 401 -9.13 -15.97 7.92
N TYR B 402 -9.56 -14.84 8.46
CA TYR B 402 -10.95 -14.59 8.81
C TYR B 402 -11.25 -13.18 8.35
N ASN B 403 -12.35 -13.00 7.62
CA ASN B 403 -12.80 -11.64 7.32
C ASN B 403 -14.30 -11.41 7.43
N PHE B 404 -14.65 -10.15 7.69
CA PHE B 404 -15.93 -9.79 8.26
C PHE B 404 -16.50 -8.60 7.46
N PRO B 405 -17.21 -8.91 6.36
CA PRO B 405 -17.75 -7.91 5.42
C PRO B 405 -18.94 -7.15 5.97
N PRO B 406 -19.08 -5.87 5.59
CA PRO B 406 -20.12 -4.97 6.09
C PRO B 406 -21.54 -5.44 5.80
N PHE B 407 -21.72 -6.39 4.86
CA PHE B 407 -23.06 -6.87 4.54
C PHE B 407 -23.55 -7.98 5.48
N CYS B 408 -22.66 -8.51 6.32
CA CYS B 408 -23.04 -9.50 7.31
C CYS B 408 -23.72 -8.82 8.49
N VAL B 409 -23.33 -7.57 8.73
CA VAL B 409 -23.98 -6.76 9.75
C VAL B 409 -25.13 -5.96 9.14
N GLY B 410 -25.20 -5.96 7.81
CA GLY B 410 -26.22 -5.22 7.09
C GLY B 410 -25.80 -3.79 6.82
N GLU B 411 -24.48 -3.56 6.73
CA GLU B 411 -23.96 -2.21 6.59
C GLU B 411 -23.30 -1.92 5.25
N VAL B 412 -22.84 -0.69 5.12
CA VAL B 412 -22.09 -0.23 3.97
C VAL B 412 -20.76 0.31 4.48
N GLY B 413 -19.66 -0.25 3.98
CA GLY B 413 -18.34 0.15 4.44
C GLY B 413 -17.27 -0.06 3.38
N PHE B 414 -16.03 0.27 3.74
CA PHE B 414 -14.91 0.19 2.81
C PHE B 414 -14.29 -1.21 2.84
N MSE B 415 -13.92 -1.69 1.66
CA MSE B 415 -13.49 -3.08 1.46
C MSE B 415 -11.99 -3.32 1.61
O MSE B 415 -11.48 -4.39 1.29
CB MSE B 415 -13.98 -3.62 0.10
CG MSE B 415 -15.47 -3.89 0.06
SE MSE B 415 -16.06 -5.07 1.51
CE MSE B 415 -14.94 -6.62 1.12
N SER B 416 -11.29 -2.32 2.12
CA SER B 416 -9.83 -2.36 2.17
C SER B 416 -9.34 -3.44 3.13
N GLY B 417 -8.03 -3.52 3.32
CA GLY B 417 -7.40 -4.67 3.95
C GLY B 417 -7.92 -5.02 5.34
N PRO B 418 -7.55 -6.21 5.82
CA PRO B 418 -8.08 -6.78 7.07
C PRO B 418 -7.89 -5.91 8.31
N LYS B 419 -8.97 -5.71 9.05
CA LYS B 419 -8.97 -4.92 10.29
C LYS B 419 -8.34 -5.69 11.44
N ARG B 420 -7.90 -4.95 12.46
CA ARG B 420 -7.29 -5.54 13.65
C ARG B 420 -8.10 -6.69 14.25
N ARG B 421 -9.42 -6.52 14.34
CA ARG B 421 -10.30 -7.59 14.82
C ARG B 421 -10.27 -8.80 13.88
N GLU B 422 -10.34 -8.53 12.58
CA GLU B 422 -10.29 -9.61 11.58
C GLU B 422 -9.01 -10.44 11.71
N ILE B 423 -7.89 -9.80 12.01
CA ILE B 423 -6.68 -10.54 12.35
C ILE B 423 -6.84 -11.22 13.71
N GLY B 424 -7.25 -10.44 14.70
CA GLY B 424 -7.42 -10.95 16.05
C GLY B 424 -8.31 -12.17 16.14
N HIS B 425 -9.41 -12.16 15.39
CA HIS B 425 -10.36 -13.26 15.40
C HIS B 425 -9.86 -14.43 14.58
N GLY B 426 -9.15 -14.13 13.50
CA GLY B 426 -8.51 -15.18 12.72
C GLY B 426 -7.56 -15.94 13.62
N ARG B 427 -6.74 -15.21 14.36
CA ARG B 427 -5.75 -15.81 15.24
C ARG B 427 -6.39 -16.73 16.27
N LEU B 428 -7.43 -16.25 16.93
CA LEU B 428 -8.14 -17.03 17.95
C LEU B 428 -8.73 -18.31 17.36
N ALA B 429 -9.51 -18.16 16.30
CA ALA B 429 -10.08 -19.30 15.61
C ALA B 429 -8.99 -20.30 15.27
N LYS B 430 -7.89 -19.78 14.73
CA LYS B 430 -6.76 -20.60 14.33
C LYS B 430 -6.21 -21.44 15.48
N ARG B 431 -5.87 -20.80 16.60
CA ARG B 431 -5.26 -21.54 17.71
C ARG B 431 -6.26 -22.44 18.45
N ALA B 432 -7.54 -22.23 18.21
CA ALA B 432 -8.54 -23.19 18.66
C ALA B 432 -8.33 -24.49 17.89
N VAL B 433 -8.20 -24.34 16.57
CA VAL B 433 -8.12 -25.48 15.66
C VAL B 433 -6.75 -26.15 15.65
N VAL B 434 -5.69 -25.35 15.79
CA VAL B 434 -4.32 -25.86 15.63
C VAL B 434 -4.03 -27.21 16.29
N PRO B 435 -4.44 -27.39 17.56
CA PRO B 435 -4.13 -28.66 18.24
C PRO B 435 -4.63 -29.90 17.50
N VAL B 436 -5.74 -29.78 16.78
CA VAL B 436 -6.28 -30.92 16.05
C VAL B 436 -5.87 -30.94 14.59
N VAL B 437 -5.16 -29.90 14.14
CA VAL B 437 -4.60 -29.91 12.80
C VAL B 437 -3.45 -30.89 12.76
N PRO B 438 -3.46 -31.79 11.76
CA PRO B 438 -2.44 -32.85 11.67
C PRO B 438 -1.06 -32.24 11.55
N THR B 439 -0.04 -33.04 11.85
CA THR B 439 1.33 -32.55 11.74
C THR B 439 1.78 -32.52 10.29
N LEU B 440 2.99 -32.01 10.08
CA LEU B 440 3.68 -32.02 8.81
C LEU B 440 3.88 -33.46 8.33
N ASP B 441 4.21 -34.31 9.29
CA ASP B 441 4.57 -35.69 9.03
C ASP B 441 3.45 -36.42 8.30
N LYS B 442 2.30 -36.57 8.95
CA LYS B 442 1.15 -37.19 8.31
C LYS B 442 0.86 -36.44 7.03
N PHE B 443 0.38 -35.21 7.19
CA PHE B 443 -0.15 -34.44 6.08
C PHE B 443 0.87 -33.44 5.57
N PRO B 444 1.48 -33.74 4.41
CA PRO B 444 2.56 -32.94 3.84
C PRO B 444 2.04 -31.87 2.92
N TYR B 445 1.10 -31.06 3.39
CA TYR B 445 0.59 -29.96 2.60
C TYR B 445 0.71 -28.64 3.34
N VAL B 446 0.34 -27.58 2.65
CA VAL B 446 0.13 -26.30 3.31
C VAL B 446 -1.37 -26.06 3.24
N ILE B 447 -1.92 -25.52 4.33
CA ILE B 447 -3.35 -25.37 4.44
C ILE B 447 -3.70 -23.91 4.61
N ARG B 448 -4.59 -23.42 3.76
CA ARG B 448 -5.14 -22.08 3.96
C ARG B 448 -6.65 -22.14 4.16
N VAL B 449 -7.07 -21.76 5.36
CA VAL B 449 -8.48 -21.67 5.69
C VAL B 449 -8.91 -20.21 5.62
N VAL B 450 -10.00 -19.94 4.93
CA VAL B 450 -10.56 -18.60 4.93
C VAL B 450 -12.02 -18.64 5.39
N SER B 451 -12.28 -18.08 6.57
CA SER B 451 -13.63 -18.00 7.10
C SER B 451 -14.25 -16.65 6.74
N GLU B 452 -15.38 -16.70 6.06
CA GLU B 452 -16.06 -15.49 5.61
C GLU B 452 -17.39 -15.35 6.33
N ILE B 453 -17.58 -14.26 7.06
CA ILE B 453 -18.81 -14.11 7.84
C ILE B 453 -19.84 -13.40 6.97
N LEU B 454 -20.86 -14.14 6.56
CA LEU B 454 -21.92 -13.58 5.73
C LEU B 454 -23.09 -12.99 6.52
N GLU B 455 -23.19 -13.37 7.79
CA GLU B 455 -24.12 -12.74 8.72
C GLU B 455 -23.54 -12.88 10.12
N SER B 456 -23.64 -11.83 10.92
CA SER B 456 -23.22 -11.96 12.33
C SER B 456 -24.20 -11.30 13.30
N ASN B 457 -24.89 -12.10 14.11
CA ASN B 457 -25.56 -11.55 15.29
C ASN B 457 -24.80 -11.77 16.59
N GLY B 458 -23.82 -12.68 16.57
CA GLY B 458 -22.86 -12.80 17.65
C GLY B 458 -21.88 -13.96 17.50
N SER B 459 -20.70 -13.77 18.09
CA SER B 459 -19.59 -14.73 17.98
C SER B 459 -19.44 -15.40 16.62
N SER B 460 -19.15 -14.61 15.59
CA SER B 460 -18.80 -15.15 14.29
C SER B 460 -17.46 -15.83 14.45
N SER B 461 -16.69 -15.35 15.41
CA SER B 461 -15.41 -15.96 15.76
C SER B 461 -15.52 -17.47 15.96
N MSE B 462 -16.51 -17.89 16.74
CA MSE B 462 -16.68 -19.30 17.06
C MSE B 462 -17.23 -20.10 15.87
O MSE B 462 -16.93 -21.29 15.73
CB MSE B 462 -17.56 -19.48 18.29
CG MSE B 462 -16.91 -19.02 19.60
SE MSE B 462 -15.19 -19.86 20.00
CE MSE B 462 -14.00 -18.59 19.11
N ALA B 463 -18.02 -19.46 15.03
CA ALA B 463 -18.55 -20.10 13.84
C ALA B 463 -17.43 -20.45 12.86
N SER B 464 -16.39 -19.62 12.87
CA SER B 464 -15.22 -19.86 12.03
C SER B 464 -14.58 -21.19 12.44
N VAL B 465 -14.38 -21.37 13.74
CA VAL B 465 -13.83 -22.61 14.26
C VAL B 465 -14.68 -23.81 13.87
N CYS B 466 -15.95 -23.79 14.28
CA CYS B 466 -16.91 -24.81 13.89
C CYS B 466 -16.81 -25.03 12.39
N GLY B 467 -17.11 -23.97 11.64
CA GLY B 467 -17.08 -24.00 10.20
C GLY B 467 -15.80 -24.58 9.63
N SER B 468 -14.65 -24.15 10.15
CA SER B 468 -13.37 -24.60 9.61
C SER B 468 -13.12 -26.08 9.90
N SER B 469 -13.51 -26.52 11.08
CA SER B 469 -13.34 -27.93 11.43
C SER B 469 -14.03 -28.79 10.38
N LEU B 470 -15.16 -28.32 9.88
CA LEU B 470 -15.91 -29.04 8.86
C LEU B 470 -15.25 -28.89 7.50
N ALA B 471 -14.74 -27.70 7.22
CA ALA B 471 -14.08 -27.42 5.94
C ALA B 471 -12.75 -28.14 5.83
N LEU B 472 -12.06 -28.31 6.95
CA LEU B 472 -10.80 -29.05 6.96
C LEU B 472 -11.03 -30.54 6.66
N MSE B 473 -11.97 -31.14 7.38
CA MSE B 473 -12.33 -32.53 7.13
C MSE B 473 -12.89 -32.70 5.71
O MSE B 473 -12.45 -33.58 4.97
CB MSE B 473 -13.36 -33.01 8.17
CG MSE B 473 -12.76 -33.29 9.53
SE MSE B 473 -14.11 -33.78 10.86
CE MSE B 473 -12.92 -34.44 12.27
N ASP B 474 -13.83 -31.84 5.36
CA ASP B 474 -14.45 -31.87 4.03
C ASP B 474 -13.41 -31.80 2.92
N ALA B 475 -12.24 -31.25 3.24
CA ALA B 475 -11.15 -31.13 2.28
C ALA B 475 -10.16 -32.30 2.35
N GLY B 476 -10.37 -33.21 3.30
CA GLY B 476 -9.54 -34.39 3.42
C GLY B 476 -8.38 -34.28 4.39
N VAL B 477 -8.34 -33.19 5.15
CA VAL B 477 -7.28 -32.98 6.13
C VAL B 477 -7.51 -33.86 7.37
N PRO B 478 -6.53 -34.74 7.67
CA PRO B 478 -6.65 -35.79 8.69
C PRO B 478 -6.56 -35.26 10.11
N THR B 479 -7.60 -34.56 10.57
CA THR B 479 -7.61 -33.94 11.88
C THR B 479 -7.76 -34.95 13.02
N LYS B 480 -7.35 -34.54 14.22
CA LYS B 480 -7.38 -35.42 15.38
C LYS B 480 -8.79 -35.65 15.91
N ALA B 481 -9.65 -34.65 15.76
CA ALA B 481 -11.02 -34.71 16.25
C ALA B 481 -11.77 -33.44 15.87
N PRO B 482 -13.09 -33.56 15.66
CA PRO B 482 -13.92 -32.40 15.28
C PRO B 482 -13.96 -31.35 16.38
N VAL B 483 -13.78 -30.08 16.03
CA VAL B 483 -13.67 -29.02 17.04
C VAL B 483 -14.70 -27.90 16.88
N ALA B 484 -15.32 -27.52 17.98
CA ALA B 484 -16.33 -26.47 17.99
C ALA B 484 -16.15 -25.49 19.15
N GLY B 485 -16.87 -24.36 19.10
CA GLY B 485 -16.73 -23.31 20.11
C GLY B 485 -18.00 -22.53 20.36
N ILE B 486 -18.06 -21.91 21.53
CA ILE B 486 -19.26 -21.21 22.01
C ILE B 486 -18.91 -19.88 22.70
N ALA B 487 -19.83 -18.92 22.64
CA ALA B 487 -19.63 -17.60 23.25
C ALA B 487 -20.56 -17.35 24.43
N MSE B 488 -19.97 -17.03 25.58
CA MSE B 488 -20.72 -16.84 26.82
C MSE B 488 -20.61 -15.41 27.34
O MSE B 488 -19.67 -14.68 27.04
CB MSE B 488 -20.19 -17.78 27.90
CG MSE B 488 -19.82 -19.16 27.40
SE MSE B 488 -21.36 -20.31 27.02
CE MSE B 488 -21.97 -20.54 28.85
N GLY B 489 -21.62 -15.01 28.12
CA GLY B 489 -21.60 -13.73 28.79
C GLY B 489 -22.43 -13.86 30.04
N LEU B 490 -22.41 -12.82 30.89
CA LEU B 490 -23.29 -12.81 32.04
C LEU B 490 -23.88 -11.44 32.32
N ILE B 491 -24.87 -11.42 33.20
CA ILE B 491 -25.46 -10.18 33.66
C ILE B 491 -25.51 -10.19 35.18
N LYS B 492 -24.72 -9.31 35.80
CA LYS B 492 -24.61 -9.29 37.25
C LYS B 492 -24.97 -7.93 37.83
N GLU B 493 -25.82 -7.95 38.84
CA GLU B 493 -26.06 -6.79 39.69
C GLU B 493 -25.97 -7.27 41.12
N ASN B 494 -24.98 -6.76 41.86
CA ASN B 494 -24.74 -7.22 43.22
C ASN B 494 -24.40 -8.71 43.28
N ASP B 495 -25.17 -9.44 44.06
CA ASP B 495 -24.96 -10.88 44.25
C ASP B 495 -25.49 -11.74 43.10
N LYS B 496 -26.57 -11.29 42.46
CA LYS B 496 -27.31 -12.12 41.52
C LYS B 496 -26.75 -12.04 40.09
N TYR B 497 -26.72 -13.19 39.42
CA TYR B 497 -26.19 -13.27 38.06
C TYR B 497 -26.83 -14.41 37.26
N ALA B 498 -26.97 -14.21 35.95
CA ALA B 498 -27.36 -15.27 35.04
C ALA B 498 -26.25 -15.46 34.01
N VAL B 499 -25.83 -16.70 33.81
CA VAL B 499 -24.81 -17.02 32.81
C VAL B 499 -25.46 -17.37 31.48
N LEU B 500 -25.24 -16.52 30.48
CA LEU B 500 -25.87 -16.70 29.18
C LEU B 500 -25.02 -17.60 28.30
N SER B 501 -25.67 -18.44 27.51
CA SER B 501 -24.98 -19.35 26.60
C SER B 501 -25.22 -18.91 25.16
N ASP B 502 -24.23 -19.15 24.30
CA ASP B 502 -24.33 -18.74 22.90
C ASP B 502 -24.81 -17.29 22.80
N ILE B 503 -24.02 -16.36 23.32
CA ILE B 503 -24.40 -14.96 23.38
C ILE B 503 -24.67 -14.37 22.01
N LEU B 504 -25.54 -13.37 21.96
CA LEU B 504 -25.79 -12.64 20.72
C LEU B 504 -25.36 -11.19 20.92
N GLY B 505 -25.13 -10.48 19.82
CA GLY B 505 -24.44 -9.21 19.88
C GLY B 505 -24.94 -8.32 20.99
N ASP B 506 -26.27 -8.23 21.12
CA ASP B 506 -26.88 -7.41 22.14
C ASP B 506 -26.39 -7.77 23.55
N GLU B 507 -26.32 -9.06 23.85
CA GLU B 507 -25.94 -9.50 25.19
C GLU B 507 -24.45 -9.32 25.47
N ASP B 508 -23.66 -9.13 24.42
CA ASP B 508 -22.25 -8.79 24.57
C ASP B 508 -22.12 -7.31 24.84
N HIS B 509 -22.91 -6.52 24.12
CA HIS B 509 -22.86 -5.07 24.22
C HIS B 509 -23.44 -4.59 25.56
N LEU B 510 -24.61 -5.13 25.90
CA LEU B 510 -25.32 -4.71 27.10
C LEU B 510 -25.03 -5.62 28.28
N GLY B 511 -24.20 -6.63 28.04
CA GLY B 511 -23.83 -7.60 29.07
C GLY B 511 -22.53 -7.25 29.78
N ASP B 512 -22.17 -8.06 30.78
CA ASP B 512 -21.00 -7.78 31.59
C ASP B 512 -19.71 -8.52 31.18
N MSE B 513 -19.82 -9.48 30.28
CA MSE B 513 -18.63 -10.16 29.78
C MSE B 513 -18.87 -10.85 28.44
O MSE B 513 -20.02 -11.06 28.04
CB MSE B 513 -18.14 -11.20 30.78
CG MSE B 513 -18.71 -12.59 30.55
SE MSE B 513 -18.16 -13.88 31.92
CE MSE B 513 -19.40 -15.32 31.48
N ASP B 514 -17.79 -11.17 27.76
CA ASP B 514 -17.83 -11.99 26.57
C ASP B 514 -16.79 -13.08 26.78
N PHE B 515 -17.26 -14.31 26.85
CA PHE B 515 -16.47 -15.42 27.35
C PHE B 515 -16.44 -16.52 26.29
N LYS B 516 -15.27 -16.72 25.66
CA LYS B 516 -15.17 -17.59 24.50
C LYS B 516 -14.42 -18.87 24.79
N VAL B 517 -15.09 -20.00 24.55
CA VAL B 517 -14.50 -21.30 24.81
C VAL B 517 -14.62 -22.20 23.58
N ALA B 518 -13.49 -22.74 23.13
CA ALA B 518 -13.48 -23.68 22.01
C ALA B 518 -12.70 -24.92 22.39
N GLY B 519 -13.02 -26.04 21.75
CA GLY B 519 -12.30 -27.28 21.97
C GLY B 519 -13.06 -28.47 21.42
N THR B 520 -12.55 -29.66 21.73
CA THR B 520 -13.22 -30.89 21.36
C THR B 520 -13.86 -31.50 22.61
N SER B 521 -14.49 -32.65 22.43
CA SER B 521 -15.15 -33.34 23.54
C SER B 521 -14.21 -33.65 24.69
N ASN B 522 -12.93 -33.80 24.39
CA ASN B 522 -11.95 -34.20 25.40
C ASN B 522 -11.31 -33.04 26.15
N GLY B 523 -11.53 -31.82 25.68
CA GLY B 523 -10.95 -30.67 26.34
C GLY B 523 -10.99 -29.38 25.55
N VAL B 524 -10.52 -28.31 26.20
CA VAL B 524 -10.56 -26.97 25.63
C VAL B 524 -9.29 -26.64 24.84
N THR B 525 -9.46 -26.36 23.56
CA THR B 525 -8.34 -25.96 22.72
C THR B 525 -7.99 -24.46 22.80
N ALA B 526 -9.00 -23.61 22.99
CA ALA B 526 -8.75 -22.18 23.17
C ALA B 526 -9.76 -21.51 24.11
N LEU B 527 -9.27 -20.60 24.94
CA LEU B 527 -10.14 -19.86 25.87
C LEU B 527 -9.86 -18.37 25.84
N GLN B 528 -10.88 -17.58 25.52
CA GLN B 528 -10.72 -16.14 25.41
C GLN B 528 -11.74 -15.37 26.26
N MSE B 529 -11.22 -14.49 27.11
CA MSE B 529 -12.07 -13.71 28.00
C MSE B 529 -11.92 -12.21 27.81
O MSE B 529 -10.81 -11.69 27.72
CB MSE B 529 -11.77 -14.03 29.47
CG MSE B 529 -12.07 -15.45 29.90
SE MSE B 529 -12.17 -15.55 31.84
CE MSE B 529 -11.75 -17.43 32.09
N ASP B 530 -13.05 -11.52 27.75
CA ASP B 530 -13.07 -10.07 27.88
C ASP B 530 -14.14 -9.69 28.91
N ILE B 531 -13.71 -9.09 30.00
CA ILE B 531 -14.57 -8.84 31.15
C ILE B 531 -14.74 -7.35 31.43
N LYS B 532 -15.98 -6.86 31.34
CA LYS B 532 -16.26 -5.44 31.50
C LYS B 532 -16.33 -5.00 32.95
N ILE B 533 -16.86 -5.87 33.80
CA ILE B 533 -17.11 -5.52 35.18
C ILE B 533 -16.01 -6.11 36.06
N GLU B 534 -16.07 -5.80 37.36
CA GLU B 534 -15.08 -6.24 38.31
C GLU B 534 -15.77 -6.89 39.48
N GLY B 535 -15.11 -7.86 40.11
CA GLY B 535 -15.70 -8.63 41.17
C GLY B 535 -16.42 -9.86 40.64
N ILE B 536 -15.97 -10.34 39.47
CA ILE B 536 -16.39 -11.65 38.99
C ILE B 536 -15.56 -12.69 39.72
N THR B 537 -16.20 -13.80 40.10
CA THR B 537 -15.55 -14.78 40.96
C THR B 537 -15.37 -16.11 40.23
N LYS B 538 -14.43 -16.91 40.70
CA LYS B 538 -14.18 -18.21 40.08
C LYS B 538 -15.45 -19.05 40.05
N GLU B 539 -16.33 -18.84 41.04
CA GLU B 539 -17.62 -19.53 41.07
C GLU B 539 -18.38 -19.31 39.76
N ILE B 540 -18.56 -18.04 39.39
CA ILE B 540 -19.22 -17.72 38.14
C ILE B 540 -18.44 -18.31 36.97
N MSE B 541 -17.14 -18.04 36.95
CA MSE B 541 -16.24 -18.56 35.92
C MSE B 541 -16.31 -20.08 35.85
O MSE B 541 -16.32 -20.66 34.77
CB MSE B 541 -14.81 -18.12 36.21
CG MSE B 541 -14.29 -17.03 35.30
SE MSE B 541 -12.53 -16.43 35.88
CE MSE B 541 -13.02 -15.70 37.62
N GLU B 542 -16.36 -20.72 37.02
CA GLU B 542 -16.41 -22.17 37.09
C GLU B 542 -17.69 -22.65 36.45
N GLN B 543 -18.78 -21.92 36.68
CA GLN B 543 -20.09 -22.26 36.11
C GLN B 543 -20.15 -22.01 34.61
N ALA B 544 -19.41 -21.01 34.14
CA ALA B 544 -19.47 -20.61 32.75
C ALA B 544 -18.66 -21.52 31.82
N LEU B 545 -17.70 -22.24 32.39
CA LEU B 545 -16.83 -23.11 31.61
C LEU B 545 -17.54 -24.40 31.15
N ASP B 546 -18.54 -24.81 31.91
CA ASP B 546 -19.32 -26.02 31.67
C ASP B 546 -20.53 -25.70 30.80
N GLN B 547 -21.37 -24.80 31.29
CA GLN B 547 -22.51 -24.34 30.51
C GLN B 547 -21.99 -24.08 29.09
N ALA B 548 -20.72 -23.68 29.02
CA ALA B 548 -20.00 -23.67 27.76
C ALA B 548 -19.72 -25.10 27.31
N LYS B 549 -19.19 -25.92 28.22
CA LYS B 549 -18.88 -27.31 27.90
C LYS B 549 -20.10 -28.04 27.31
N GLU B 550 -21.26 -27.86 27.93
CA GLU B 550 -22.50 -28.38 27.37
C GLU B 550 -22.64 -27.89 25.95
N GLY B 551 -22.83 -26.58 25.82
CA GLY B 551 -23.09 -25.95 24.53
C GLY B 551 -22.15 -26.44 23.46
N ARG B 552 -20.89 -26.60 23.84
CA ARG B 552 -19.89 -27.14 22.92
C ARG B 552 -20.33 -28.51 22.43
N LEU B 553 -20.54 -29.42 23.37
CA LEU B 553 -20.94 -30.78 23.03
C LEU B 553 -22.26 -30.80 22.27
N HIS B 554 -23.16 -29.89 22.61
CA HIS B 554 -24.43 -29.78 21.90
C HIS B 554 -24.18 -29.51 20.42
N ILE B 555 -23.31 -28.53 20.16
CA ILE B 555 -22.99 -28.14 18.79
C ILE B 555 -22.19 -29.22 18.06
N LEU B 556 -21.32 -29.89 18.79
CA LEU B 556 -20.54 -30.98 18.21
C LEU B 556 -21.45 -32.10 17.69
N SER B 557 -22.44 -32.49 18.48
CA SER B 557 -23.40 -33.48 18.04
C SER B 557 -24.04 -33.07 16.73
N ILE B 558 -24.62 -31.88 16.68
CA ILE B 558 -25.28 -31.38 15.48
C ILE B 558 -24.31 -31.31 14.29
N MSE B 559 -23.05 -31.08 14.57
CA MSE B 559 -22.01 -31.06 13.54
C MSE B 559 -21.75 -32.46 12.99
O MSE B 559 -21.80 -32.68 11.78
CB MSE B 559 -20.70 -30.47 14.09
CG MSE B 559 -20.63 -28.96 14.02
SE MSE B 559 -19.00 -28.23 14.83
CE MSE B 559 -17.67 -29.16 13.74
N ASN B 560 -21.48 -33.41 13.90
CA ASN B 560 -21.05 -34.75 13.51
C ASN B 560 -22.08 -35.51 12.65
N LYS B 561 -23.31 -35.00 12.60
CA LYS B 561 -24.36 -35.62 11.81
C LYS B 561 -24.13 -35.42 10.31
N VAL B 562 -23.31 -34.43 9.98
CA VAL B 562 -22.98 -34.13 8.58
C VAL B 562 -21.60 -34.67 8.26
N LEU B 563 -20.60 -34.18 8.97
CA LEU B 563 -19.26 -34.75 8.88
C LEU B 563 -18.68 -35.09 10.25
N ASP B 564 -18.55 -36.39 10.52
CA ASP B 564 -17.98 -36.88 11.77
C ASP B 564 -16.44 -36.98 11.77
N LYS B 565 -15.87 -37.38 10.63
CA LYS B 565 -14.44 -37.64 10.53
C LYS B 565 -13.86 -37.00 9.27
N PRO B 566 -12.52 -36.88 9.21
CA PRO B 566 -11.86 -36.43 7.99
C PRO B 566 -12.15 -37.40 6.86
N ARG B 567 -12.36 -36.90 5.64
CA ARG B 567 -12.52 -37.76 4.49
C ARG B 567 -11.23 -38.53 4.26
N SER B 568 -11.33 -39.75 3.74
CA SER B 568 -10.19 -40.63 3.59
C SER B 568 -9.23 -40.21 2.49
N GLN B 569 -9.60 -39.18 1.73
CA GLN B 569 -8.78 -38.73 0.63
C GLN B 569 -8.82 -37.21 0.48
N VAL B 570 -7.76 -36.65 -0.08
CA VAL B 570 -7.74 -35.22 -0.40
C VAL B 570 -8.65 -35.00 -1.61
N SER B 571 -8.70 -33.78 -2.11
CA SER B 571 -9.54 -33.48 -3.26
C SER B 571 -8.80 -33.74 -4.57
N ASP B 572 -9.54 -33.62 -5.67
CA ASP B 572 -9.01 -33.89 -7.01
C ASP B 572 -8.25 -32.69 -7.56
N LEU B 573 -8.71 -31.50 -7.19
CA LEU B 573 -8.11 -30.26 -7.64
C LEU B 573 -7.01 -29.86 -6.67
N ALA B 574 -6.86 -30.65 -5.61
CA ALA B 574 -5.82 -30.42 -4.63
C ALA B 574 -4.47 -30.79 -5.22
N PRO B 575 -3.42 -30.06 -4.83
CA PRO B 575 -2.10 -30.42 -5.35
C PRO B 575 -1.83 -31.88 -5.03
N GLN B 576 -1.44 -32.65 -6.03
CA GLN B 576 -1.15 -34.06 -5.81
C GLN B 576 0.25 -34.40 -6.29
N TYR B 577 0.85 -35.40 -5.67
CA TYR B 577 2.22 -35.77 -6.00
C TYR B 577 2.34 -36.63 -7.24
N VAL B 578 3.37 -36.37 -8.03
CA VAL B 578 3.73 -37.21 -9.16
C VAL B 578 4.94 -38.03 -8.76
N THR B 579 4.87 -39.35 -8.94
CA THR B 579 5.93 -40.21 -8.43
C THR B 579 6.65 -41.01 -9.52
N MSE B 580 7.97 -40.91 -9.51
CA MSE B 580 8.82 -41.63 -10.46
C MSE B 580 10.08 -42.10 -9.75
O MSE B 580 10.59 -41.41 -8.87
CB MSE B 580 9.16 -40.73 -11.65
CG MSE B 580 9.76 -39.39 -11.25
SE MSE B 580 9.95 -38.19 -12.78
CE MSE B 580 11.19 -39.26 -13.85
N LYS B 581 10.57 -43.27 -10.13
CA LYS B 581 11.72 -43.86 -9.45
C LYS B 581 13.01 -43.78 -10.28
N ILE B 582 14.10 -43.44 -9.59
CA ILE B 582 15.37 -43.17 -10.25
C ILE B 582 16.47 -44.12 -9.76
N ASN B 583 17.42 -44.43 -10.64
CA ASN B 583 18.59 -45.20 -10.25
C ASN B 583 19.35 -44.38 -9.21
N PRO B 584 19.48 -44.91 -7.99
CA PRO B 584 20.13 -44.20 -6.89
C PRO B 584 21.47 -43.60 -7.29
N GLU B 585 22.10 -44.18 -8.30
CA GLU B 585 23.31 -43.59 -8.85
C GLU B 585 22.95 -42.31 -9.60
N LYS B 586 21.84 -42.33 -10.33
CA LYS B 586 21.44 -41.17 -11.12
C LYS B 586 21.03 -40.01 -10.23
N ILE B 587 21.04 -40.25 -8.91
CA ILE B 587 20.81 -39.17 -7.95
C ILE B 587 21.93 -38.13 -7.96
N ARG B 588 23.16 -38.54 -8.26
CA ARG B 588 24.28 -37.60 -8.25
C ARG B 588 23.96 -36.39 -9.13
N ASP B 589 23.08 -36.59 -10.12
CA ASP B 589 22.75 -35.57 -11.10
C ASP B 589 21.62 -34.64 -10.64
N VAL B 590 20.42 -35.17 -10.52
CA VAL B 590 19.20 -34.37 -10.36
C VAL B 590 19.24 -33.35 -9.21
N ILE B 591 19.99 -33.63 -8.15
CA ILE B 591 20.20 -32.65 -7.09
C ILE B 591 21.28 -31.65 -7.51
N GLY B 592 22.18 -32.10 -8.38
CA GLY B 592 23.22 -31.24 -8.92
C GLY B 592 24.28 -30.92 -7.88
N LYS B 593 25.35 -30.25 -8.32
CA LYS B 593 26.42 -29.87 -7.41
C LYS B 593 25.96 -28.69 -6.58
N GLY B 594 25.98 -28.84 -5.26
CA GLY B 594 25.54 -27.80 -4.36
C GLY B 594 24.03 -27.74 -4.19
N GLY B 595 23.32 -28.52 -5.00
CA GLY B 595 21.87 -28.56 -4.96
C GLY B 595 21.22 -27.56 -5.90
N VAL B 596 21.96 -27.15 -6.92
CA VAL B 596 21.53 -26.08 -7.82
C VAL B 596 20.52 -26.51 -8.87
N VAL B 597 20.68 -27.70 -9.43
CA VAL B 597 19.83 -28.12 -10.53
C VAL B 597 18.41 -28.50 -10.07
N ILE B 598 18.29 -29.00 -8.85
CA ILE B 598 16.97 -29.31 -8.31
C ILE B 598 16.21 -28.03 -7.99
N ARG B 599 16.94 -27.01 -7.54
CA ARG B 599 16.32 -25.72 -7.25
C ARG B 599 15.88 -25.04 -8.55
N GLU B 600 16.70 -25.19 -9.60
CA GLU B 600 16.36 -24.68 -10.92
C GLU B 600 15.06 -25.30 -11.42
N ILE B 601 14.92 -26.60 -11.20
CA ILE B 601 13.73 -27.34 -11.63
C ILE B 601 12.48 -26.87 -10.92
N THR B 602 12.55 -26.75 -9.60
CA THR B 602 11.40 -26.37 -8.79
C THR B 602 10.99 -24.92 -9.02
N GLU B 603 11.94 -24.09 -9.45
CA GLU B 603 11.65 -22.70 -9.79
C GLU B 603 11.02 -22.58 -11.16
N ALA B 604 11.44 -23.43 -12.09
CA ALA B 604 10.97 -23.37 -13.47
C ALA B 604 9.57 -23.95 -13.64
N THR B 605 9.30 -25.08 -12.98
CA THR B 605 7.98 -25.71 -13.03
C THR B 605 7.06 -25.28 -11.89
N ASN B 606 7.61 -24.57 -10.91
CA ASN B 606 6.89 -24.23 -9.69
C ASN B 606 6.43 -25.48 -8.93
N CYS B 607 7.10 -26.60 -9.16
CA CYS B 607 6.79 -27.84 -8.48
C CYS B 607 7.83 -28.16 -7.41
N ALA B 608 7.39 -28.37 -6.18
CA ALA B 608 8.28 -28.81 -5.12
C ALA B 608 8.59 -30.29 -5.28
N ILE B 609 9.87 -30.64 -5.37
CA ILE B 609 10.26 -32.02 -5.61
C ILE B 609 10.95 -32.63 -4.38
N ASP B 610 10.45 -33.77 -3.92
CA ASP B 610 11.04 -34.45 -2.78
C ASP B 610 11.59 -35.82 -3.19
N ILE B 611 12.87 -36.04 -2.91
CA ILE B 611 13.60 -37.20 -3.41
C ILE B 611 14.08 -38.14 -2.31
N SER B 612 13.68 -39.40 -2.39
CA SER B 612 14.20 -40.42 -1.48
C SER B 612 15.68 -40.62 -1.79
N ASP B 613 16.51 -40.67 -0.75
CA ASP B 613 17.94 -40.77 -0.95
C ASP B 613 18.24 -41.94 -1.88
N ASP B 614 17.40 -42.95 -1.84
CA ASP B 614 17.25 -43.86 -2.98
C ASP B 614 15.89 -44.56 -3.03
N GLY B 615 15.33 -44.73 -4.22
CA GLY B 615 15.66 -43.91 -5.38
C GLY B 615 14.51 -43.00 -5.80
N THR B 616 13.37 -43.14 -5.12
CA THR B 616 12.11 -42.56 -5.59
C THR B 616 12.02 -41.03 -5.50
N ILE B 617 11.41 -40.44 -6.54
CA ILE B 617 11.13 -39.01 -6.54
C ILE B 617 9.65 -38.79 -6.26
N LYS B 618 9.33 -37.74 -5.51
CA LYS B 618 7.95 -37.37 -5.29
C LYS B 618 7.76 -35.87 -5.53
N ILE B 619 6.95 -35.54 -6.53
CA ILE B 619 6.81 -34.18 -7.02
C ILE B 619 5.48 -33.56 -6.62
N ALA B 620 5.53 -32.34 -6.09
CA ALA B 620 4.31 -31.64 -5.70
C ALA B 620 3.83 -30.75 -6.84
N ALA B 621 2.68 -31.11 -7.42
CA ALA B 621 2.17 -30.41 -8.59
C ALA B 621 0.77 -29.84 -8.40
N HIS B 622 0.66 -28.52 -8.51
CA HIS B 622 -0.64 -27.86 -8.46
C HIS B 622 -1.48 -28.26 -9.67
N THR B 623 -0.82 -28.83 -10.68
CA THR B 623 -1.45 -29.17 -11.94
C THR B 623 -0.84 -30.42 -12.55
N THR B 624 -1.54 -31.02 -13.51
CA THR B 624 -0.97 -32.12 -14.29
C THR B 624 -0.09 -31.55 -15.39
N GLU B 625 -0.31 -30.28 -15.73
CA GLU B 625 0.46 -29.64 -16.79
C GLU B 625 1.90 -29.38 -16.38
N GLU B 626 2.09 -28.98 -15.12
CA GLU B 626 3.43 -28.90 -14.55
C GLU B 626 3.90 -30.28 -14.13
N GLY B 627 3.02 -31.02 -13.48
CA GLY B 627 3.33 -32.36 -13.01
C GLY B 627 3.97 -33.15 -14.12
N GLU B 628 3.46 -32.95 -15.34
CA GLU B 628 4.08 -33.55 -16.51
C GLU B 628 5.26 -32.72 -16.99
N ALA B 629 5.30 -31.46 -16.59
CA ALA B 629 6.40 -30.57 -16.94
C ALA B 629 7.57 -30.72 -15.97
N ALA B 630 7.30 -31.35 -14.82
CA ALA B 630 8.33 -31.60 -13.83
C ALA B 630 9.16 -32.83 -14.20
N LYS B 631 8.47 -33.87 -14.69
CA LYS B 631 9.12 -35.11 -15.07
C LYS B 631 9.99 -34.99 -16.32
N ARG B 632 9.44 -34.41 -17.38
CA ARG B 632 10.18 -34.28 -18.64
C ARG B 632 11.55 -33.70 -18.38
N ARG B 633 11.64 -32.85 -17.36
CA ARG B 633 12.91 -32.25 -16.97
C ARG B 633 13.78 -33.25 -16.19
N ILE B 634 13.14 -34.24 -15.56
CA ILE B 634 13.89 -35.29 -14.86
C ILE B 634 14.17 -36.53 -15.72
N GLU B 635 13.51 -36.66 -16.86
CA GLU B 635 13.84 -37.74 -17.79
C GLU B 635 15.09 -37.33 -18.54
N GLU B 636 15.29 -36.01 -18.58
CA GLU B 636 16.46 -35.38 -19.17
C GLU B 636 17.75 -35.89 -18.54
N LEU B 637 17.98 -35.49 -17.29
CA LEU B 637 19.23 -35.79 -16.58
C LEU B 637 19.48 -37.29 -16.49
N THR B 638 18.42 -38.07 -16.65
CA THR B 638 18.52 -39.52 -16.59
C THR B 638 18.34 -40.10 -18.00
N GLU B 642 21.35 -45.29 -25.79
CA GLU B 642 20.88 -46.63 -25.47
C GLU B 642 19.35 -46.63 -25.39
N LEU B 643 18.70 -47.72 -25.79
CA LEU B 643 19.32 -48.82 -26.54
C LEU B 643 19.00 -48.75 -28.05
N GLY B 644 18.43 -47.62 -28.48
CA GLY B 644 18.15 -47.39 -29.88
C GLY B 644 17.03 -48.18 -30.53
N LYS B 645 15.77 -47.96 -30.12
CA LYS B 645 15.28 -46.79 -29.35
C LYS B 645 15.16 -45.46 -30.14
N VAL B 646 15.80 -45.37 -31.31
CA VAL B 646 15.57 -44.27 -32.25
C VAL B 646 15.40 -42.86 -31.64
N TYR B 647 16.49 -42.26 -31.15
CA TYR B 647 16.40 -40.88 -30.64
C TYR B 647 16.32 -39.90 -31.80
N GLU B 648 16.20 -38.61 -31.47
CA GLU B 648 16.35 -37.54 -32.43
C GLU B 648 17.18 -36.43 -31.80
N GLY B 649 18.35 -36.16 -32.38
CA GLY B 649 19.32 -35.24 -31.79
C GLY B 649 20.24 -34.58 -32.81
N THR B 650 20.75 -33.39 -32.48
CA THR B 650 21.42 -32.52 -33.46
C THR B 650 22.89 -32.80 -33.71
N VAL B 651 23.31 -32.71 -34.98
CA VAL B 651 24.70 -32.94 -35.37
C VAL B 651 25.62 -31.80 -34.95
N VAL B 652 26.80 -32.18 -34.46
CA VAL B 652 27.70 -31.25 -33.79
C VAL B 652 29.07 -31.25 -34.49
N LYS B 653 29.70 -32.42 -34.57
CA LYS B 653 31.00 -32.56 -35.25
C LYS B 653 30.91 -33.41 -36.53
N ILE B 654 31.70 -33.03 -37.53
CA ILE B 654 31.81 -33.79 -38.78
C ILE B 654 33.27 -34.18 -39.06
N THR B 655 33.48 -35.36 -39.62
CA THR B 655 34.83 -35.88 -39.84
C THR B 655 34.92 -36.77 -41.10
N ASP B 656 36.03 -37.50 -41.21
CA ASP B 656 36.26 -38.45 -42.29
C ASP B 656 36.75 -37.76 -43.56
N GLY B 658 32.29 -40.18 -39.66
CA GLY B 658 31.21 -39.38 -40.23
C GLY B 658 30.85 -38.19 -39.37
N ALA B 659 29.62 -38.16 -38.89
CA ALA B 659 29.14 -37.03 -38.11
C ALA B 659 28.63 -37.47 -36.73
N PHE B 660 29.14 -36.82 -35.69
CA PHE B 660 28.67 -37.06 -34.33
C PHE B 660 27.40 -36.24 -34.09
N VAL B 661 26.31 -36.90 -33.74
CA VAL B 661 25.10 -36.15 -33.40
C VAL B 661 24.95 -36.11 -31.89
N GLN B 662 23.98 -35.34 -31.41
CA GLN B 662 23.77 -35.22 -29.97
C GLN B 662 22.44 -35.83 -29.61
N ILE B 663 22.46 -37.04 -29.04
CA ILE B 663 21.23 -37.71 -28.65
C ILE B 663 20.77 -37.53 -27.19
N LEU B 664 21.68 -37.10 -26.32
CA LEU B 664 21.37 -37.12 -24.88
C LEU B 664 20.76 -38.47 -24.51
N THR B 667 24.09 -38.62 -24.55
CA THR B 667 25.39 -38.05 -24.92
C THR B 667 25.55 -38.03 -26.45
N GLN B 668 26.74 -38.35 -26.94
CA GLN B 668 27.00 -38.32 -28.38
C GLN B 668 27.36 -39.72 -28.89
N GLY B 669 27.07 -39.94 -30.16
CA GLY B 669 27.39 -41.19 -30.81
C GLY B 669 27.67 -40.89 -32.26
N LEU B 670 28.39 -41.79 -32.93
CA LEU B 670 28.83 -41.53 -34.28
C LEU B 670 27.79 -41.98 -35.29
N VAL B 671 27.49 -41.11 -36.24
CA VAL B 671 26.81 -41.56 -37.43
C VAL B 671 27.93 -41.86 -38.39
N HIS B 672 28.18 -43.15 -38.65
CA HIS B 672 29.26 -43.48 -39.54
C HIS B 672 28.84 -43.06 -40.94
N ILE B 673 29.82 -42.59 -41.70
CA ILE B 673 29.59 -42.19 -43.07
C ILE B 673 28.99 -43.34 -43.89
N SER B 674 29.30 -44.58 -43.51
CA SER B 674 28.72 -45.74 -44.18
C SER B 674 27.21 -45.82 -43.96
N GLN B 675 26.74 -45.27 -42.84
CA GLN B 675 25.33 -45.35 -42.47
C GLN B 675 24.48 -44.12 -42.80
N ILE B 676 25.11 -43.08 -43.34
CA ILE B 676 24.37 -41.91 -43.82
C ILE B 676 23.45 -42.37 -44.94
N ALA B 677 22.40 -41.60 -45.24
CA ALA B 677 21.40 -42.09 -46.17
C ALA B 677 22.14 -42.67 -47.37
N GLN B 678 21.74 -43.88 -47.77
CA GLN B 678 22.55 -44.74 -48.64
C GLN B 678 22.58 -44.18 -50.05
N GLU B 679 23.11 -44.95 -50.98
CA GLU B 679 23.52 -44.44 -52.29
C GLU B 679 24.99 -43.98 -52.31
N ARG B 680 25.68 -44.12 -51.17
CA ARG B 680 27.14 -43.98 -51.16
C ARG B 680 27.75 -42.58 -50.89
N VAL B 681 26.92 -41.58 -50.63
CA VAL B 681 27.39 -40.22 -50.29
C VAL B 681 28.13 -39.56 -51.44
N ASP B 686 29.29 -32.97 -46.36
CA ASP B 686 27.90 -32.61 -46.56
C ASP B 686 26.94 -33.72 -46.11
N TYR B 687 25.68 -33.60 -46.54
CA TYR B 687 24.55 -34.39 -46.06
C TYR B 687 24.08 -33.77 -44.75
N LEU B 688 24.92 -32.89 -44.22
CA LEU B 688 24.47 -31.79 -43.39
C LEU B 688 25.67 -31.04 -42.81
N GLU B 689 25.46 -29.81 -42.36
CA GLU B 689 26.52 -29.03 -41.74
C GLU B 689 26.54 -29.27 -40.24
N GLU B 690 25.58 -28.68 -39.54
CA GLU B 690 25.49 -28.81 -38.09
C GLU B 690 24.07 -29.15 -37.61
N GLY B 691 23.13 -28.24 -37.80
CA GLY B 691 21.78 -28.43 -37.30
C GLY B 691 21.17 -29.73 -37.79
N GLN B 692 20.13 -30.19 -37.12
CA GLN B 692 19.45 -31.43 -37.50
C GLN B 692 19.40 -31.66 -39.02
N VAL B 696 17.74 -39.92 -35.93
CA VAL B 696 18.96 -40.72 -35.83
C VAL B 696 18.76 -41.94 -34.92
N LYS B 697 18.86 -43.13 -35.52
CA LYS B 697 18.66 -44.39 -34.82
C LYS B 697 19.96 -44.92 -34.22
N VAL B 698 19.88 -45.53 -33.05
CA VAL B 698 21.06 -46.12 -32.41
C VAL B 698 21.20 -47.58 -32.80
N ILE B 699 22.25 -47.90 -33.56
CA ILE B 699 22.47 -49.26 -34.05
C ILE B 699 23.51 -50.13 -33.32
N GLU B 700 24.16 -49.61 -32.28
CA GLU B 700 25.15 -50.41 -31.55
C GLU B 700 25.77 -49.72 -30.32
N ILE B 701 26.41 -50.54 -29.48
CA ILE B 701 27.14 -50.09 -28.29
C ILE B 701 28.32 -51.01 -28.01
N ASP B 702 29.43 -50.43 -27.55
CA ASP B 702 30.63 -51.17 -27.14
C ASP B 702 30.54 -52.66 -27.51
N VAL B 707 29.11 -45.87 -29.13
CA VAL B 707 27.70 -45.77 -29.53
C VAL B 707 27.56 -45.32 -30.99
N ARG B 708 27.21 -46.25 -31.85
CA ARG B 708 26.96 -45.99 -33.27
C ARG B 708 25.55 -45.47 -33.57
N LEU B 709 25.41 -44.77 -34.70
CA LEU B 709 24.12 -44.24 -35.14
C LEU B 709 23.85 -44.52 -36.61
N SER B 710 22.60 -44.30 -37.05
CA SER B 710 22.22 -44.53 -38.43
C SER B 710 21.13 -43.58 -38.93
N MSE B 711 21.00 -43.47 -40.25
CA MSE B 711 19.97 -42.65 -40.86
C MSE B 711 19.21 -43.42 -41.93
O MSE B 711 18.34 -42.87 -42.61
CB MSE B 711 20.56 -41.39 -41.48
CG MSE B 711 21.17 -40.42 -40.49
SE MSE B 711 22.06 -38.95 -41.39
CE MSE B 711 20.51 -38.04 -42.12
N MSE C 20 -34.50 -24.73 5.56
CA MSE C 20 -35.18 -23.47 5.29
C MSE C 20 -35.44 -23.28 3.79
O MSE C 20 -35.44 -24.24 3.03
CB MSE C 20 -34.37 -22.28 5.79
CG MSE C 20 -33.03 -22.08 5.11
SE MSE C 20 -31.56 -22.77 6.20
CE MSE C 20 -30.58 -21.10 6.45
N ASN C 21 -35.70 -22.03 3.42
CA ASN C 21 -35.79 -21.61 2.02
C ASN C 21 -34.99 -20.32 1.86
N LYS C 22 -33.94 -20.32 1.04
CA LYS C 22 -33.62 -21.33 0.01
C LYS C 22 -34.61 -21.45 -1.14
N ILE C 23 -34.62 -20.43 -1.99
CA ILE C 23 -35.35 -20.45 -3.26
C ILE C 23 -34.34 -20.53 -4.39
N ARG C 24 -34.41 -21.62 -5.16
CA ARG C 24 -33.43 -21.89 -6.21
C ARG C 24 -34.06 -21.89 -7.61
N LYS C 25 -33.74 -20.87 -8.41
CA LYS C 25 -34.16 -20.86 -9.80
C LYS C 25 -33.07 -21.36 -10.74
N THR C 26 -33.42 -22.25 -11.64
CA THR C 26 -32.46 -22.83 -12.57
C THR C 26 -32.92 -22.66 -14.01
N PHE C 27 -32.05 -22.10 -14.84
CA PHE C 27 -32.32 -22.04 -16.28
C PHE C 27 -31.07 -22.33 -17.09
N GLN C 28 -31.20 -22.28 -18.41
CA GLN C 28 -30.09 -22.60 -19.30
C GLN C 28 -29.69 -21.42 -20.16
N TYR C 29 -28.49 -20.92 -19.93
CA TYR C 29 -27.95 -19.84 -20.75
C TYR C 29 -26.99 -20.47 -21.73
N GLY C 30 -27.39 -20.54 -23.00
CA GLY C 30 -26.55 -21.14 -24.01
C GLY C 30 -26.05 -22.50 -23.58
N LYS C 31 -24.74 -22.69 -23.65
CA LYS C 31 -24.10 -23.95 -23.34
C LYS C 31 -24.10 -24.29 -21.85
N HIS C 32 -24.26 -23.29 -21.01
CA HIS C 32 -24.06 -23.46 -19.56
C HIS C 32 -25.35 -23.40 -18.76
N GLU C 33 -25.39 -24.16 -17.66
CA GLU C 33 -26.52 -24.11 -16.74
C GLU C 33 -26.32 -23.05 -15.66
N VAL C 34 -27.21 -22.06 -15.63
CA VAL C 34 -27.13 -20.99 -14.66
C VAL C 34 -28.04 -21.26 -13.48
N THR C 35 -27.59 -20.91 -12.29
CA THR C 35 -28.41 -21.11 -11.10
C THR C 35 -28.40 -19.91 -10.15
N PHE C 36 -29.60 -19.43 -9.84
CA PHE C 36 -29.77 -18.40 -8.84
C PHE C 36 -30.36 -19.02 -7.59
N GLU C 37 -29.97 -18.53 -6.42
CA GLU C 37 -30.65 -18.89 -5.19
C GLU C 37 -30.44 -17.86 -4.08
N THR C 38 -31.35 -17.87 -3.12
CA THR C 38 -31.32 -16.93 -2.00
C THR C 38 -31.99 -17.58 -0.80
N GLY C 39 -32.01 -16.88 0.33
CA GLY C 39 -32.69 -17.35 1.51
C GLY C 39 -31.81 -18.20 2.42
N GLU C 40 -30.75 -18.77 1.87
CA GLU C 40 -29.79 -19.53 2.68
C GLU C 40 -28.72 -18.68 3.36
N MSE C 41 -28.13 -17.76 2.60
CA MSE C 41 -26.94 -17.04 3.08
C MSE C 41 -26.97 -15.54 2.79
O MSE C 41 -27.61 -15.09 1.83
CB MSE C 41 -25.66 -17.68 2.53
CG MSE C 41 -25.63 -17.84 1.01
SE MSE C 41 -24.21 -19.04 0.36
CE MSE C 41 -22.63 -17.99 0.79
N ALA C 42 -26.25 -14.78 3.60
CA ALA C 42 -26.26 -13.31 3.53
C ALA C 42 -27.66 -12.77 3.80
N ARG C 43 -28.33 -13.35 4.77
CA ARG C 43 -29.69 -12.98 5.12
C ARG C 43 -29.83 -11.54 5.62
N GLN C 44 -28.83 -11.06 6.35
CA GLN C 44 -28.89 -9.72 6.93
C GLN C 44 -28.76 -8.61 5.87
N ALA C 45 -28.24 -8.96 4.70
CA ALA C 45 -28.10 -7.99 3.63
C ALA C 45 -29.47 -7.54 3.13
N THR C 46 -29.54 -6.37 2.53
CA THR C 46 -30.79 -5.89 1.95
C THR C 46 -31.28 -6.94 0.96
N GLY C 47 -30.35 -7.47 0.17
CA GLY C 47 -30.60 -8.63 -0.65
C GLY C 47 -29.29 -9.33 -0.99
N ALA C 48 -29.36 -10.63 -1.24
CA ALA C 48 -28.19 -11.39 -1.63
C ALA C 48 -28.57 -12.60 -2.48
N VAL C 49 -27.73 -12.90 -3.47
CA VAL C 49 -27.97 -14.04 -4.33
C VAL C 49 -26.69 -14.82 -4.52
N VAL C 50 -26.81 -16.14 -4.60
CA VAL C 50 -25.69 -16.96 -5.03
C VAL C 50 -25.90 -17.34 -6.48
N VAL C 51 -25.09 -16.77 -7.36
CA VAL C 51 -25.21 -17.05 -8.78
C VAL C 51 -24.14 -18.03 -9.18
N ARG C 52 -24.56 -19.06 -9.92
CA ARG C 52 -23.63 -20.05 -10.42
C ARG C 52 -23.86 -20.27 -11.91
N MSE C 53 -22.77 -20.27 -12.67
CA MSE C 53 -22.81 -20.57 -14.08
C MSE C 53 -21.70 -21.55 -14.35
O MSE C 53 -20.52 -21.24 -14.17
CB MSE C 53 -22.62 -19.29 -14.90
CG MSE C 53 -22.99 -19.42 -16.36
SE MSE C 53 -23.04 -17.68 -17.24
CE MSE C 53 -23.36 -18.24 -19.08
N GLY C 54 -22.06 -22.76 -14.78
CA GLY C 54 -21.10 -23.84 -14.81
C GLY C 54 -20.60 -24.07 -13.40
N ASP C 55 -19.30 -24.09 -13.22
CA ASP C 55 -18.72 -24.17 -11.87
C ASP C 55 -18.35 -22.80 -11.32
N THR C 56 -18.63 -21.75 -12.08
CA THR C 56 -18.38 -20.39 -11.63
C THR C 56 -19.45 -19.95 -10.64
N VAL C 57 -19.01 -19.57 -9.44
CA VAL C 57 -19.92 -19.17 -8.37
C VAL C 57 -19.56 -17.79 -7.83
N LEU C 58 -20.56 -16.92 -7.73
CA LEU C 58 -20.35 -15.62 -7.08
C LEU C 58 -21.46 -15.32 -6.10
N LEU C 59 -21.09 -14.97 -4.88
CA LEU C 59 -22.05 -14.37 -3.96
C LEU C 59 -22.16 -12.90 -4.31
N VAL C 60 -23.36 -12.48 -4.69
CA VAL C 60 -23.61 -11.07 -4.93
C VAL C 60 -24.55 -10.59 -3.83
N SER C 61 -24.28 -9.42 -3.30
CA SER C 61 -25.09 -8.87 -2.24
C SER C 61 -25.27 -7.36 -2.41
N VAL C 62 -26.44 -6.88 -2.01
CA VAL C 62 -26.73 -5.47 -2.09
C VAL C 62 -27.19 -4.98 -0.73
N VAL C 63 -26.50 -3.98 -0.20
CA VAL C 63 -26.97 -3.30 1.00
C VAL C 63 -27.35 -1.86 0.68
N ALA C 64 -28.64 -1.58 0.71
CA ALA C 64 -29.12 -0.21 0.50
C ALA C 64 -29.22 0.47 1.84
N LYS C 65 -28.48 1.56 2.02
CA LYS C 65 -28.47 2.24 3.30
C LYS C 65 -29.86 2.72 3.67
N LYS C 66 -30.15 2.73 4.97
CA LYS C 66 -31.50 2.98 5.48
C LYS C 66 -32.18 4.17 4.82
N GLU C 67 -31.69 5.37 5.10
CA GLU C 67 -32.35 6.59 4.66
C GLU C 67 -31.39 7.53 3.96
N ALA C 68 -31.92 8.37 3.09
CA ALA C 68 -31.10 9.26 2.27
C ALA C 68 -30.48 10.37 3.12
N GLU C 69 -29.76 11.26 2.46
CA GLU C 69 -29.00 12.29 3.18
C GLU C 69 -29.44 13.70 2.80
N ARG C 72 -27.85 16.23 -0.91
CA ARG C 72 -26.99 15.16 -1.42
C ARG C 72 -26.68 15.37 -2.91
N ASP C 73 -27.72 15.38 -3.73
CA ASP C 73 -27.59 15.64 -5.16
C ASP C 73 -26.43 14.91 -5.84
N PHE C 74 -26.46 13.58 -5.78
CA PHE C 74 -25.59 12.70 -6.54
C PHE C 74 -25.87 11.28 -6.06
N PHE C 75 -25.43 10.28 -6.82
CA PHE C 75 -25.72 8.89 -6.46
C PHE C 75 -24.52 8.12 -5.89
N PRO C 76 -24.58 7.82 -4.59
CA PRO C 76 -23.52 7.09 -3.88
C PRO C 76 -23.60 5.58 -4.14
N LEU C 77 -23.40 5.17 -5.39
CA LEU C 77 -23.33 3.76 -5.72
C LEU C 77 -21.89 3.28 -5.77
N THR C 78 -21.60 2.21 -5.04
CA THR C 78 -20.26 1.63 -5.03
C THR C 78 -20.33 0.14 -5.27
N VAL C 79 -19.72 -0.32 -6.37
CA VAL C 79 -19.69 -1.74 -6.66
C VAL C 79 -18.30 -2.29 -6.36
N ASN C 80 -18.24 -3.35 -5.55
CA ASN C 80 -16.98 -4.04 -5.32
C ASN C 80 -17.06 -5.47 -5.78
N TYR C 81 -16.38 -5.78 -6.88
CA TYR C 81 -16.25 -7.15 -7.36
C TYR C 81 -14.89 -7.64 -6.90
N GLN C 82 -14.89 -8.68 -6.07
CA GLN C 82 -13.63 -9.19 -5.56
C GLN C 82 -13.42 -10.64 -5.96
N GLU C 83 -12.15 -11.03 -6.06
CA GLU C 83 -11.81 -12.39 -6.42
C GLU C 83 -11.03 -13.07 -5.31
N LYS C 84 -11.50 -14.23 -4.89
CA LYS C 84 -10.81 -15.03 -3.90
C LYS C 84 -9.97 -16.06 -4.62
N THR C 85 -8.73 -16.24 -4.19
CA THR C 85 -7.84 -17.19 -4.85
C THR C 85 -8.31 -18.62 -4.65
N TYR C 86 -9.06 -18.86 -3.58
CA TYR C 86 -9.54 -20.21 -3.30
C TYR C 86 -10.59 -20.66 -4.31
N ALA C 87 -11.19 -19.70 -5.01
CA ALA C 87 -12.12 -20.02 -6.08
C ALA C 87 -11.41 -20.80 -7.17
N ALA C 88 -10.12 -20.51 -7.34
CA ALA C 88 -9.28 -21.19 -8.31
C ALA C 88 -8.45 -22.31 -7.69
N GLY C 89 -8.64 -22.57 -6.40
CA GLY C 89 -7.93 -23.64 -5.73
C GLY C 89 -6.49 -23.27 -5.41
N LYS C 90 -6.21 -21.97 -5.39
CA LYS C 90 -4.85 -21.48 -5.18
C LYS C 90 -4.68 -20.70 -3.89
N ILE C 91 -3.45 -20.67 -3.40
CA ILE C 91 -3.06 -19.84 -2.26
C ILE C 91 -2.37 -18.59 -2.79
N PRO C 92 -2.80 -17.39 -2.35
CA PRO C 92 -2.29 -16.12 -2.85
C PRO C 92 -0.77 -16.09 -2.87
N GLY C 93 -0.19 -15.48 -3.90
CA GLY C 93 1.24 -15.52 -4.11
C GLY C 93 2.02 -14.43 -3.41
N GLY C 94 1.29 -13.59 -2.66
CA GLY C 94 1.93 -12.50 -1.96
C GLY C 94 2.79 -12.99 -0.82
N TYR C 95 3.33 -12.05 -0.05
CA TYR C 95 4.13 -12.38 1.12
C TYR C 95 3.24 -12.75 2.29
N PHE C 96 2.08 -12.10 2.34
CA PHE C 96 1.15 -12.25 3.47
C PHE C 96 0.14 -13.35 3.21
N LYS C 97 0.21 -13.96 2.03
CA LYS C 97 -0.65 -15.07 1.67
C LYS C 97 -2.13 -14.72 1.74
N ARG C 98 -2.43 -13.44 1.64
CA ARG C 98 -3.82 -13.00 1.65
C ARG C 98 -4.09 -12.05 0.49
N GLU C 99 -5.35 -11.67 0.32
CA GLU C 99 -5.71 -10.80 -0.78
C GLU C 99 -6.20 -9.46 -0.22
N GLY C 100 -5.34 -8.46 -0.26
CA GLY C 100 -5.69 -7.12 0.21
C GLY C 100 -5.71 -5.99 -0.81
N ARG C 101 -5.34 -6.29 -2.05
CA ARG C 101 -4.97 -5.25 -3.01
C ARG C 101 -5.76 -5.36 -4.31
N PRO C 102 -6.86 -4.62 -4.43
CA PRO C 102 -7.69 -4.90 -5.59
C PRO C 102 -6.84 -4.94 -6.84
N THR C 103 -6.96 -6.03 -7.60
CA THR C 103 -6.20 -6.21 -8.82
C THR C 103 -6.78 -5.26 -9.86
N GLU C 104 -5.98 -4.96 -10.88
CA GLU C 104 -6.50 -4.16 -11.99
C GLU C 104 -7.77 -4.81 -12.51
N LYS C 105 -7.76 -6.14 -12.55
CA LYS C 105 -8.92 -6.91 -12.97
C LYS C 105 -10.14 -6.64 -12.11
N GLU C 106 -9.96 -6.74 -10.78
CA GLU C 106 -11.06 -6.47 -9.85
C GLU C 106 -11.64 -5.08 -10.04
N THR C 107 -10.77 -4.08 -10.11
CA THR C 107 -11.21 -2.70 -10.34
C THR C 107 -11.92 -2.58 -11.67
N LEU C 108 -11.37 -3.23 -12.70
CA LEU C 108 -11.99 -3.18 -14.02
C LEU C 108 -13.41 -3.74 -13.99
N THR C 109 -13.55 -4.95 -13.45
CA THR C 109 -14.87 -5.60 -13.40
C THR C 109 -15.88 -4.81 -12.56
N SER C 110 -15.43 -4.27 -11.43
CA SER C 110 -16.29 -3.42 -10.61
C SER C 110 -16.86 -2.31 -11.47
N ARG C 111 -15.96 -1.61 -12.16
CA ARG C 111 -16.36 -0.55 -13.08
C ARG C 111 -17.38 -1.06 -14.10
N LEU C 112 -17.12 -2.25 -14.63
CA LEU C 112 -17.95 -2.85 -15.66
C LEU C 112 -19.35 -3.21 -15.16
N ILE C 113 -19.43 -3.69 -13.91
CA ILE C 113 -20.71 -4.04 -13.31
C ILE C 113 -21.48 -2.78 -12.91
N ASP C 114 -20.74 -1.71 -12.63
CA ASP C 114 -21.33 -0.46 -12.19
C ASP C 114 -22.11 0.25 -13.29
N ARG C 115 -21.54 0.26 -14.50
CA ARG C 115 -22.08 1.08 -15.60
C ARG C 115 -23.55 0.80 -15.94
N PRO C 116 -23.90 -0.47 -16.18
CA PRO C 116 -25.28 -0.78 -16.56
C PRO C 116 -26.29 -0.61 -15.42
N LEU C 117 -25.83 -0.65 -14.17
CA LEU C 117 -26.73 -0.50 -13.03
C LEU C 117 -27.14 0.95 -12.80
N ARG C 118 -26.14 1.84 -12.78
CA ARG C 118 -26.34 3.23 -12.39
C ARG C 118 -27.55 3.94 -13.03
N PRO C 119 -27.65 3.87 -14.37
CA PRO C 119 -28.73 4.53 -15.10
C PRO C 119 -30.10 3.89 -14.85
N LEU C 120 -30.11 2.68 -14.29
CA LEU C 120 -31.36 2.02 -13.95
C LEU C 120 -31.93 2.54 -12.63
N PHE C 121 -31.07 3.11 -11.81
CA PHE C 121 -31.52 3.68 -10.55
C PHE C 121 -32.30 4.95 -10.80
N PRO C 122 -33.57 4.98 -10.34
CA PRO C 122 -34.56 6.01 -10.63
C PRO C 122 -34.06 7.44 -10.39
N LYS C 123 -34.60 8.37 -11.18
CA LYS C 123 -34.27 9.78 -11.03
C LYS C 123 -34.49 10.22 -9.60
N GLY C 124 -33.54 10.98 -9.07
CA GLY C 124 -33.66 11.51 -7.73
C GLY C 124 -33.67 10.47 -6.63
N PHE C 125 -32.91 9.39 -6.80
CA PHE C 125 -32.76 8.40 -5.74
C PHE C 125 -31.38 8.55 -5.14
N THR C 126 -31.31 9.13 -3.96
CA THR C 126 -30.04 9.44 -3.33
C THR C 126 -29.59 8.42 -2.29
N ASN C 127 -30.45 7.42 -2.04
CA ASN C 127 -30.11 6.37 -1.08
C ASN C 127 -28.82 5.64 -1.46
N GLU C 128 -27.89 5.58 -0.51
CA GLU C 128 -26.58 4.98 -0.73
C GLU C 128 -26.68 3.46 -0.87
N VAL C 129 -26.10 2.93 -1.94
CA VAL C 129 -26.18 1.49 -2.23
C VAL C 129 -24.78 0.91 -2.43
N GLN C 130 -24.55 -0.28 -1.87
CA GLN C 130 -23.28 -0.98 -2.06
C GLN C 130 -23.48 -2.42 -2.51
N VAL C 131 -23.00 -2.72 -3.72
CA VAL C 131 -23.08 -4.07 -4.26
C VAL C 131 -21.73 -4.79 -4.17
N ILE C 132 -21.72 -5.95 -3.53
CA ILE C 132 -20.49 -6.73 -3.40
C ILE C 132 -20.60 -8.09 -4.09
N ALA C 133 -19.83 -8.26 -5.15
CA ALA C 133 -19.79 -9.53 -5.89
C ALA C 133 -18.48 -10.25 -5.66
N THR C 134 -18.55 -11.38 -4.96
CA THR C 134 -17.36 -12.15 -4.62
C THR C 134 -17.32 -13.45 -5.40
N VAL C 135 -16.20 -13.72 -6.08
CA VAL C 135 -16.06 -14.98 -6.76
C VAL C 135 -15.68 -16.04 -5.75
N LEU C 136 -16.56 -17.02 -5.53
CA LEU C 136 -16.24 -18.13 -4.65
C LEU C 136 -15.77 -19.38 -5.39
N SER C 137 -16.02 -19.42 -6.69
CA SER C 137 -15.62 -20.56 -7.50
C SER C 137 -15.44 -20.12 -8.95
N VAL C 138 -14.44 -20.66 -9.64
CA VAL C 138 -14.20 -20.24 -11.02
C VAL C 138 -13.94 -21.41 -11.97
N ASP C 139 -14.67 -21.43 -13.07
CA ASP C 139 -14.48 -22.45 -14.09
C ASP C 139 -13.82 -21.88 -15.34
N SER C 140 -12.84 -22.61 -15.85
CA SER C 140 -12.11 -22.23 -17.04
C SER C 140 -13.04 -21.95 -18.22
N LYS C 141 -14.19 -22.60 -18.24
CA LYS C 141 -15.15 -22.45 -19.34
C LYS C 141 -16.12 -21.30 -19.13
N VAL C 142 -16.20 -20.80 -17.91
CA VAL C 142 -17.07 -19.67 -17.61
C VAL C 142 -16.29 -18.46 -17.10
N PRO C 143 -16.16 -17.43 -17.94
CA PRO C 143 -15.57 -16.17 -17.44
C PRO C 143 -16.47 -15.60 -16.36
N THR C 144 -15.91 -14.85 -15.42
CA THR C 144 -16.68 -14.39 -14.26
C THR C 144 -17.53 -13.15 -14.53
N ASP C 145 -17.23 -12.44 -15.61
CA ASP C 145 -17.92 -11.20 -15.94
C ASP C 145 -19.44 -11.31 -15.84
N ILE C 146 -20.00 -12.14 -16.72
CA ILE C 146 -21.45 -12.21 -16.89
C ILE C 146 -22.22 -12.67 -15.64
N PRO C 147 -21.88 -13.85 -15.11
CA PRO C 147 -22.65 -14.32 -13.95
C PRO C 147 -22.72 -13.25 -12.86
N ALA C 148 -21.65 -12.47 -12.73
CA ALA C 148 -21.62 -11.37 -11.79
C ALA C 148 -22.73 -10.37 -12.08
N ILE C 149 -22.77 -9.87 -13.31
CA ILE C 149 -23.78 -8.88 -13.68
C ILE C 149 -25.20 -9.43 -13.53
N LEU C 150 -25.41 -10.67 -13.96
CA LEU C 150 -26.71 -11.30 -13.77
C LEU C 150 -27.04 -11.31 -12.27
N GLY C 151 -26.04 -11.66 -11.46
CA GLY C 151 -26.19 -11.72 -10.03
C GLY C 151 -26.40 -10.37 -9.37
N ALA C 152 -25.78 -9.34 -9.91
CA ALA C 152 -26.00 -7.98 -9.41
C ALA C 152 -27.41 -7.55 -9.76
N SER C 153 -27.82 -7.86 -10.99
CA SER C 153 -29.16 -7.58 -11.45
C SER C 153 -30.21 -8.29 -10.59
N ALA C 154 -29.91 -9.53 -10.22
CA ALA C 154 -30.82 -10.32 -9.40
C ALA C 154 -30.75 -9.95 -7.92
N ALA C 155 -29.55 -9.63 -7.45
CA ALA C 155 -29.38 -9.21 -6.07
C ALA C 155 -30.18 -7.94 -5.80
N ILE C 156 -30.00 -6.96 -6.67
CA ILE C 156 -30.75 -5.71 -6.60
C ILE C 156 -32.24 -5.98 -6.76
N GLY C 157 -32.57 -7.05 -7.48
CA GLY C 157 -33.95 -7.44 -7.64
C GLY C 157 -34.64 -7.71 -6.31
N LEU C 158 -34.03 -8.57 -5.49
CA LEU C 158 -34.59 -9.00 -4.22
C LEU C 158 -34.64 -7.88 -3.20
N SER C 159 -33.64 -7.01 -3.24
CA SER C 159 -33.51 -5.94 -2.27
C SER C 159 -34.76 -5.06 -2.21
N GLY C 160 -35.56 -5.11 -3.26
CA GLY C 160 -36.75 -4.26 -3.36
C GLY C 160 -36.38 -2.81 -3.57
N ILE C 161 -35.08 -2.54 -3.63
CA ILE C 161 -34.59 -1.18 -3.84
C ILE C 161 -35.19 -0.59 -5.10
N PRO C 162 -35.54 0.70 -5.07
CA PRO C 162 -36.15 1.28 -6.26
C PRO C 162 -35.25 1.04 -7.46
N PHE C 163 -35.83 0.46 -8.50
CA PHE C 163 -35.06 0.13 -9.69
C PHE C 163 -36.00 0.09 -10.88
N ASN C 164 -35.51 0.52 -12.04
CA ASN C 164 -36.29 0.46 -13.26
C ASN C 164 -35.94 -0.80 -14.05
N GLY C 165 -35.08 -1.62 -13.46
CA GLY C 165 -34.58 -2.81 -14.12
C GLY C 165 -35.63 -3.90 -14.15
N SER C 166 -35.18 -5.14 -14.33
CA SER C 166 -33.76 -5.45 -14.24
C SER C 166 -33.14 -5.82 -15.58
N LEU C 167 -31.84 -6.08 -15.56
CA LEU C 167 -31.10 -6.36 -16.79
C LEU C 167 -30.29 -7.66 -16.72
N GLY C 168 -29.53 -7.90 -17.77
CA GLY C 168 -28.65 -9.04 -17.84
C GLY C 168 -27.48 -8.70 -18.74
N ALA C 169 -26.57 -9.65 -18.92
CA ALA C 169 -25.40 -9.42 -19.76
C ALA C 169 -25.07 -10.64 -20.61
N ALA C 170 -24.37 -10.40 -21.71
CA ALA C 170 -23.91 -11.48 -22.56
C ALA C 170 -22.60 -11.05 -23.19
N ARG C 171 -21.76 -12.02 -23.51
CA ARG C 171 -20.55 -11.74 -24.28
C ARG C 171 -20.70 -12.32 -25.67
N VAL C 172 -20.16 -11.63 -26.66
CA VAL C 172 -20.25 -12.07 -28.04
C VAL C 172 -18.88 -12.16 -28.67
N GLY C 173 -18.57 -13.32 -29.24
CA GLY C 173 -17.34 -13.49 -30.00
C GLY C 173 -17.61 -13.57 -31.50
N TYR C 174 -16.55 -13.65 -32.28
CA TYR C 174 -16.68 -13.83 -33.72
C TYR C 174 -15.66 -14.86 -34.19
N ARG C 175 -16.14 -15.98 -34.72
CA ARG C 175 -15.27 -17.00 -35.29
C ARG C 175 -15.87 -17.49 -36.59
N GLY C 176 -15.17 -17.32 -37.70
CA GLY C 176 -15.66 -17.77 -38.99
C GLY C 176 -17.05 -17.26 -39.32
N GLY C 177 -17.23 -15.95 -39.25
CA GLY C 177 -18.48 -15.33 -39.68
C GLY C 177 -19.68 -15.62 -38.80
N GLU C 178 -19.45 -16.33 -37.71
CA GLU C 178 -20.53 -16.70 -36.79
C GLU C 178 -20.28 -16.14 -35.39
N TYR C 179 -21.35 -15.67 -34.75
CA TYR C 179 -21.24 -15.11 -33.40
C TYR C 179 -21.09 -16.22 -32.36
N LEU C 180 -20.47 -15.88 -31.24
CA LEU C 180 -20.26 -16.83 -30.15
C LEU C 180 -20.85 -16.28 -28.86
N LEU C 181 -21.81 -16.99 -28.28
CA LEU C 181 -22.42 -16.56 -27.03
C LEU C 181 -21.56 -16.94 -25.83
N ASN C 182 -21.41 -16.00 -24.90
CA ASN C 182 -20.68 -16.25 -23.65
C ASN C 182 -19.49 -17.19 -23.81
N PRO C 183 -18.53 -16.84 -24.66
CA PRO C 183 -17.36 -17.67 -24.93
C PRO C 183 -16.36 -17.65 -23.77
N SER C 184 -15.51 -18.68 -23.69
CA SER C 184 -14.53 -18.75 -22.62
C SER C 184 -13.19 -18.15 -23.05
N LEU C 185 -12.24 -18.13 -22.13
CA LEU C 185 -10.94 -17.51 -22.37
C LEU C 185 -10.16 -18.23 -23.47
N ASP C 186 -10.21 -19.56 -23.45
CA ASP C 186 -9.52 -20.36 -24.47
C ASP C 186 -10.15 -20.13 -25.83
N GLU C 187 -11.48 -20.06 -25.86
CA GLU C 187 -12.22 -19.89 -27.10
C GLU C 187 -11.96 -18.50 -27.69
N LEU C 188 -11.91 -17.50 -26.83
CA LEU C 188 -11.62 -16.13 -27.27
C LEU C 188 -10.33 -16.06 -28.09
N LYS C 189 -9.41 -16.98 -27.81
CA LYS C 189 -8.16 -17.05 -28.57
C LYS C 189 -8.46 -17.10 -30.06
N ASP C 190 -9.50 -17.84 -30.42
CA ASP C 190 -9.89 -17.99 -31.82
C ASP C 190 -11.00 -17.06 -32.29
N SER C 191 -11.40 -16.12 -31.44
CA SER C 191 -12.38 -15.11 -31.81
C SER C 191 -11.73 -13.81 -32.26
N ALA C 192 -12.34 -13.17 -33.27
CA ALA C 192 -11.90 -11.86 -33.73
C ALA C 192 -12.54 -10.78 -32.86
N LEU C 193 -13.44 -11.21 -31.98
CA LEU C 193 -14.19 -10.27 -31.16
C LEU C 193 -14.38 -10.75 -29.73
N ASP C 194 -14.12 -9.86 -28.78
CA ASP C 194 -14.52 -10.03 -27.40
C ASP C 194 -15.41 -8.85 -27.09
N LEU C 195 -16.71 -9.09 -26.94
CA LEU C 195 -17.66 -7.99 -26.76
C LEU C 195 -18.61 -8.25 -25.61
N VAL C 196 -18.70 -7.30 -24.69
CA VAL C 196 -19.61 -7.38 -23.57
C VAL C 196 -20.74 -6.38 -23.73
N VAL C 197 -21.97 -6.83 -23.49
CA VAL C 197 -23.12 -5.96 -23.56
C VAL C 197 -24.12 -6.29 -22.45
N ALA C 198 -24.69 -5.25 -21.86
CA ALA C 198 -25.73 -5.42 -20.86
C ALA C 198 -26.91 -4.52 -21.21
N GLY C 199 -28.11 -4.95 -20.86
CA GLY C 199 -29.28 -4.13 -21.13
C GLY C 199 -30.55 -4.65 -20.50
N THR C 200 -31.52 -3.74 -20.33
CA THR C 200 -32.86 -4.13 -19.93
C THR C 200 -33.51 -4.86 -21.09
N ARG C 201 -34.60 -5.57 -20.78
CA ARG C 201 -35.39 -6.23 -21.81
C ARG C 201 -35.58 -5.27 -22.97
N ASP C 202 -36.26 -4.16 -22.71
CA ASP C 202 -36.49 -3.11 -23.69
C ASP C 202 -35.25 -2.69 -24.49
N ALA C 203 -34.28 -2.11 -23.79
CA ALA C 203 -33.17 -1.43 -24.46
C ALA C 203 -31.77 -1.85 -24.03
N VAL C 204 -30.78 -1.48 -24.85
CA VAL C 204 -29.38 -1.70 -24.55
C VAL C 204 -28.82 -0.56 -23.71
N LEU C 205 -28.05 -0.89 -22.68
CA LEU C 205 -27.48 0.12 -21.79
C LEU C 205 -25.99 0.34 -22.04
N MSE C 206 -25.17 -0.67 -21.83
CA MSE C 206 -23.73 -0.51 -22.00
C MSE C 206 -23.05 -1.59 -22.83
O MSE C 206 -23.45 -2.76 -22.80
CB MSE C 206 -23.05 -0.38 -20.63
CG MSE C 206 -22.72 -1.70 -19.96
SE MSE C 206 -21.04 -2.47 -20.61
CE MSE C 206 -20.92 -3.98 -19.37
N VAL C 207 -22.01 -1.20 -23.56
CA VAL C 207 -21.22 -2.11 -24.38
C VAL C 207 -19.73 -1.84 -24.19
N GLU C 208 -18.94 -2.91 -24.08
CA GLU C 208 -17.49 -2.82 -23.98
C GLU C 208 -16.86 -3.89 -24.86
N SER C 209 -16.02 -3.48 -25.81
CA SER C 209 -15.51 -4.44 -26.78
C SER C 209 -14.09 -4.18 -27.29
N GLU C 210 -13.46 -5.26 -27.74
CA GLU C 210 -12.22 -5.19 -28.49
C GLU C 210 -12.34 -6.14 -29.66
N ALA C 211 -12.02 -5.66 -30.86
CA ALA C 211 -12.09 -6.50 -32.04
C ALA C 211 -10.85 -6.29 -32.89
N GLN C 212 -10.61 -7.19 -33.84
CA GLN C 212 -9.48 -6.97 -34.74
C GLN C 212 -10.08 -6.41 -36.01
N GLU C 213 -9.98 -5.09 -36.15
CA GLU C 213 -10.38 -4.40 -37.37
C GLU C 213 -11.68 -4.92 -37.98
N LEU C 214 -12.68 -5.20 -37.14
CA LEU C 214 -13.96 -5.68 -37.65
C LEU C 214 -14.86 -4.54 -38.11
N PRO C 215 -15.74 -4.80 -39.09
CA PRO C 215 -16.65 -3.80 -39.63
C PRO C 215 -17.65 -3.29 -38.60
N GLU C 216 -18.21 -2.10 -38.84
CA GLU C 216 -19.22 -1.55 -37.94
C GLU C 216 -20.46 -2.44 -37.92
N SER C 217 -20.79 -3.03 -39.06
CA SER C 217 -21.92 -3.93 -39.17
C SER C 217 -21.74 -5.16 -38.29
N VAL C 218 -20.51 -5.67 -38.24
CA VAL C 218 -20.20 -6.83 -37.42
C VAL C 218 -20.31 -6.51 -35.93
N MSE C 219 -19.73 -5.37 -35.54
CA MSE C 219 -19.78 -4.92 -34.16
C MSE C 219 -21.22 -4.74 -33.70
O MSE C 219 -21.65 -5.33 -32.71
CB MSE C 219 -19.04 -3.59 -33.98
CG MSE C 219 -17.57 -3.63 -34.36
SE MSE C 219 -16.56 -4.85 -33.22
CE MSE C 219 -17.07 -4.15 -31.48
N LEU C 220 -21.96 -3.93 -34.45
CA LEU C 220 -23.33 -3.58 -34.10
C LEU C 220 -24.26 -4.80 -34.15
N GLY C 221 -23.93 -5.75 -35.02
CA GLY C 221 -24.65 -7.01 -35.07
C GLY C 221 -24.42 -7.81 -33.80
N ALA C 222 -23.22 -7.67 -33.25
CA ALA C 222 -22.86 -8.32 -32.00
C ALA C 222 -23.61 -7.71 -30.80
N VAL C 223 -23.83 -6.40 -30.84
CA VAL C 223 -24.59 -5.73 -29.80
C VAL C 223 -26.04 -6.22 -29.83
N LEU C 224 -26.57 -6.41 -31.03
CA LEU C 224 -27.92 -6.95 -31.19
C LEU C 224 -27.97 -8.41 -30.77
N HIS C 225 -26.99 -9.19 -31.20
CA HIS C 225 -26.95 -10.62 -30.88
C HIS C 225 -26.90 -10.79 -29.37
N GLY C 226 -25.98 -10.06 -28.74
CA GLY C 226 -25.88 -10.08 -27.30
C GLY C 226 -27.20 -9.71 -26.65
N HIS C 227 -27.89 -8.75 -27.25
CA HIS C 227 -29.14 -8.25 -26.68
C HIS C 227 -30.28 -9.26 -26.81
N GLN C 228 -30.27 -10.03 -27.90
CA GLN C 228 -31.33 -11.02 -28.12
C GLN C 228 -31.11 -12.30 -27.29
N ALA C 229 -29.89 -12.82 -27.31
CA ALA C 229 -29.55 -14.02 -26.55
C ALA C 229 -29.70 -13.75 -25.07
N MSE C 230 -29.77 -12.46 -24.74
CA MSE C 230 -29.78 -11.98 -23.36
C MSE C 230 -31.10 -12.26 -22.64
O MSE C 230 -31.10 -12.64 -21.47
CB MSE C 230 -29.52 -10.48 -23.37
CG MSE C 230 -29.37 -9.82 -22.02
SE MSE C 230 -28.90 -7.95 -22.26
CE MSE C 230 -27.20 -8.17 -23.18
N GLN C 231 -32.21 -12.08 -23.35
CA GLN C 231 -33.53 -12.12 -22.74
C GLN C 231 -33.81 -13.35 -21.89
N VAL C 232 -33.22 -14.48 -22.27
CA VAL C 232 -33.37 -15.70 -21.50
C VAL C 232 -33.02 -15.41 -20.04
N ALA C 233 -31.86 -14.80 -19.83
CA ALA C 233 -31.40 -14.45 -18.49
C ALA C 233 -32.34 -13.46 -17.83
N ILE C 234 -32.60 -12.36 -18.53
CA ILE C 234 -33.49 -11.32 -18.02
C ILE C 234 -34.82 -11.92 -17.56
N GLN C 235 -35.36 -12.85 -18.34
CA GLN C 235 -36.56 -13.57 -17.95
C GLN C 235 -36.31 -14.35 -16.67
N ALA C 236 -35.30 -15.21 -16.72
CA ALA C 236 -34.94 -16.05 -15.58
C ALA C 236 -34.87 -15.21 -14.32
N ILE C 237 -34.26 -14.02 -14.43
CA ILE C 237 -34.14 -13.10 -13.32
C ILE C 237 -35.50 -12.58 -12.88
N ALA C 238 -36.27 -12.07 -13.84
CA ALA C 238 -37.58 -11.49 -13.57
C ALA C 238 -38.46 -12.48 -12.80
N GLU C 239 -38.31 -13.76 -13.13
CA GLU C 239 -39.07 -14.81 -12.45
C GLU C 239 -38.52 -15.06 -11.05
N PHE C 240 -37.20 -15.21 -10.96
CA PHE C 240 -36.53 -15.53 -9.70
C PHE C 240 -37.00 -14.61 -8.58
N ILE C 241 -37.20 -13.33 -8.89
CA ILE C 241 -37.69 -12.36 -7.92
C ILE C 241 -39.05 -12.77 -7.36
N GLN C 242 -39.98 -13.12 -8.25
CA GLN C 242 -41.31 -13.55 -7.85
C GLN C 242 -41.25 -14.69 -6.86
N GLU C 243 -40.62 -15.79 -7.27
CA GLU C 243 -40.56 -17.01 -6.48
C GLU C 243 -39.99 -16.73 -5.09
N ALA C 244 -39.19 -15.67 -4.98
CA ALA C 244 -38.52 -15.34 -3.73
C ALA C 244 -38.73 -13.88 -3.30
N GLY C 245 -38.22 -12.96 -4.10
CA GLY C 245 -38.02 -11.58 -3.69
C GLY C 245 -39.18 -10.92 -2.99
N GLY C 246 -38.86 -10.13 -1.97
CA GLY C 246 -39.84 -9.41 -1.19
C GLY C 246 -40.39 -8.20 -1.94
N ALA C 247 -41.48 -7.64 -1.43
CA ALA C 247 -42.13 -6.51 -2.07
C ALA C 247 -41.22 -5.29 -2.06
N LYS C 248 -41.50 -4.33 -2.93
CA LYS C 248 -40.59 -3.22 -3.17
C LYS C 248 -40.51 -2.27 -1.98
N TRP C 249 -39.65 -1.27 -2.12
CA TRP C 249 -39.54 -0.20 -1.14
C TRP C 249 -40.57 0.87 -1.45
N GLU C 250 -41.13 1.48 -0.41
CA GLU C 250 -41.92 2.67 -0.62
C GLU C 250 -40.98 3.80 -1.04
N TRP C 251 -41.35 4.50 -2.10
CA TRP C 251 -40.49 5.53 -2.68
C TRP C 251 -41.23 6.20 -3.84
N GLU C 252 -40.72 7.35 -4.28
CA GLU C 252 -41.37 8.13 -5.32
C GLU C 252 -40.55 9.39 -5.56
N PRO C 253 -40.40 9.82 -6.83
CA PRO C 253 -39.63 11.02 -7.13
C PRO C 253 -40.03 12.21 -6.25
N PRO C 254 -39.03 12.86 -5.65
CA PRO C 254 -39.25 13.94 -4.68
C PRO C 254 -40.12 15.08 -5.19
N THR C 255 -41.15 15.41 -4.41
CA THR C 255 -41.60 16.79 -4.29
C THR C 255 -41.75 17.53 -5.62
N VAL C 256 -42.08 16.84 -6.71
CA VAL C 256 -42.06 17.50 -8.00
C VAL C 256 -42.98 18.72 -7.96
N ASN C 257 -42.43 19.90 -8.22
CA ASN C 257 -43.23 21.12 -8.07
C ASN C 257 -43.50 21.70 -9.43
N THR C 258 -44.73 21.58 -9.90
CA THR C 258 -45.07 22.14 -11.19
C THR C 258 -45.18 23.63 -10.99
N ALA C 259 -45.64 24.03 -9.81
CA ALA C 259 -45.70 25.43 -9.43
C ALA C 259 -44.34 26.08 -9.61
N LEU C 260 -43.28 25.31 -9.33
CA LEU C 260 -41.91 25.80 -9.46
C LEU C 260 -41.49 25.91 -10.93
N GLU C 261 -41.54 24.80 -11.64
CA GLU C 261 -41.32 24.81 -13.08
C GLU C 261 -42.06 25.99 -13.71
N LYS C 262 -43.38 26.00 -13.55
CA LYS C 262 -44.23 26.97 -14.24
C LYS C 262 -43.61 28.35 -14.20
N TRP C 263 -43.53 28.95 -13.02
CA TRP C 263 -43.03 30.33 -12.92
C TRP C 263 -41.64 30.51 -13.54
N VAL C 264 -40.71 29.58 -13.28
CA VAL C 264 -39.35 29.74 -13.79
C VAL C 264 -39.34 29.97 -15.30
N VAL C 265 -39.82 29.01 -16.07
CA VAL C 265 -39.92 29.16 -17.51
C VAL C 265 -40.48 30.53 -17.87
N GLU C 266 -41.72 30.81 -17.46
CA GLU C 266 -42.37 32.06 -17.83
C GLU C 266 -41.46 33.25 -17.56
N LYS C 267 -40.63 33.16 -16.52
CA LYS C 267 -39.61 34.19 -16.28
C LYS C 267 -38.18 33.84 -16.75
N SER C 268 -37.98 32.64 -17.28
CA SER C 268 -36.61 32.15 -17.53
C SER C 268 -36.20 31.91 -18.98
N GLU C 269 -36.91 31.01 -19.67
CA GLU C 269 -36.47 30.51 -20.97
C GLU C 269 -35.96 31.59 -21.93
N ALA C 270 -36.84 32.48 -22.36
CA ALA C 270 -36.53 33.48 -23.39
C ALA C 270 -35.20 34.23 -23.16
N PRO C 271 -35.00 34.78 -21.95
CA PRO C 271 -33.73 35.45 -21.67
C PRO C 271 -32.54 34.48 -21.72
N LEU C 272 -32.74 33.26 -21.26
CA LEU C 272 -31.65 32.28 -21.20
C LEU C 272 -31.31 31.63 -22.55
N LYS C 273 -32.33 31.28 -23.32
CA LYS C 273 -32.09 30.68 -24.62
C LYS C 273 -31.35 31.64 -25.56
N LYS C 274 -31.48 32.93 -25.27
CA LYS C 274 -30.72 33.95 -26.00
C LYS C 274 -29.30 34.05 -25.46
N ALA C 275 -29.11 33.63 -24.21
CA ALA C 275 -27.82 33.74 -23.55
C ALA C 275 -26.82 32.65 -23.99
N TYR C 276 -27.35 31.61 -24.64
CA TYR C 276 -26.48 30.56 -25.20
C TYR C 276 -26.21 30.71 -26.71
N GLN C 277 -26.85 31.68 -27.36
CA GLN C 277 -26.57 31.96 -28.77
C GLN C 277 -25.28 32.77 -28.81
N ILE C 278 -24.91 33.22 -27.63
CA ILE C 278 -23.71 33.99 -27.39
C ILE C 278 -22.47 33.09 -27.49
N GLN C 279 -21.30 33.70 -27.64
CA GLN C 279 -20.07 33.00 -27.95
C GLN C 279 -19.57 32.18 -26.75
N GLU C 280 -18.31 31.77 -26.83
CA GLU C 280 -17.76 30.72 -25.99
C GLU C 280 -18.19 30.71 -24.53
N LYS C 281 -17.69 31.66 -23.75
CA LYS C 281 -17.93 31.67 -22.32
C LYS C 281 -18.30 33.02 -21.70
N THR C 282 -17.31 33.93 -21.65
CA THR C 282 -17.39 35.06 -20.74
C THR C 282 -18.76 35.72 -20.82
N ALA C 283 -19.21 36.01 -22.04
CA ALA C 283 -20.53 36.58 -22.23
C ALA C 283 -21.65 35.58 -21.87
N ARG C 284 -21.28 34.33 -21.64
CA ARG C 284 -22.23 33.34 -21.10
C ARG C 284 -22.34 33.51 -19.61
N GLN C 285 -21.28 33.13 -18.91
CA GLN C 285 -21.28 33.10 -17.45
C GLN C 285 -21.56 34.49 -16.89
N ALA C 286 -21.52 35.49 -17.77
CA ALA C 286 -21.96 36.84 -17.44
C ALA C 286 -23.49 36.91 -17.48
N GLN C 287 -24.06 36.82 -18.67
CA GLN C 287 -25.51 36.98 -18.85
C GLN C 287 -26.30 35.92 -18.09
N ILE C 288 -25.87 34.67 -18.21
CA ILE C 288 -26.50 33.59 -17.46
C ILE C 288 -26.48 33.91 -15.97
N GLN C 289 -25.28 34.05 -15.41
CA GLN C 289 -25.11 34.42 -14.01
C GLN C 289 -25.89 35.68 -13.70
N ALA C 290 -26.01 36.56 -14.69
CA ALA C 290 -26.85 37.74 -14.55
C ALA C 290 -28.29 37.29 -14.34
N ILE C 291 -28.76 36.41 -15.22
CA ILE C 291 -30.11 35.86 -15.12
C ILE C 291 -30.33 35.22 -13.76
N ARG C 292 -29.31 34.53 -13.27
CA ARG C 292 -29.36 33.90 -11.96
C ARG C 292 -29.47 34.97 -10.86
N ASP C 293 -29.32 36.21 -11.28
CA ASP C 293 -29.50 37.36 -10.38
C ASP C 293 -30.84 38.05 -10.61
N GLN C 294 -31.05 38.58 -11.81
CA GLN C 294 -32.30 39.25 -12.14
C GLN C 294 -33.51 38.38 -11.76
N LEU C 295 -33.36 37.07 -11.90
CA LEU C 295 -34.37 36.12 -11.44
C LEU C 295 -34.22 35.83 -9.95
N LEU C 296 -33.02 36.05 -9.43
CA LEU C 296 -32.76 35.89 -8.01
C LEU C 296 -33.38 37.06 -7.28
N ALA C 297 -33.32 38.23 -7.92
CA ALA C 297 -33.84 39.47 -7.36
C ALA C 297 -35.35 39.40 -7.15
N ASP C 298 -36.09 39.04 -8.20
CA ASP C 298 -37.55 39.14 -8.16
C ASP C 298 -38.26 37.93 -7.55
N ARG C 299 -37.53 36.88 -7.21
CA ARG C 299 -38.14 35.72 -6.55
C ARG C 299 -38.79 36.09 -5.22
N ALA C 300 -37.96 36.48 -4.26
CA ALA C 300 -38.43 36.77 -2.90
C ALA C 300 -39.53 37.83 -2.87
N ALA C 301 -39.62 38.61 -3.94
CA ALA C 301 -40.72 39.57 -4.05
C ALA C 301 -42.04 38.83 -3.93
N GLU C 302 -42.07 37.60 -4.44
CA GLU C 302 -43.21 36.70 -4.27
C GLU C 302 -42.90 35.61 -3.25
N GLU C 312 -33.81 27.82 -2.02
CA GLU C 312 -33.91 26.49 -1.40
C GLU C 312 -32.99 25.51 -2.11
N HIS C 313 -32.17 26.01 -3.04
CA HIS C 313 -31.30 25.20 -3.86
C HIS C 313 -32.12 24.35 -4.81
N GLU C 314 -33.42 24.24 -4.52
CA GLU C 314 -34.33 23.48 -5.35
C GLU C 314 -34.44 24.27 -6.64
N LEU C 315 -34.30 25.59 -6.49
CA LEU C 315 -34.28 26.51 -7.62
C LEU C 315 -33.06 26.25 -8.48
N ALA C 316 -31.90 26.09 -7.82
CA ALA C 316 -30.65 25.86 -8.51
C ALA C 316 -30.79 24.76 -9.58
N VAL C 317 -31.37 23.63 -9.18
CA VAL C 317 -31.64 22.55 -10.13
C VAL C 317 -32.56 22.93 -11.29
N ILE C 318 -33.84 23.16 -11.00
CA ILE C 318 -34.85 23.27 -12.06
C ILE C 318 -34.47 24.39 -13.00
N PHE C 319 -33.49 25.17 -12.57
CA PHE C 319 -32.79 26.10 -13.41
C PHE C 319 -31.88 25.29 -14.33
N HIS C 320 -30.91 24.60 -13.73
CA HIS C 320 -29.98 23.79 -14.51
C HIS C 320 -30.67 22.82 -15.47
N GLU C 321 -31.73 22.15 -15.00
CA GLU C 321 -32.46 21.24 -15.88
C GLU C 321 -33.02 21.99 -17.09
N LEU C 322 -33.55 23.19 -16.85
CA LEU C 322 -33.99 24.01 -17.97
C LEU C 322 -32.79 24.37 -18.83
N GLU C 323 -31.71 24.80 -18.18
CA GLU C 323 -30.48 25.12 -18.86
C GLU C 323 -30.11 24.00 -19.82
N ARG C 324 -30.12 22.77 -19.31
CA ARG C 324 -29.89 21.59 -20.13
C ARG C 324 -30.78 21.62 -21.36
N ARG C 325 -32.09 21.59 -21.15
CA ARG C 325 -33.07 21.58 -22.22
C ARG C 325 -32.75 22.63 -23.27
N ILE C 326 -32.48 23.85 -22.83
CA ILE C 326 -32.15 24.95 -23.73
C ILE C 326 -31.11 24.52 -24.74
N VAL C 327 -29.93 24.16 -24.24
CA VAL C 327 -28.82 23.75 -25.09
C VAL C 327 -29.15 22.51 -25.92
N ARG C 328 -29.71 21.48 -25.28
CA ARG C 328 -30.10 20.27 -25.98
C ARG C 328 -30.89 20.64 -27.23
N GLU C 329 -31.88 21.51 -27.04
CA GLU C 329 -32.66 22.04 -28.14
C GLU C 329 -31.75 22.61 -29.22
N GLN C 330 -31.00 23.65 -28.86
CA GLN C 330 -30.21 24.41 -29.83
C GLN C 330 -29.39 23.55 -30.78
N ILE C 331 -28.80 22.48 -30.27
CA ILE C 331 -28.06 21.55 -31.13
C ILE C 331 -29.02 20.81 -32.06
N LEU C 332 -30.19 20.45 -31.55
CA LEU C 332 -31.19 19.74 -32.34
C LEU C 332 -31.69 20.57 -33.50
N THR C 333 -31.62 21.89 -33.34
CA THR C 333 -32.04 22.83 -34.38
C THR C 333 -30.85 23.24 -35.22
N GLY C 334 -29.73 22.59 -34.98
CA GLY C 334 -28.56 22.74 -35.82
C GLY C 334 -27.76 24.00 -35.55
N GLN C 335 -28.03 24.63 -34.42
CA GLN C 335 -27.27 25.80 -34.01
C GLN C 335 -25.89 25.38 -33.52
N PRO C 336 -24.98 26.35 -33.38
CA PRO C 336 -23.60 26.06 -32.94
C PRO C 336 -23.59 25.27 -31.65
N ARG C 337 -22.62 24.38 -31.50
CA ARG C 337 -22.38 23.75 -30.20
C ARG C 337 -21.71 24.79 -29.32
N ILE C 338 -21.43 24.45 -28.06
CA ILE C 338 -21.03 25.46 -27.08
C ILE C 338 -19.77 26.24 -27.48
N ASP C 339 -18.90 25.61 -28.26
CA ASP C 339 -17.66 26.26 -28.70
C ASP C 339 -17.78 26.88 -30.08
N GLY C 340 -18.96 26.75 -30.69
CA GLY C 340 -19.20 27.28 -32.03
C GLY C 340 -19.19 26.22 -33.11
N ARG C 341 -18.85 24.99 -32.74
CA ARG C 341 -18.77 23.88 -33.68
C ARG C 341 -20.14 23.33 -34.06
N ASP C 342 -20.24 22.79 -35.26
CA ASP C 342 -21.41 22.03 -35.66
C ASP C 342 -21.23 20.60 -35.17
N THR C 343 -22.23 19.75 -35.39
CA THR C 343 -22.21 18.41 -34.82
C THR C 343 -21.20 17.47 -35.49
N LYS C 344 -20.82 17.77 -36.74
CA LYS C 344 -19.94 16.88 -37.48
C LYS C 344 -18.43 17.11 -37.41
N THR C 345 -18.01 18.26 -36.91
CA THR C 345 -16.60 18.62 -37.03
C THR C 345 -15.71 18.30 -35.83
N VAL C 346 -14.59 17.63 -36.12
CA VAL C 346 -13.61 17.26 -35.11
C VAL C 346 -12.65 18.42 -34.85
N ARG C 347 -12.31 18.63 -33.58
CA ARG C 347 -11.43 19.74 -33.18
C ARG C 347 -10.07 19.67 -33.85
N PRO C 348 -9.44 20.83 -34.09
CA PRO C 348 -8.15 20.89 -34.77
C PRO C 348 -7.12 19.99 -34.12
N ILE C 349 -6.38 19.25 -34.94
CA ILE C 349 -5.49 18.22 -34.44
C ILE C 349 -4.05 18.43 -34.89
N THR C 350 -3.14 18.58 -33.92
CA THR C 350 -1.72 18.71 -34.21
C THR C 350 -0.98 17.48 -33.69
N VAL C 351 0.12 17.12 -34.35
CA VAL C 351 0.84 15.89 -34.01
C VAL C 351 2.36 16.02 -34.12
N LYS C 352 3.05 15.40 -33.17
CA LYS C 352 4.51 15.34 -33.19
C LYS C 352 4.99 13.98 -32.73
N VAL C 353 6.08 13.52 -33.33
CA VAL C 353 6.72 12.28 -32.91
C VAL C 353 8.15 12.57 -32.52
N GLY C 354 8.75 11.69 -31.73
CA GLY C 354 10.10 11.90 -31.26
C GLY C 354 10.24 13.22 -30.52
N VAL C 355 9.37 13.44 -29.55
CA VAL C 355 9.38 14.66 -28.75
C VAL C 355 10.41 14.64 -27.63
N LEU C 356 10.61 13.48 -27.01
CA LEU C 356 11.53 13.32 -25.89
C LEU C 356 12.87 12.72 -26.32
N PRO C 357 13.97 13.34 -25.92
CA PRO C 357 15.33 12.93 -26.29
C PRO C 357 15.68 11.47 -25.94
N ARG C 358 15.39 11.03 -24.72
CA ARG C 358 15.85 9.72 -24.26
C ARG C 358 14.84 8.58 -24.31
N SER C 359 13.63 8.86 -24.79
CA SER C 359 12.61 7.81 -24.88
C SER C 359 12.87 6.94 -26.11
N HIS C 360 12.42 5.70 -26.06
CA HIS C 360 12.55 4.82 -27.23
C HIS C 360 11.58 5.29 -28.31
N GLY C 361 10.44 5.82 -27.88
CA GLY C 361 9.50 6.41 -28.81
C GLY C 361 8.67 7.47 -28.11
N SER C 362 8.17 8.43 -28.88
CA SER C 362 7.39 9.52 -28.30
C SER C 362 6.40 10.09 -29.29
N ALA C 363 5.26 10.54 -28.77
CA ALA C 363 4.27 11.24 -29.57
C ALA C 363 3.50 12.21 -28.71
N LEU C 364 3.19 13.38 -29.28
CA LEU C 364 2.37 14.37 -28.61
C LEU C 364 1.13 14.59 -29.47
N PHE C 365 -0.02 14.17 -28.95
CA PHE C 365 -1.26 14.26 -29.72
C PHE C 365 -2.25 15.23 -29.10
N THR C 366 -2.47 16.35 -29.77
CA THR C 366 -3.46 17.33 -29.30
C THR C 366 -4.64 17.38 -30.26
N ARG C 367 -5.84 17.21 -29.70
CA ARG C 367 -7.08 17.39 -30.44
C ARG C 367 -7.94 18.32 -29.61
N GLY C 368 -8.19 19.52 -30.13
CA GLY C 368 -8.86 20.55 -29.36
C GLY C 368 -8.09 20.84 -28.08
N GLU C 369 -8.81 20.82 -26.97
CA GLU C 369 -8.22 21.09 -25.66
C GLU C 369 -7.81 19.80 -24.93
N THR C 370 -7.93 18.67 -25.60
CA THR C 370 -7.45 17.41 -25.06
C THR C 370 -6.08 17.07 -25.64
N GLN C 371 -5.14 16.74 -24.78
CA GLN C 371 -3.76 16.46 -25.21
C GLN C 371 -3.12 15.30 -24.46
N ALA C 372 -2.43 14.44 -25.20
CA ALA C 372 -1.76 13.29 -24.59
C ALA C 372 -0.31 13.15 -25.05
N LEU C 373 0.61 13.20 -24.09
CA LEU C 373 2.00 12.85 -24.35
C LEU C 373 2.19 11.36 -24.07
N VAL C 374 2.64 10.61 -25.08
CA VAL C 374 2.75 9.16 -24.95
C VAL C 374 4.15 8.64 -25.28
N VAL C 375 4.69 7.83 -24.37
CA VAL C 375 6.08 7.40 -24.44
C VAL C 375 6.17 5.88 -24.61
N THR C 376 7.01 5.44 -25.54
CA THR C 376 7.23 4.02 -25.76
C THR C 376 8.58 3.58 -25.22
N THR C 377 8.57 2.49 -24.45
CA THR C 377 9.81 1.93 -23.95
C THR C 377 9.86 0.43 -24.25
N LEU C 378 10.97 -0.01 -24.81
CA LEU C 378 11.14 -1.41 -25.19
C LEU C 378 12.12 -2.07 -24.23
N GLY C 379 11.94 -3.37 -24.00
CA GLY C 379 12.77 -4.09 -23.07
C GLY C 379 12.98 -5.54 -23.42
N THR C 380 13.87 -6.18 -22.69
CA THR C 380 14.15 -7.60 -22.85
C THR C 380 12.98 -8.40 -22.24
N GLU C 381 13.03 -9.72 -22.38
CA GLU C 381 12.01 -10.60 -21.84
C GLU C 381 12.03 -10.49 -20.31
N ARG C 382 13.09 -9.87 -19.80
CA ARG C 382 13.26 -9.70 -18.37
C ARG C 382 12.27 -8.67 -17.84
N ASP C 383 11.76 -7.84 -18.74
CA ASP C 383 10.86 -6.76 -18.36
C ASP C 383 9.38 -7.15 -18.44
N ALA C 384 9.10 -8.35 -18.93
CA ALA C 384 7.71 -8.81 -19.08
C ALA C 384 6.90 -8.79 -17.78
N GLN C 385 5.62 -8.43 -17.91
CA GLN C 385 4.71 -8.43 -16.78
C GLN C 385 4.29 -9.82 -16.29
N SER C 386 4.31 -10.02 -14.98
CA SER C 386 3.75 -11.24 -14.41
C SER C 386 2.47 -10.88 -13.69
N ILE C 387 1.33 -11.28 -14.25
CA ILE C 387 0.05 -11.14 -13.57
C ILE C 387 -0.52 -12.50 -13.19
N ASP C 388 -0.84 -12.65 -11.91
CA ASP C 388 -1.46 -13.87 -11.42
C ASP C 388 -2.90 -13.61 -11.01
N ASP C 389 -3.81 -14.49 -11.43
CA ASP C 389 -5.23 -14.31 -11.20
C ASP C 389 -6.05 -15.49 -11.73
N LEU C 390 -7.36 -15.44 -11.52
CA LEU C 390 -8.25 -16.55 -11.83
C LEU C 390 -8.14 -17.03 -13.27
N ASP C 391 -7.55 -16.21 -14.13
CA ASP C 391 -7.33 -16.59 -15.52
C ASP C 391 -6.06 -17.43 -15.61
N GLY C 392 -5.44 -17.68 -14.47
CA GLY C 392 -4.23 -18.49 -14.41
C GLY C 392 -2.98 -17.64 -14.51
N ASP C 393 -1.85 -18.22 -14.10
CA ASP C 393 -0.57 -17.52 -14.16
C ASP C 393 -0.20 -17.20 -15.60
N ARG C 394 0.29 -16.00 -15.84
CA ARG C 394 0.48 -15.51 -17.19
C ARG C 394 1.62 -14.49 -17.30
N GLN C 395 2.10 -14.29 -18.52
CA GLN C 395 3.10 -13.27 -18.80
C GLN C 395 2.51 -12.28 -19.79
N GLU C 396 2.77 -11.00 -19.60
CA GLU C 396 2.35 -9.98 -20.56
C GLU C 396 3.54 -9.17 -21.06
N GLU C 397 3.74 -9.18 -22.37
CA GLU C 397 4.84 -8.43 -22.98
C GLU C 397 4.39 -7.08 -23.50
N PHE C 398 3.10 -6.79 -23.40
CA PHE C 398 2.59 -5.47 -23.76
C PHE C 398 2.03 -4.77 -22.53
N ILE C 399 2.73 -3.73 -22.09
CA ILE C 399 2.35 -3.01 -20.90
C ILE C 399 1.87 -1.61 -21.26
N PHE C 400 0.63 -1.32 -20.87
CA PHE C 400 -0.01 -0.07 -21.24
C PHE C 400 -0.48 0.66 -19.99
N HIS C 401 -0.05 1.90 -19.83
CA HIS C 401 -0.38 2.68 -18.65
C HIS C 401 -0.90 4.07 -19.00
N TYR C 402 -1.80 4.58 -18.16
CA TYR C 402 -2.54 5.81 -18.44
C TYR C 402 -2.60 6.66 -17.17
N ASN C 403 -1.98 7.84 -17.20
CA ASN C 403 -1.97 8.73 -16.03
C ASN C 403 -2.74 10.01 -16.28
N PHE C 404 -3.67 10.33 -15.38
CA PHE C 404 -4.56 11.46 -15.54
C PHE C 404 -4.37 12.43 -14.37
N PRO C 405 -3.34 13.30 -14.47
CA PRO C 405 -2.98 14.24 -13.41
C PRO C 405 -3.91 15.44 -13.37
N PRO C 406 -4.06 16.06 -12.18
CA PRO C 406 -5.05 17.12 -11.94
C PRO C 406 -4.86 18.37 -12.80
N PHE C 407 -3.64 18.64 -13.27
CA PHE C 407 -3.36 19.89 -13.97
C PHE C 407 -3.94 19.94 -15.38
N CYS C 408 -4.21 18.77 -15.96
CA CYS C 408 -4.79 18.71 -17.30
C CYS C 408 -6.19 19.33 -17.32
N VAL C 409 -6.89 19.23 -16.19
CA VAL C 409 -8.20 19.81 -16.03
C VAL C 409 -8.15 21.16 -15.32
N GLY C 410 -6.95 21.59 -14.92
CA GLY C 410 -6.77 22.88 -14.29
C GLY C 410 -7.09 22.88 -12.82
N GLU C 411 -6.87 21.74 -12.17
CA GLU C 411 -7.23 21.58 -10.76
C GLU C 411 -6.06 21.09 -9.92
N VAL C 412 -6.20 21.25 -8.61
CA VAL C 412 -5.28 20.64 -7.65
C VAL C 412 -5.90 19.32 -7.20
N GLY C 413 -5.07 18.31 -6.96
CA GLY C 413 -5.55 17.03 -6.51
C GLY C 413 -4.46 16.14 -5.96
N PHE C 414 -4.85 15.08 -5.25
CA PHE C 414 -3.91 14.13 -4.71
C PHE C 414 -3.42 13.14 -5.77
N MSE C 415 -2.22 12.60 -5.57
CA MSE C 415 -1.60 11.76 -6.59
C MSE C 415 -1.21 10.39 -6.05
O MSE C 415 -1.08 10.19 -4.85
CB MSE C 415 -0.37 12.48 -7.16
CG MSE C 415 -0.62 13.95 -7.45
SE MSE C 415 0.08 14.52 -9.18
CE MSE C 415 -0.95 13.34 -10.35
N GLY C 417 -1.55 5.53 -5.78
CA GLY C 417 -2.05 4.50 -6.67
C GLY C 417 -3.10 5.02 -7.63
N PRO C 418 -2.97 4.66 -8.92
CA PRO C 418 -3.88 5.11 -9.98
C PRO C 418 -5.34 4.86 -9.61
N LYS C 419 -6.20 5.85 -9.90
CA LYS C 419 -7.61 5.78 -9.54
C LYS C 419 -8.34 4.79 -10.44
N ARG C 420 -9.66 4.65 -10.22
CA ARG C 420 -10.46 3.79 -11.07
C ARG C 420 -10.49 4.27 -12.53
N ARG C 421 -10.93 5.51 -12.72
CA ARG C 421 -11.09 6.06 -14.07
C ARG C 421 -9.80 6.00 -14.87
N GLU C 422 -8.66 6.06 -14.19
CA GLU C 422 -7.36 5.97 -14.85
C GLU C 422 -7.13 4.58 -15.42
N ILE C 423 -7.50 3.56 -14.65
CA ILE C 423 -7.44 2.18 -15.13
C ILE C 423 -8.55 1.97 -16.15
N GLY C 424 -9.71 2.55 -15.86
CA GLY C 424 -10.86 2.43 -16.74
C GLY C 424 -10.58 2.98 -18.12
N HIS C 425 -10.16 4.24 -18.19
CA HIS C 425 -9.79 4.86 -19.45
C HIS C 425 -8.56 4.19 -20.03
N GLY C 426 -7.60 3.86 -19.17
CA GLY C 426 -6.38 3.22 -19.59
C GLY C 426 -6.64 1.89 -20.27
N ARG C 427 -7.54 1.09 -19.71
CA ARG C 427 -7.83 -0.23 -20.24
C ARG C 427 -8.53 -0.18 -21.60
N LEU C 428 -9.40 0.80 -21.79
CA LEU C 428 -10.07 0.97 -23.07
C LEU C 428 -9.05 1.32 -24.13
N ALA C 429 -8.18 2.28 -23.82
CA ALA C 429 -7.11 2.66 -24.73
C ALA C 429 -6.27 1.45 -25.11
N LYS C 430 -5.91 0.64 -24.11
CA LYS C 430 -5.06 -0.51 -24.37
C LYS C 430 -5.69 -1.44 -25.41
N ARG C 431 -6.89 -1.93 -25.14
CA ARG C 431 -7.52 -2.91 -26.02
C ARG C 431 -7.74 -2.38 -27.44
N ALA C 432 -7.86 -1.06 -27.56
CA ALA C 432 -7.97 -0.45 -28.88
C ALA C 432 -6.68 -0.61 -29.67
N VAL C 433 -5.55 -0.48 -28.98
CA VAL C 433 -4.23 -0.62 -29.60
C VAL C 433 -3.76 -2.07 -29.76
N VAL C 434 -4.10 -2.93 -28.81
CA VAL C 434 -3.59 -4.30 -28.79
C VAL C 434 -3.66 -5.03 -30.15
N PRO C 435 -4.83 -5.00 -30.81
CA PRO C 435 -4.96 -5.76 -32.06
C PRO C 435 -3.95 -5.39 -33.15
N VAL C 436 -3.47 -4.15 -33.17
CA VAL C 436 -2.44 -3.76 -34.14
C VAL C 436 -1.03 -3.94 -33.59
N VAL C 437 -0.93 -4.47 -32.38
CA VAL C 437 0.37 -4.70 -31.79
C VAL C 437 0.97 -6.01 -32.28
N PRO C 438 2.24 -5.97 -32.69
CA PRO C 438 2.98 -7.13 -33.18
C PRO C 438 2.99 -8.27 -32.18
N THR C 439 2.93 -9.49 -32.69
CA THR C 439 3.13 -10.68 -31.87
C THR C 439 4.59 -10.68 -31.42
N LEU C 440 4.89 -11.39 -30.34
CA LEU C 440 6.23 -11.35 -29.75
C LEU C 440 7.29 -12.01 -30.62
N ASP C 441 6.87 -12.90 -31.52
CA ASP C 441 7.81 -13.58 -32.40
C ASP C 441 8.19 -12.68 -33.57
N LYS C 442 7.28 -11.78 -33.94
CA LYS C 442 7.51 -10.84 -35.02
C LYS C 442 8.36 -9.67 -34.56
N PHE C 443 8.16 -9.27 -33.31
CA PHE C 443 8.86 -8.15 -32.71
C PHE C 443 9.23 -8.53 -31.28
N PRO C 444 10.34 -9.27 -31.11
CA PRO C 444 10.77 -9.84 -29.83
C PRO C 444 11.23 -8.80 -28.82
N TYR C 445 10.34 -7.86 -28.49
CA TYR C 445 10.60 -6.85 -27.49
C TYR C 445 9.43 -6.75 -26.53
N VAL C 446 9.73 -6.59 -25.25
CA VAL C 446 8.69 -6.17 -24.31
C VAL C 446 8.38 -4.70 -24.61
N ILE C 447 7.11 -4.35 -24.60
CA ILE C 447 6.72 -2.97 -24.87
C ILE C 447 6.00 -2.38 -23.66
N ARG C 448 6.39 -1.18 -23.29
CA ARG C 448 5.65 -0.42 -22.29
C ARG C 448 5.26 0.92 -22.85
N VAL C 449 3.95 1.14 -22.97
CA VAL C 449 3.42 2.42 -23.40
C VAL C 449 2.91 3.15 -22.19
N VAL C 450 3.33 4.40 -22.03
CA VAL C 450 2.75 5.25 -21.00
C VAL C 450 2.15 6.51 -21.59
N SER C 451 0.94 6.82 -21.16
CA SER C 451 0.19 7.93 -21.72
C SER C 451 -0.09 8.98 -20.65
N GLU C 452 0.49 10.17 -20.83
CA GLU C 452 0.24 11.29 -19.95
C GLU C 452 -0.82 12.22 -20.52
N ILE C 453 -1.89 12.46 -19.77
CA ILE C 453 -2.88 13.42 -20.23
C ILE C 453 -2.51 14.76 -19.62
N LEU C 454 -2.01 15.67 -20.45
CA LEU C 454 -1.61 16.99 -19.98
C LEU C 454 -2.74 18.00 -20.13
N GLU C 455 -3.72 17.63 -20.95
CA GLU C 455 -4.93 18.42 -21.12
C GLU C 455 -6.09 17.47 -21.35
N SER C 456 -7.18 17.64 -20.61
CA SER C 456 -8.38 16.87 -20.92
C SER C 456 -9.62 17.73 -20.99
N ASN C 457 -10.14 17.94 -22.20
CA ASN C 457 -11.53 18.34 -22.39
C ASN C 457 -12.06 17.59 -23.61
N GLY C 458 -12.99 16.67 -23.41
CA GLY C 458 -13.31 15.71 -24.45
C GLY C 458 -12.37 14.52 -24.35
N SER C 459 -12.83 13.35 -24.78
CA SER C 459 -12.20 12.09 -24.35
C SER C 459 -10.68 12.04 -24.55
N SER C 460 -9.99 11.77 -23.44
CA SER C 460 -8.55 11.65 -23.44
C SER C 460 -8.13 10.18 -23.54
N SER C 461 -9.09 9.29 -23.39
CA SER C 461 -8.81 7.86 -23.54
C SER C 461 -8.57 7.59 -25.01
N MSE C 462 -9.23 8.39 -25.85
CA MSE C 462 -9.07 8.31 -27.29
C MSE C 462 -7.80 9.02 -27.73
O MSE C 462 -7.14 8.58 -28.68
CB MSE C 462 -10.30 8.87 -27.99
CG MSE C 462 -11.57 8.06 -27.74
SE MSE C 462 -11.47 6.20 -28.36
CE MSE C 462 -10.47 5.40 -26.90
N ALA C 463 -7.46 10.12 -27.06
CA ALA C 463 -6.20 10.80 -27.34
C ALA C 463 -5.04 9.85 -27.05
N SER C 464 -5.21 9.00 -26.05
CA SER C 464 -4.20 8.00 -25.69
C SER C 464 -4.00 6.98 -26.80
N VAL C 465 -5.06 6.64 -27.51
CA VAL C 465 -4.97 5.71 -28.63
C VAL C 465 -4.23 6.34 -29.80
N CYS C 466 -4.66 7.54 -30.20
CA CYS C 466 -4.00 8.28 -31.26
C CYS C 466 -2.53 8.54 -30.91
N GLY C 467 -2.27 8.82 -29.64
CA GLY C 467 -0.92 9.07 -29.19
C GLY C 467 -0.07 7.81 -29.23
N SER C 468 -0.71 6.65 -29.08
CA SER C 468 0.01 5.38 -29.06
C SER C 468 0.55 4.96 -30.41
N SER C 469 -0.31 4.94 -31.42
CA SER C 469 0.11 4.58 -32.78
C SER C 469 1.40 5.31 -33.11
N LEU C 470 1.32 6.64 -33.14
CA LEU C 470 2.47 7.48 -33.42
C LEU C 470 3.68 7.09 -32.58
N ALA C 471 3.48 6.92 -31.27
CA ALA C 471 4.57 6.61 -30.36
C ALA C 471 5.20 5.23 -30.59
N LEU C 472 4.38 4.22 -30.82
CA LEU C 472 4.89 2.88 -31.13
C LEU C 472 5.59 2.90 -32.49
N MSE C 473 5.07 3.70 -33.41
CA MSE C 473 5.65 3.81 -34.73
C MSE C 473 6.90 4.69 -34.71
O MSE C 473 7.82 4.47 -35.50
CB MSE C 473 4.64 4.38 -35.71
CG MSE C 473 3.63 3.35 -36.21
SE MSE C 473 2.56 4.06 -37.67
CE MSE C 473 1.66 2.42 -38.20
N ASP C 474 6.95 5.67 -33.82
CA ASP C 474 8.14 6.48 -33.67
C ASP C 474 9.25 5.62 -33.10
N ALA C 475 8.86 4.63 -32.28
CA ALA C 475 9.81 3.77 -31.61
C ALA C 475 10.20 2.59 -32.49
N GLY C 476 9.67 2.57 -33.70
CA GLY C 476 9.97 1.50 -34.64
C GLY C 476 9.35 0.19 -34.20
N VAL C 477 8.13 0.25 -33.68
CA VAL C 477 7.38 -0.95 -33.35
C VAL C 477 6.44 -1.26 -34.51
N PRO C 478 6.69 -2.38 -35.20
CA PRO C 478 5.99 -2.66 -36.46
C PRO C 478 4.51 -2.94 -36.25
N THR C 479 3.73 -1.90 -35.94
CA THR C 479 2.29 -2.06 -35.77
C THR C 479 1.65 -2.36 -37.12
N LYS C 480 0.58 -3.14 -37.10
CA LYS C 480 -0.12 -3.50 -38.33
C LYS C 480 -0.56 -2.27 -39.09
N ALA C 481 -1.31 -1.40 -38.43
CA ALA C 481 -1.76 -0.16 -39.04
C ALA C 481 -1.85 0.98 -38.02
N PRO C 482 -1.75 2.23 -38.49
CA PRO C 482 -2.01 3.35 -37.58
C PRO C 482 -3.40 3.20 -36.99
N VAL C 483 -3.54 3.51 -35.71
CA VAL C 483 -4.82 3.37 -35.03
C VAL C 483 -5.26 4.71 -34.46
N ALA C 484 -6.55 5.00 -34.58
CA ALA C 484 -7.11 6.20 -33.98
C ALA C 484 -8.43 5.88 -33.31
N GLY C 485 -9.01 6.88 -32.65
CA GLY C 485 -10.29 6.74 -31.99
C GLY C 485 -10.94 8.07 -31.69
N ILE C 486 -12.26 8.06 -31.59
CA ILE C 486 -13.00 9.28 -31.36
C ILE C 486 -14.11 9.04 -30.34
N ALA C 487 -14.41 10.08 -29.56
CA ALA C 487 -15.51 10.01 -28.61
C ALA C 487 -16.72 10.76 -29.15
N MSE C 488 -17.89 10.13 -29.06
CA MSE C 488 -19.09 10.68 -29.64
C MSE C 488 -20.18 10.81 -28.58
O MSE C 488 -20.07 10.26 -27.49
CB MSE C 488 -19.58 9.79 -30.78
CG MSE C 488 -18.51 9.35 -31.76
SE MSE C 488 -17.90 10.78 -32.95
CE MSE C 488 -19.55 11.05 -33.96
N GLY C 489 -21.24 11.55 -28.92
CA GLY C 489 -22.39 11.64 -28.06
C GLY C 489 -23.66 11.82 -28.86
N LEU C 490 -24.79 11.46 -28.24
CA LEU C 490 -26.08 11.58 -28.90
C LEU C 490 -27.09 12.30 -28.03
N ILE C 491 -27.71 13.32 -28.59
CA ILE C 491 -28.86 13.96 -27.98
C ILE C 491 -30.12 13.49 -28.69
N LYS C 492 -30.98 12.79 -27.96
CA LYS C 492 -32.26 12.38 -28.53
C LYS C 492 -33.40 12.94 -27.70
N GLU C 493 -34.23 13.78 -28.33
CA GLU C 493 -35.45 14.25 -27.70
C GLU C 493 -36.63 13.75 -28.51
N ASN C 494 -37.40 12.84 -27.93
CA ASN C 494 -38.44 12.10 -28.64
C ASN C 494 -37.87 11.29 -29.80
N ASP C 495 -38.40 11.49 -31.00
CA ASP C 495 -37.88 10.82 -32.18
C ASP C 495 -36.85 11.68 -32.91
N LYS C 496 -36.57 12.85 -32.36
CA LYS C 496 -35.55 13.74 -32.92
C LYS C 496 -34.22 13.58 -32.20
N TYR C 497 -33.13 13.64 -32.96
CA TYR C 497 -31.82 13.47 -32.34
C TYR C 497 -30.68 14.09 -33.14
N ALA C 498 -29.49 14.08 -32.55
CA ALA C 498 -28.27 14.54 -33.20
C ALA C 498 -27.06 13.77 -32.67
N VAL C 499 -26.14 13.41 -33.56
CA VAL C 499 -24.93 12.69 -33.18
C VAL C 499 -23.74 13.64 -33.10
N LEU C 500 -23.21 13.82 -31.89
CA LEU C 500 -22.13 14.78 -31.65
C LEU C 500 -20.73 14.17 -31.79
N SER C 501 -19.91 14.81 -32.61
CA SER C 501 -18.54 14.35 -32.87
C SER C 501 -17.53 15.04 -31.95
N ASP C 502 -16.54 14.26 -31.49
CA ASP C 502 -15.50 14.79 -30.61
C ASP C 502 -16.11 15.61 -29.49
N ILE C 503 -16.86 14.96 -28.62
CA ILE C 503 -17.63 15.65 -27.58
C ILE C 503 -16.75 16.27 -26.51
N LEU C 504 -17.04 17.53 -26.19
CA LEU C 504 -16.37 18.22 -25.09
C LEU C 504 -16.77 17.55 -23.79
N GLY C 505 -15.98 17.77 -22.75
CA GLY C 505 -16.30 17.22 -21.43
C GLY C 505 -17.66 17.71 -20.97
N ASP C 506 -18.01 18.93 -21.36
CA ASP C 506 -19.23 19.55 -20.91
C ASP C 506 -20.41 19.17 -21.80
N GLU C 507 -20.15 18.34 -22.81
CA GLU C 507 -21.21 17.79 -23.63
C GLU C 507 -21.63 16.40 -23.16
N ASP C 508 -20.98 15.94 -22.08
CA ASP C 508 -21.26 14.61 -21.55
C ASP C 508 -22.61 14.53 -20.86
N HIS C 509 -22.97 15.56 -20.11
CA HIS C 509 -24.26 15.58 -19.42
C HIS C 509 -25.40 15.81 -20.39
N LEU C 510 -25.13 16.58 -21.44
CA LEU C 510 -26.13 16.83 -22.48
C LEU C 510 -26.61 15.52 -23.10
N GLY C 511 -25.66 14.68 -23.48
CA GLY C 511 -25.97 13.47 -24.22
C GLY C 511 -26.84 12.47 -23.49
N ASP C 512 -27.65 11.74 -24.26
CA ASP C 512 -28.36 10.59 -23.73
C ASP C 512 -27.56 9.31 -23.96
N MSE C 513 -26.51 9.41 -24.79
CA MSE C 513 -25.57 8.31 -25.04
C MSE C 513 -24.14 8.84 -25.27
O MSE C 513 -23.93 9.74 -26.06
CB MSE C 513 -26.05 7.49 -26.25
CG MSE C 513 -24.97 6.64 -26.90
SE MSE C 513 -25.71 5.31 -28.11
CE MSE C 513 -26.61 6.48 -29.39
N ASP C 514 -23.17 8.28 -24.54
CA ASP C 514 -21.78 8.78 -24.56
C ASP C 514 -20.71 8.04 -25.42
N PHE C 515 -21.11 7.10 -26.25
CA PHE C 515 -20.19 6.11 -26.84
C PHE C 515 -18.90 6.64 -27.48
N LYS C 516 -17.81 5.89 -27.31
CA LYS C 516 -16.54 6.18 -27.95
C LYS C 516 -16.16 5.05 -28.93
N VAL C 517 -15.45 5.38 -29.99
CA VAL C 517 -15.08 4.38 -31.01
C VAL C 517 -13.65 4.56 -31.50
N ALA C 518 -12.88 3.48 -31.50
CA ALA C 518 -11.52 3.50 -32.04
C ALA C 518 -11.30 2.38 -33.05
N GLY C 519 -10.38 2.62 -33.98
CA GLY C 519 -10.10 1.63 -35.01
C GLY C 519 -9.12 2.10 -36.06
N THR C 520 -8.92 1.28 -37.09
CA THR C 520 -7.98 1.58 -38.16
C THR C 520 -8.69 2.10 -39.40
N SER C 521 -7.91 2.31 -40.46
CA SER C 521 -8.45 2.72 -41.75
C SER C 521 -9.39 1.65 -42.29
N ASN C 522 -9.19 0.41 -41.85
CA ASN C 522 -10.02 -0.70 -42.32
C ASN C 522 -11.16 -0.99 -41.36
N GLY C 523 -10.85 -1.59 -40.22
CA GLY C 523 -11.87 -2.01 -39.28
C GLY C 523 -11.94 -1.23 -37.98
N VAL C 524 -12.68 -1.78 -37.03
CA VAL C 524 -12.85 -1.19 -35.72
C VAL C 524 -12.16 -2.04 -34.66
N THR C 525 -11.20 -1.44 -33.96
CA THR C 525 -10.44 -2.14 -32.93
C THR C 525 -11.17 -2.21 -31.59
N ALA C 526 -11.79 -1.11 -31.20
CA ALA C 526 -12.44 -1.02 -29.89
C ALA C 526 -13.73 -0.22 -29.95
N LEU C 527 -14.72 -0.67 -29.16
CA LEU C 527 -16.01 0.00 -29.09
C LEU C 527 -16.52 0.07 -27.66
N GLN C 528 -16.94 1.26 -27.25
CA GLN C 528 -17.51 1.47 -25.93
C GLN C 528 -18.79 2.26 -26.05
N MSE C 529 -19.80 1.87 -25.26
CA MSE C 529 -21.07 2.56 -25.26
C MSE C 529 -21.67 2.59 -23.86
O MSE C 529 -21.57 1.62 -23.10
CB MSE C 529 -22.06 1.85 -26.21
CG MSE C 529 -21.73 1.93 -27.68
SE MSE C 529 -23.17 1.13 -28.73
CE MSE C 529 -22.57 1.62 -30.51
N ASP C 530 -22.30 3.70 -23.53
CA ASP C 530 -23.12 3.80 -22.32
C ASP C 530 -24.39 4.56 -22.65
N ILE C 531 -25.53 4.00 -22.25
CA ILE C 531 -26.82 4.53 -22.70
C ILE C 531 -27.79 4.85 -21.57
N LYS C 532 -28.32 6.06 -21.61
CA LYS C 532 -29.23 6.57 -20.58
C LYS C 532 -30.69 6.30 -20.91
N ILE C 533 -31.17 6.86 -22.02
CA ILE C 533 -32.57 6.74 -22.39
C ILE C 533 -32.85 5.44 -23.11
N GLU C 534 -34.12 5.21 -23.42
CA GLU C 534 -34.54 4.06 -24.22
C GLU C 534 -34.94 4.53 -25.61
N GLY C 535 -35.35 3.59 -26.45
CA GLY C 535 -35.84 3.92 -27.78
C GLY C 535 -34.73 4.25 -28.77
N ILE C 536 -33.48 4.14 -28.33
CA ILE C 536 -32.36 4.27 -29.25
C ILE C 536 -32.45 3.10 -30.22
N THR C 537 -32.49 3.40 -31.52
CA THR C 537 -32.80 2.39 -32.51
C THR C 537 -31.60 2.02 -33.37
N LYS C 538 -31.56 0.77 -33.81
CA LYS C 538 -30.50 0.29 -34.69
C LYS C 538 -30.33 1.27 -35.85
N GLU C 539 -31.45 1.77 -36.35
CA GLU C 539 -31.45 2.66 -37.49
C GLU C 539 -30.47 3.82 -37.30
N ILE C 540 -30.31 4.28 -36.07
CA ILE C 540 -29.40 5.39 -35.80
C ILE C 540 -27.97 4.96 -35.46
N MSE C 541 -27.77 4.34 -34.31
CA MSE C 541 -26.41 4.09 -33.83
C MSE C 541 -25.56 3.49 -34.94
O MSE C 541 -24.33 3.63 -34.94
CB MSE C 541 -26.39 3.24 -32.56
CG MSE C 541 -27.34 2.06 -32.54
SE MSE C 541 -27.14 1.10 -30.85
CE MSE C 541 -28.66 -0.12 -31.02
N GLU C 542 -26.21 2.82 -35.88
CA GLU C 542 -25.61 2.53 -37.16
C GLU C 542 -24.98 3.83 -37.68
N GLN C 543 -25.84 4.82 -37.94
CA GLN C 543 -25.41 6.15 -38.37
C GLN C 543 -24.32 6.72 -37.48
N ALA C 544 -24.55 6.68 -36.17
CA ALA C 544 -23.58 7.18 -35.22
C ALA C 544 -22.22 6.56 -35.51
N LEU C 545 -22.20 5.23 -35.57
CA LEU C 545 -20.95 4.50 -35.79
C LEU C 545 -20.24 4.95 -37.06
N ASP C 546 -21.00 5.51 -37.99
CA ASP C 546 -20.43 6.07 -39.21
C ASP C 546 -19.76 7.39 -38.93
N GLN C 547 -20.55 8.36 -38.46
CA GLN C 547 -20.01 9.68 -38.16
C GLN C 547 -18.76 9.51 -37.31
N ALA C 548 -18.76 8.46 -36.49
CA ALA C 548 -17.56 8.06 -35.76
C ALA C 548 -16.45 7.69 -36.74
N LYS C 549 -16.77 6.81 -37.69
CA LYS C 549 -15.81 6.37 -38.70
C LYS C 549 -15.21 7.55 -39.46
N GLU C 550 -16.06 8.48 -39.89
CA GLU C 550 -15.59 9.70 -40.53
C GLU C 550 -14.47 10.31 -39.72
N GLY C 551 -14.81 10.81 -38.53
CA GLY C 551 -13.85 11.44 -37.65
C GLY C 551 -12.61 10.58 -37.48
N ARG C 552 -12.81 9.30 -37.19
CA ARG C 552 -11.71 8.36 -37.11
C ARG C 552 -10.80 8.53 -38.32
N LEU C 553 -11.36 8.27 -39.50
CA LEU C 553 -10.64 8.48 -40.75
C LEU C 553 -10.01 9.87 -40.80
N HIS C 554 -10.79 10.89 -40.45
CA HIS C 554 -10.27 12.26 -40.48
C HIS C 554 -9.02 12.38 -39.63
N ILE C 555 -9.15 12.02 -38.35
CA ILE C 555 -8.03 12.05 -37.42
C ILE C 555 -6.84 11.29 -37.99
N LEU C 556 -7.10 10.08 -38.47
CA LEU C 556 -6.07 9.23 -39.05
C LEU C 556 -5.28 9.94 -40.15
N SER C 557 -6.00 10.57 -41.07
CA SER C 557 -5.35 11.23 -42.21
C SER C 557 -4.34 12.27 -41.76
N ILE C 558 -4.68 13.01 -40.70
CA ILE C 558 -3.82 14.09 -40.21
C ILE C 558 -2.60 13.52 -39.48
N MSE C 559 -2.78 12.39 -38.81
CA MSE C 559 -1.69 11.70 -38.15
C MSE C 559 -0.66 11.21 -39.16
O MSE C 559 0.54 11.49 -39.04
CB MSE C 559 -2.21 10.50 -37.37
CG MSE C 559 -2.92 10.83 -36.06
SE MSE C 559 -4.05 9.35 -35.45
CE MSE C 559 -2.74 7.92 -35.43
N ASN C 560 -1.14 10.47 -40.16
CA ASN C 560 -0.28 9.77 -41.12
C ASN C 560 0.73 10.66 -41.83
N LYS C 561 0.43 11.96 -41.93
CA LYS C 561 1.32 12.88 -42.63
C LYS C 561 2.48 13.36 -41.75
N VAL C 562 2.42 12.98 -40.48
CA VAL C 562 3.53 13.19 -39.58
C VAL C 562 4.33 11.89 -39.55
N LEU C 563 3.69 10.83 -39.06
CA LEU C 563 4.29 9.50 -39.12
C LEU C 563 3.33 8.53 -39.77
N ASP C 564 3.74 8.00 -40.92
CA ASP C 564 2.90 7.20 -41.79
C ASP C 564 2.99 5.70 -41.44
N LYS C 565 4.20 5.17 -41.53
CA LYS C 565 4.47 3.77 -41.29
C LYS C 565 5.45 3.69 -40.12
N PRO C 566 5.57 2.50 -39.50
CA PRO C 566 6.54 2.36 -38.40
C PRO C 566 7.95 2.69 -38.90
N ARG C 567 8.79 3.23 -38.03
CA ARG C 567 10.16 3.50 -38.40
C ARG C 567 10.88 2.19 -38.71
N SER C 568 11.58 2.15 -39.83
CA SER C 568 12.22 0.91 -40.27
C SER C 568 13.16 0.35 -39.21
N GLN C 569 13.55 1.20 -38.26
CA GLN C 569 14.45 0.79 -37.20
C GLN C 569 13.94 1.07 -35.80
N VAL C 570 14.46 0.30 -34.84
CA VAL C 570 14.25 0.55 -33.43
C VAL C 570 15.33 1.52 -32.95
N SER C 571 14.98 2.41 -32.03
CA SER C 571 15.89 3.47 -31.60
C SER C 571 17.21 2.92 -31.06
N ASP C 572 18.27 3.70 -31.24
CA ASP C 572 19.59 3.32 -30.76
C ASP C 572 19.62 3.04 -29.26
N LEU C 573 18.91 3.86 -28.50
CA LEU C 573 18.88 3.73 -27.04
C LEU C 573 18.22 2.43 -26.60
N ALA C 574 17.38 1.89 -27.47
CA ALA C 574 16.66 0.65 -27.17
C ALA C 574 17.61 -0.53 -26.98
N PRO C 575 17.13 -1.59 -26.32
CA PRO C 575 17.91 -2.83 -26.18
C PRO C 575 18.35 -3.34 -27.55
N GLN C 576 19.56 -3.90 -27.62
CA GLN C 576 20.10 -4.39 -28.88
C GLN C 576 20.31 -5.89 -28.81
N TYR C 577 20.36 -6.54 -29.97
CA TYR C 577 20.69 -7.95 -30.02
C TYR C 577 22.11 -8.17 -30.50
N VAL C 578 22.97 -8.57 -29.58
CA VAL C 578 24.33 -8.96 -29.93
C VAL C 578 24.31 -10.43 -30.35
N THR C 579 24.86 -10.69 -31.52
CA THR C 579 24.88 -12.06 -32.03
C THR C 579 26.30 -12.60 -32.08
N MSE C 580 26.46 -13.85 -31.65
CA MSE C 580 27.76 -14.51 -31.65
C MSE C 580 27.57 -15.96 -32.06
O MSE C 580 26.44 -16.46 -32.06
CB MSE C 580 28.39 -14.44 -30.27
CG MSE C 580 27.82 -15.44 -29.28
SE MSE C 580 28.61 -15.27 -27.50
CE MSE C 580 30.49 -15.27 -28.01
N LYS C 581 28.66 -16.63 -32.41
CA LYS C 581 28.60 -18.03 -32.83
C LYS C 581 29.61 -18.87 -32.06
N ILE C 582 29.13 -19.91 -31.39
CA ILE C 582 30.03 -20.79 -30.65
C ILE C 582 30.07 -22.18 -31.29
N ASN C 583 30.92 -23.04 -30.73
CA ASN C 583 31.04 -24.41 -31.20
C ASN C 583 29.82 -25.21 -30.76
N PRO C 584 29.14 -25.88 -31.71
CA PRO C 584 27.96 -26.68 -31.40
C PRO C 584 28.19 -27.62 -30.22
N GLU C 585 29.35 -28.27 -30.20
CA GLU C 585 29.67 -29.22 -29.13
C GLU C 585 29.53 -28.60 -27.75
N LYS C 586 29.68 -27.28 -27.67
CA LYS C 586 29.71 -26.57 -26.40
C LYS C 586 28.35 -25.98 -26.01
N ILE C 587 27.35 -26.16 -26.86
CA ILE C 587 26.01 -25.62 -26.56
C ILE C 587 25.57 -26.02 -25.15
N ARG C 588 25.99 -27.20 -24.70
CA ARG C 588 25.62 -27.63 -23.36
C ARG C 588 26.54 -27.09 -22.26
N ASP C 589 27.68 -26.53 -22.65
CA ASP C 589 28.56 -25.87 -21.68
C ASP C 589 28.01 -24.50 -21.31
N VAL C 590 27.10 -23.99 -22.14
CA VAL C 590 26.42 -22.72 -21.87
C VAL C 590 25.13 -22.98 -21.10
N ILE C 591 24.23 -23.74 -21.73
CA ILE C 591 22.96 -24.12 -21.10
C ILE C 591 23.15 -24.85 -19.77
N GLY C 592 24.21 -25.63 -19.67
CA GLY C 592 24.53 -26.29 -18.41
C GLY C 592 23.71 -27.53 -18.12
N LYS C 593 23.51 -27.80 -16.82
CA LYS C 593 22.87 -29.02 -16.36
C LYS C 593 21.48 -28.74 -15.80
N GLY C 594 20.45 -29.22 -16.51
CA GLY C 594 19.08 -28.92 -16.12
C GLY C 594 18.72 -27.50 -16.48
N GLY C 595 19.70 -26.74 -16.96
CA GLY C 595 19.48 -25.37 -17.39
C GLY C 595 19.96 -24.29 -16.42
N VAL C 596 20.75 -24.69 -15.43
CA VAL C 596 21.17 -23.77 -14.37
C VAL C 596 22.24 -22.78 -14.81
N VAL C 597 23.16 -23.24 -15.66
CA VAL C 597 24.27 -22.38 -16.09
C VAL C 597 23.77 -21.22 -16.95
N ILE C 598 22.83 -21.51 -17.84
CA ILE C 598 22.30 -20.47 -18.72
C ILE C 598 21.35 -19.52 -17.99
N ARG C 599 20.80 -19.98 -16.86
CA ARG C 599 19.95 -19.10 -16.06
C ARG C 599 20.78 -18.08 -15.26
N GLU C 600 21.94 -18.51 -14.78
CA GLU C 600 22.87 -17.63 -14.06
C GLU C 600 23.37 -16.47 -14.92
N ILE C 601 23.69 -16.76 -16.19
CA ILE C 601 24.18 -15.73 -17.11
C ILE C 601 23.12 -14.67 -17.38
N THR C 602 21.87 -15.12 -17.58
CA THR C 602 20.78 -14.20 -17.84
C THR C 602 20.42 -13.41 -16.57
N GLU C 603 20.58 -14.04 -15.41
CA GLU C 603 20.31 -13.37 -14.15
C GLU C 603 21.52 -12.60 -13.60
N ALA C 604 22.70 -12.85 -14.17
CA ALA C 604 23.87 -12.04 -13.85
C ALA C 604 23.92 -10.72 -14.64
N THR C 605 23.75 -10.82 -15.96
CA THR C 605 23.87 -9.67 -16.84
C THR C 605 22.53 -9.04 -17.23
N ASN C 606 21.42 -9.64 -16.82
CA ASN C 606 20.09 -9.17 -17.19
C ASN C 606 19.84 -9.24 -18.70
N CYS C 607 20.36 -10.30 -19.33
CA CYS C 607 20.17 -10.50 -20.76
C CYS C 607 19.30 -11.72 -21.05
N ALA C 608 18.35 -11.57 -21.97
CA ALA C 608 17.62 -12.73 -22.47
C ALA C 608 18.47 -13.40 -23.53
N ILE C 609 18.82 -14.65 -23.30
CA ILE C 609 19.71 -15.35 -24.21
C ILE C 609 19.06 -16.62 -24.75
N ASP C 610 19.27 -16.87 -26.03
CA ASP C 610 18.79 -18.08 -26.68
C ASP C 610 19.87 -18.61 -27.61
N ILE C 611 19.95 -19.93 -27.77
CA ILE C 611 20.90 -20.53 -28.68
C ILE C 611 20.21 -21.30 -29.80
N SER C 612 20.66 -21.08 -31.04
CA SER C 612 20.21 -21.88 -32.18
C SER C 612 20.51 -23.35 -31.90
N ASP C 613 19.69 -24.25 -32.43
CA ASP C 613 19.76 -25.65 -32.06
C ASP C 613 21.22 -26.08 -32.04
N ASP C 614 21.95 -25.75 -33.10
CA ASP C 614 23.39 -25.61 -33.04
C ASP C 614 23.76 -24.43 -33.91
N GLY C 615 24.47 -23.46 -33.36
CA GLY C 615 24.62 -22.24 -34.09
C GLY C 615 24.85 -21.01 -33.25
N THR C 616 24.38 -19.90 -33.79
CA THR C 616 24.62 -18.59 -33.24
C THR C 616 23.88 -18.38 -31.92
N ILE C 617 24.12 -17.23 -31.31
CA ILE C 617 23.48 -16.87 -30.04
C ILE C 617 23.03 -15.42 -30.11
N LYS C 618 21.71 -15.20 -29.98
CA LYS C 618 21.18 -13.84 -29.96
C LYS C 618 21.10 -13.38 -28.50
N ILE C 619 21.79 -12.30 -28.19
CA ILE C 619 21.76 -11.74 -26.85
C ILE C 619 20.93 -10.46 -26.82
N ALA C 620 19.90 -10.43 -25.99
CA ALA C 620 19.07 -9.26 -25.84
C ALA C 620 19.58 -8.43 -24.66
N ALA C 621 20.14 -7.27 -24.97
CA ALA C 621 20.79 -6.46 -23.95
C ALA C 621 20.20 -5.05 -23.87
N HIS C 622 20.16 -4.50 -22.66
CA HIS C 622 19.69 -3.14 -22.46
C HIS C 622 20.76 -2.16 -22.95
N THR C 623 21.92 -2.18 -22.30
CA THR C 623 23.06 -1.37 -22.73
C THR C 623 24.02 -2.20 -23.58
N THR C 624 25.11 -1.57 -24.03
CA THR C 624 26.15 -2.29 -24.76
C THR C 624 27.09 -3.01 -23.81
N GLU C 625 27.35 -2.40 -22.66
CA GLU C 625 28.11 -3.04 -21.59
C GLU C 625 27.46 -4.35 -21.17
N GLU C 626 26.24 -4.24 -20.67
CA GLU C 626 25.46 -5.39 -20.22
C GLU C 626 25.51 -6.51 -21.25
N GLY C 627 25.41 -6.15 -22.53
CA GLY C 627 25.39 -7.12 -23.61
C GLY C 627 26.74 -7.75 -23.88
N GLU C 628 27.81 -6.99 -23.65
CA GLU C 628 29.15 -7.52 -23.78
C GLU C 628 29.62 -8.09 -22.45
N ALA C 629 28.75 -7.99 -21.45
CA ALA C 629 28.93 -8.71 -20.19
C ALA C 629 28.45 -10.15 -20.36
N ALA C 630 27.45 -10.32 -21.22
CA ALA C 630 26.93 -11.64 -21.54
C ALA C 630 27.93 -12.42 -22.37
N LYS C 631 28.72 -11.70 -23.17
CA LYS C 631 29.73 -12.33 -24.02
C LYS C 631 30.94 -12.82 -23.23
N ARG C 632 31.45 -11.97 -22.34
CA ARG C 632 32.62 -12.33 -21.54
C ARG C 632 32.37 -13.57 -20.70
N ARG C 633 31.11 -13.79 -20.32
CA ARG C 633 30.73 -14.99 -19.58
C ARG C 633 30.64 -16.21 -20.50
N ILE C 634 29.94 -16.06 -21.62
CA ILE C 634 29.72 -17.17 -22.54
C ILE C 634 31.03 -17.63 -23.18
N GLU C 635 32.04 -16.77 -23.16
CA GLU C 635 33.35 -17.12 -23.72
C GLU C 635 34.19 -17.97 -22.78
N GLU C 636 34.17 -17.66 -21.48
CA GLU C 636 34.94 -18.42 -20.51
C GLU C 636 34.44 -19.87 -20.46
N LEU C 637 33.13 -20.04 -20.58
CA LEU C 637 32.52 -21.37 -20.62
C LEU C 637 32.92 -22.09 -21.91
N THR C 638 33.53 -21.34 -22.83
CA THR C 638 33.93 -21.87 -24.12
C THR C 638 35.43 -22.17 -24.15
S SO4 D . 12.38 20.50 14.85
O1 SO4 D . 11.47 19.62 14.12
O2 SO4 D . 13.75 20.07 14.63
O3 SO4 D . 12.21 21.88 14.37
O4 SO4 D . 12.03 20.42 16.26
S SO4 E . 36.41 -0.05 24.00
O1 SO4 E . 35.72 -0.38 25.25
O2 SO4 E . 36.06 -1.04 22.98
O3 SO4 E . 36.00 1.28 23.55
O4 SO4 E . 37.85 -0.06 24.21
S SO4 F . 26.95 44.20 5.16
O1 SO4 F . 27.45 42.98 4.50
O2 SO4 F . 27.62 44.35 6.45
O3 SO4 F . 27.28 45.35 4.31
O4 SO4 F . 25.52 44.10 5.35
S SO4 G . 17.13 16.06 -29.84
O1 SO4 G . 17.00 15.06 -30.90
O2 SO4 G . 18.05 15.56 -28.82
O3 SO4 G . 17.64 17.30 -30.41
O4 SO4 G . 15.81 16.30 -29.25
S SO4 H . 6.03 40.01 0.70
O1 SO4 H . 5.74 38.58 0.52
O2 SO4 H . 6.94 40.17 1.82
O3 SO4 H . 6.65 40.54 -0.52
O4 SO4 H . 4.79 40.73 0.96
S SO4 I . 0.26 33.95 22.10
O1 SO4 I . -0.41 33.16 21.07
O2 SO4 I . 1.01 33.06 22.99
O3 SO4 I . 1.18 34.88 21.47
O4 SO4 I . -0.74 34.69 22.87
S SO4 J . 24.43 9.87 -21.00
O1 SO4 J . 24.02 8.52 -21.40
O2 SO4 J . 25.53 9.76 -20.05
O3 SO4 J . 24.87 10.62 -22.17
O4 SO4 J . 23.30 10.54 -20.36
S SO4 K . 18.77 -14.97 23.71
O1 SO4 K . 18.47 -15.83 22.56
O2 SO4 K . 20.04 -15.40 24.31
O3 SO4 K . 18.88 -13.59 23.28
O4 SO4 K . 17.71 -15.08 24.70
S SO4 L . -15.46 -39.72 1.59
O1 SO4 L . -15.71 -40.99 0.93
O2 SO4 L . -14.28 -39.84 2.45
O3 SO4 L . -15.24 -38.69 0.59
O4 SO4 L . -16.61 -39.35 2.41
S SO4 M . -18.49 -11.52 17.34
O1 SO4 M . -18.74 -12.27 16.12
O2 SO4 M . -17.30 -12.07 18.01
O3 SO4 M . -18.28 -10.12 16.99
O4 SO4 M . -19.64 -11.62 18.22
S SO4 N . 23.08 -3.82 30.33
O1 SO4 N . 22.73 -5.18 29.94
O2 SO4 N . 24.49 -3.75 30.70
O3 SO4 N . 22.82 -2.91 29.21
O4 SO4 N . 22.27 -3.41 31.48
S SO4 O . -12.31 13.05 -20.48
O1 SO4 O . -12.17 11.78 -21.20
O2 SO4 O . -11.26 13.15 -19.47
O3 SO4 O . -12.20 14.18 -21.39
O4 SO4 O . -13.62 13.08 -19.83
S SO4 P . 12.81 6.10 -40.53
O1 SO4 P . 12.13 5.37 -41.61
O2 SO4 P . 13.74 5.21 -39.85
O3 SO4 P . 13.53 7.23 -41.10
O4 SO4 P . 11.82 6.60 -39.58
#